data_8VH3
#
_entry.id   8VH3
#
_cell.length_a   1.00
_cell.length_b   1.00
_cell.length_c   1.00
_cell.angle_alpha   90.00
_cell.angle_beta   90.00
_cell.angle_gamma   90.00
#
_symmetry.space_group_name_H-M   'P 1'
#
loop_
_entity.id
_entity.type
_entity.pdbx_description
1 polymer 'CH505.CE2 SOSIP gp120'
2 polymer 'CH505.CE2 SOSIP gp41'
#
loop_
_entity_poly.entity_id
_entity_poly.type
_entity_poly.pdbx_seq_one_letter_code
_entity_poly.pdbx_strand_id
1 'polypeptide(L)'
;ENLWVTVYYGVPVWKEAKTTLFCASDAKAYEKEVHNVWATHACVPTDPNPQEMVLKNVTENFNMWKNDMVDQMHEDVISL
WDQSLKPCVKLTPLCVTLNCTNATASNSSIIEGMKNCSFNITTELRDKREKKNALFYKLDIVQLDGNSSQYRLINCNTSV
ITQACPKVSFDPIPIHYCAPAGYAILKCNNKTFTGTGPCNNVSTVQCTHGIKPVVSTQLLLNGSLAEGEIIIRSENITKN
VKTIIVHLNESVKIECTRPNNKTRTSIRIGPGQAFYATGQVIGDIREAYCNINESKWNETLQRVSKKLKEYFPHKNITFQ
PSSGGDLEITTHSFNCGGEFFYCNTSSLFNRTYMANSTETNSTRTITIHCRIKQIINMWQEVGRAMYAPPIAGNITCISN
ITGLLLTRCYGKNNTECFRPGGGNMKDNWRSELYKYKVVKIEPLGVAPTRCKRRVV
;
A,E,I
2 'polypeptide(L)'
;VFLGFLGAAGSTMGAASMTLTVQARNLLSGIVQQQSNLLKAIEAQQHMLKLTVWGIKQLQARVLAVERYLRDQQLLGIWG
CSGKLICCTNVPWNSSWSNRNLSEIWDNMTWLQWDKEISNYTQIIYGLLEESQNQQEKNEQDLLALD
;
Z,F,J
#
# COMPACT_ATOMS: atom_id res chain seq x y z
N GLU A 1 -35.70 -43.88 7.85
CA GLU A 1 -34.83 -44.97 7.34
C GLU A 1 -34.32 -44.65 5.94
N ASN A 2 -33.14 -45.17 5.60
CA ASN A 2 -32.56 -45.01 4.27
C ASN A 2 -32.42 -43.54 3.89
N LEU A 3 -32.03 -42.71 4.85
CA LEU A 3 -31.74 -41.30 4.61
C LEU A 3 -30.27 -41.04 4.88
N TRP A 4 -29.61 -40.35 3.95
CA TRP A 4 -28.19 -40.09 4.05
C TRP A 4 -27.91 -38.63 3.76
N VAL A 5 -26.75 -38.17 4.22
CA VAL A 5 -26.34 -36.79 4.02
C VAL A 5 -26.09 -36.54 2.55
N THR A 6 -26.42 -35.33 2.09
CA THR A 6 -26.04 -34.85 0.77
C THR A 6 -25.72 -33.37 0.85
N VAL A 7 -24.61 -32.98 0.23
CA VAL A 7 -24.07 -31.62 0.33
C VAL A 7 -24.39 -30.87 -0.95
N TYR A 8 -25.01 -29.70 -0.80
CA TYR A 8 -25.35 -28.83 -1.90
C TYR A 8 -24.38 -27.66 -1.93
N TYR A 9 -24.13 -27.14 -3.13
CA TYR A 9 -23.33 -25.93 -3.32
C TYR A 9 -24.14 -24.96 -4.17
N GLY A 10 -23.91 -23.67 -3.94
CA GLY A 10 -24.76 -22.66 -4.54
C GLY A 10 -26.08 -22.49 -3.84
N VAL A 11 -26.20 -22.94 -2.60
CA VAL A 11 -27.44 -22.76 -1.84
C VAL A 11 -27.70 -21.27 -1.66
N PRO A 12 -28.92 -20.78 -1.90
CA PRO A 12 -29.18 -19.35 -1.68
C PRO A 12 -29.53 -19.01 -0.23
N VAL A 13 -28.54 -18.89 0.63
CA VAL A 13 -28.76 -18.50 2.03
C VAL A 13 -27.70 -17.46 2.39
N TRP A 14 -27.98 -16.69 3.44
CA TRP A 14 -27.14 -15.55 3.77
C TRP A 14 -27.18 -15.29 5.28
N LYS A 15 -26.20 -14.51 5.75
CA LYS A 15 -26.14 -14.04 7.13
C LYS A 15 -25.52 -12.65 7.16
N GLU A 16 -26.01 -11.81 8.06
CA GLU A 16 -25.53 -10.44 8.14
C GLU A 16 -24.07 -10.40 8.59
N ALA A 17 -23.32 -9.45 8.04
CA ALA A 17 -21.93 -9.27 8.41
C ALA A 17 -21.38 -8.00 7.77
N LYS A 18 -20.43 -7.37 8.45
CA LYS A 18 -19.79 -6.17 7.92
C LYS A 18 -18.73 -6.55 6.90
N THR A 19 -18.50 -5.65 5.94
CA THR A 19 -17.51 -5.88 4.90
C THR A 19 -17.04 -4.55 4.33
N THR A 20 -16.01 -4.60 3.50
CA THR A 20 -15.47 -3.42 2.84
C THR A 20 -16.17 -3.25 1.49
N LEU A 21 -16.84 -2.11 1.31
CA LEU A 21 -17.65 -1.88 0.12
C LEU A 21 -16.88 -1.05 -0.91
N PHE A 22 -16.98 -1.46 -2.17
CA PHE A 22 -16.39 -0.69 -3.25
C PHE A 22 -16.90 0.74 -3.21
N CYS A 23 -16.15 1.65 -3.83
CA CYS A 23 -16.65 2.98 -4.18
C CYS A 23 -16.61 3.10 -5.70
N ALA A 24 -17.70 3.58 -6.28
CA ALA A 24 -17.83 3.70 -7.71
C ALA A 24 -18.30 5.12 -8.05
N SER A 25 -18.30 5.43 -9.34
CA SER A 25 -18.74 6.72 -9.83
C SER A 25 -19.35 6.56 -11.21
N ASP A 26 -20.24 7.49 -11.56
CA ASP A 26 -20.90 7.45 -12.86
C ASP A 26 -19.86 7.56 -13.97
N ALA A 27 -20.09 6.83 -15.07
CA ALA A 27 -19.26 7.01 -16.24
C ALA A 27 -19.26 8.45 -16.73
N LYS A 28 -20.33 9.20 -16.44
CA LYS A 28 -20.34 10.64 -16.57
C LYS A 28 -19.67 11.23 -15.34
N ALA A 29 -18.42 10.86 -15.10
CA ALA A 29 -17.76 11.20 -13.84
C ALA A 29 -17.49 12.71 -13.75
N TYR A 30 -16.69 13.23 -14.68
CA TYR A 30 -16.31 14.63 -14.65
C TYR A 30 -16.01 15.07 -16.08
N GLU A 31 -16.39 16.31 -16.40
CA GLU A 31 -16.33 16.80 -17.77
C GLU A 31 -15.54 18.09 -17.95
N LYS A 32 -15.06 18.71 -16.88
CA LYS A 32 -14.22 19.90 -17.00
C LYS A 32 -12.76 19.46 -17.15
N GLU A 33 -12.53 18.68 -18.21
CA GLU A 33 -11.23 18.07 -18.50
C GLU A 33 -10.80 17.08 -17.44
N VAL A 34 -11.74 16.58 -16.63
CA VAL A 34 -11.46 15.52 -15.67
C VAL A 34 -10.34 15.96 -14.75
N HIS A 35 -10.44 17.16 -14.18
CA HIS A 35 -9.40 17.69 -13.31
C HIS A 35 -9.56 17.16 -11.88
N ASN A 36 -9.68 15.84 -11.75
CA ASN A 36 -9.50 15.16 -10.47
C ASN A 36 -10.38 15.74 -9.36
N VAL A 37 -11.70 15.61 -9.52
CA VAL A 37 -12.58 15.70 -8.37
C VAL A 37 -12.52 14.37 -7.63
N TRP A 38 -12.67 14.43 -6.31
CA TRP A 38 -12.32 13.28 -5.48
C TRP A 38 -13.04 12.01 -5.93
N ALA A 39 -14.30 12.13 -6.35
CA ALA A 39 -15.04 10.95 -6.78
C ALA A 39 -14.40 10.30 -7.99
N THR A 40 -13.99 11.10 -8.97
CA THR A 40 -13.39 10.56 -10.19
C THR A 40 -11.95 10.10 -9.95
N HIS A 41 -11.25 10.74 -9.03
CA HIS A 41 -9.84 10.42 -8.80
C HIS A 41 -9.68 9.13 -8.02
N ALA A 42 -10.59 8.87 -7.08
CA ALA A 42 -10.48 7.72 -6.19
C ALA A 42 -11.45 6.59 -6.53
N CYS A 43 -12.75 6.89 -6.60
CA CYS A 43 -13.76 5.89 -6.93
C CYS A 43 -13.80 5.67 -8.45
N VAL A 44 -12.75 5.00 -8.93
CA VAL A 44 -12.50 4.83 -10.37
C VAL A 44 -13.58 3.99 -11.04
N PRO A 45 -13.99 2.84 -10.49
CA PRO A 45 -14.85 1.93 -11.27
C PRO A 45 -16.13 2.63 -11.74
N THR A 46 -16.58 2.26 -12.93
CA THR A 46 -17.54 3.05 -13.69
C THR A 46 -18.89 2.37 -13.76
N ASP A 47 -19.93 3.07 -13.31
CA ASP A 47 -21.33 2.79 -13.57
C ASP A 47 -21.65 1.28 -13.54
N PRO A 48 -21.59 0.64 -12.39
CA PRO A 48 -22.16 -0.70 -12.27
C PRO A 48 -23.68 -0.65 -12.22
N ASN A 49 -24.33 -1.13 -13.28
CA ASN A 49 -25.77 -0.96 -13.39
C ASN A 49 -26.49 -1.69 -12.27
N PRO A 50 -27.46 -1.06 -11.59
CA PRO A 50 -28.21 -1.76 -10.53
C PRO A 50 -29.24 -2.73 -11.09
N GLN A 51 -28.82 -3.95 -11.43
CA GLN A 51 -29.73 -4.95 -11.96
C GLN A 51 -30.59 -5.52 -10.84
N GLU A 52 -31.61 -4.78 -10.44
CA GLU A 52 -32.47 -5.19 -9.34
C GLU A 52 -33.18 -6.49 -9.67
N MET A 53 -33.21 -7.42 -8.71
CA MET A 53 -33.85 -8.72 -8.87
C MET A 53 -34.72 -8.99 -7.65
N VAL A 54 -36.03 -8.76 -7.79
CA VAL A 54 -36.94 -8.91 -6.66
C VAL A 54 -36.88 -10.33 -6.13
N LEU A 55 -37.15 -10.49 -4.84
CA LEU A 55 -37.22 -11.80 -4.20
C LEU A 55 -38.67 -12.12 -3.89
N LYS A 56 -39.12 -13.31 -4.29
CA LYS A 56 -40.54 -13.63 -4.32
C LYS A 56 -41.18 -13.55 -2.93
N ASN A 57 -40.54 -14.15 -1.93
CA ASN A 57 -41.23 -14.37 -0.66
C ASN A 57 -40.35 -14.13 0.57
N VAL A 58 -39.35 -13.24 0.50
CA VAL A 58 -38.42 -13.08 1.61
C VAL A 58 -39.00 -12.11 2.64
N THR A 59 -38.78 -12.40 3.91
CA THR A 59 -39.09 -11.50 5.02
C THR A 59 -37.81 -11.23 5.79
N GLU A 60 -37.29 -10.01 5.68
CA GLU A 60 -35.96 -9.68 6.17
C GLU A 60 -36.04 -8.54 7.17
N ASN A 61 -35.14 -8.55 8.14
CA ASN A 61 -35.08 -7.50 9.15
C ASN A 61 -34.13 -6.39 8.74
N PHE A 62 -34.49 -5.16 9.07
CA PHE A 62 -33.65 -4.00 8.83
C PHE A 62 -33.50 -3.21 10.12
N ASN A 63 -32.38 -2.51 10.24
CA ASN A 63 -32.18 -1.57 11.34
C ASN A 63 -31.26 -0.44 10.89
N MET A 64 -31.87 0.69 10.48
CA MET A 64 -31.07 1.80 9.98
C MET A 64 -30.17 2.39 11.05
N TRP A 65 -30.67 2.50 12.28
CA TRP A 65 -29.94 3.21 13.32
C TRP A 65 -28.69 2.47 13.79
N LYS A 66 -28.43 1.27 13.29
CA LYS A 66 -27.18 0.58 13.64
C LYS A 66 -26.57 -0.18 12.47
N ASN A 67 -26.77 0.27 11.23
CA ASN A 67 -26.27 -0.51 10.10
C ASN A 67 -24.78 -0.23 9.87
N ASP A 68 -24.16 -1.09 9.05
CA ASP A 68 -22.72 -1.06 8.83
C ASP A 68 -22.31 -0.08 7.75
N MET A 69 -23.21 0.33 6.87
CA MET A 69 -22.88 1.15 5.71
C MET A 69 -22.70 2.61 6.06
N VAL A 70 -23.43 3.12 7.05
CA VAL A 70 -23.35 4.55 7.37
C VAL A 70 -21.96 4.92 7.86
N ASP A 71 -21.35 4.08 8.70
CA ASP A 71 -20.02 4.38 9.21
C ASP A 71 -19.00 4.43 8.08
N GLN A 72 -19.09 3.51 7.13
CA GLN A 72 -18.20 3.56 5.97
C GLN A 72 -18.40 4.84 5.19
N MET A 73 -19.66 5.28 5.04
CA MET A 73 -19.92 6.52 4.32
C MET A 73 -19.27 7.69 5.03
N HIS A 74 -19.41 7.76 6.35
CA HIS A 74 -18.80 8.87 7.09
C HIS A 74 -17.29 8.84 6.99
N GLU A 75 -16.68 7.66 7.14
CA GLU A 75 -15.23 7.58 7.07
C GLU A 75 -14.73 7.98 5.68
N ASP A 76 -15.40 7.51 4.62
CA ASP A 76 -14.98 7.86 3.27
C ASP A 76 -15.14 9.36 3.04
N VAL A 77 -16.26 9.94 3.48
CA VAL A 77 -16.49 11.36 3.27
C VAL A 77 -15.46 12.20 4.02
N ILE A 78 -15.09 11.82 5.24
CA ILE A 78 -14.04 12.54 5.95
C ILE A 78 -12.71 12.39 5.23
N SER A 79 -12.35 11.15 4.89
CA SER A 79 -11.01 10.88 4.38
C SER A 79 -10.81 11.46 2.99
N LEU A 80 -11.88 11.65 2.22
CA LEU A 80 -11.73 12.15 0.86
C LEU A 80 -11.46 13.66 0.82
N TRP A 81 -11.61 14.35 1.95
CA TRP A 81 -11.18 15.74 2.02
C TRP A 81 -9.68 15.82 2.32
N ASP A 82 -9.17 14.93 3.16
CA ASP A 82 -7.74 14.93 3.45
C ASP A 82 -6.92 14.61 2.21
N GLN A 83 -7.37 13.65 1.41
CA GLN A 83 -6.61 13.28 0.21
C GLN A 83 -6.64 14.35 -0.86
N SER A 84 -7.44 15.41 -0.72
CA SER A 84 -7.48 16.48 -1.69
C SER A 84 -6.92 17.80 -1.18
N LEU A 85 -6.87 18.03 0.13
CA LEU A 85 -6.29 19.25 0.65
C LEU A 85 -4.79 19.13 0.91
N LYS A 86 -4.25 17.92 0.86
CA LYS A 86 -2.82 17.71 1.16
C LYS A 86 -1.88 18.54 0.30
N PRO A 87 -2.02 18.60 -1.03
CA PRO A 87 -1.06 19.36 -1.82
C PRO A 87 -1.25 20.87 -1.78
N CYS A 88 -2.39 21.36 -1.31
CA CYS A 88 -2.68 22.79 -1.38
C CYS A 88 -1.79 23.58 -0.42
N VAL A 89 -1.75 24.89 -0.66
CA VAL A 89 -0.84 25.75 0.09
C VAL A 89 -1.26 25.85 1.54
N LYS A 90 -0.30 25.73 2.45
CA LYS A 90 -0.55 26.00 3.85
C LYS A 90 -0.48 27.50 4.11
N LEU A 91 -1.42 28.02 4.89
CA LEU A 91 -1.42 29.43 5.26
C LEU A 91 -0.74 29.69 6.60
N THR A 92 0.20 28.84 7.00
CA THR A 92 0.97 29.11 8.21
C THR A 92 1.72 30.43 8.17
N PRO A 93 2.40 30.80 7.07
CA PRO A 93 3.10 32.08 7.06
C PRO A 93 2.19 33.29 7.25
N LEU A 94 0.88 33.12 7.07
CA LEU A 94 -0.05 34.24 7.14
C LEU A 94 -0.57 34.51 8.54
N CYS A 95 -0.28 33.64 9.51
CA CYS A 95 -0.75 33.86 10.87
C CYS A 95 0.15 34.88 11.57
N VAL A 96 0.04 36.15 11.19
CA VAL A 96 0.82 37.22 11.77
C VAL A 96 -0.14 38.25 12.35
N THR A 97 0.38 39.18 13.14
CA THR A 97 -0.44 40.26 13.67
C THR A 97 -0.90 41.16 12.54
N LEU A 98 -2.14 41.61 12.61
CA LEU A 98 -2.76 42.42 11.57
C LEU A 98 -3.11 43.79 12.11
N ASN A 99 -2.86 44.82 11.32
CA ASN A 99 -3.34 46.17 11.62
C ASN A 99 -4.54 46.43 10.71
N CYS A 100 -5.74 46.40 11.31
CA CYS A 100 -6.97 46.30 10.53
C CYS A 100 -7.91 47.43 10.91
N THR A 101 -8.70 47.88 9.93
CA THR A 101 -9.62 48.98 10.09
C THR A 101 -10.93 48.64 9.39
N ASN A 102 -11.81 49.64 9.32
CA ASN A 102 -13.10 49.44 8.69
C ASN A 102 -12.98 49.53 7.17
N ALA A 103 -13.81 48.76 6.47
CA ALA A 103 -13.85 48.81 5.01
C ALA A 103 -14.97 49.75 4.54
N THR A 104 -14.95 50.05 3.25
CA THR A 104 -15.92 50.95 2.65
C THR A 104 -16.21 50.53 1.21
N ALA A 105 -17.49 50.40 0.88
CA ALA A 105 -17.94 50.16 -0.48
C ALA A 105 -17.95 51.50 -1.24
N SER A 106 -18.58 51.51 -2.40
CA SER A 106 -18.64 52.72 -3.21
C SER A 106 -19.23 53.88 -2.42
N ASN A 107 -18.85 55.09 -2.82
CA ASN A 107 -19.29 56.32 -2.17
C ASN A 107 -18.84 56.39 -0.71
N SER A 108 -17.75 55.69 -0.38
CA SER A 108 -17.20 55.68 0.97
C SER A 108 -18.21 55.24 2.01
N SER A 109 -19.15 54.37 1.63
CA SER A 109 -20.15 53.89 2.57
C SER A 109 -19.59 52.71 3.35
N ILE A 110 -19.62 52.81 4.68
CA ILE A 110 -19.09 51.74 5.52
C ILE A 110 -19.86 50.46 5.25
N ILE A 111 -19.13 49.37 5.07
CA ILE A 111 -19.71 48.06 4.79
C ILE A 111 -19.62 47.23 6.05
N GLU A 112 -20.77 46.74 6.53
CA GLU A 112 -20.80 45.96 7.76
C GLU A 112 -20.39 44.53 7.50
N GLY A 113 -19.66 43.96 8.46
CA GLY A 113 -19.19 42.60 8.35
C GLY A 113 -17.88 42.41 7.64
N MET A 114 -17.18 43.49 7.29
CA MET A 114 -15.88 43.42 6.64
C MET A 114 -14.90 44.33 7.36
N LYS A 115 -13.61 44.03 7.21
CA LYS A 115 -12.55 44.81 7.82
C LYS A 115 -11.31 44.75 6.94
N ASN A 116 -10.77 45.93 6.62
CA ASN A 116 -9.62 46.05 5.73
C ASN A 116 -8.35 45.85 6.55
N CYS A 117 -7.73 44.68 6.44
CA CYS A 117 -6.55 44.33 7.20
C CYS A 117 -5.31 44.49 6.32
N SER A 118 -4.20 44.87 6.95
CA SER A 118 -2.89 44.94 6.30
C SER A 118 -1.87 44.23 7.16
N PHE A 119 -0.95 43.50 6.52
CA PHE A 119 -0.04 42.63 7.24
C PHE A 119 1.26 42.50 6.46
N ASN A 120 2.29 42.01 7.16
CA ASN A 120 3.62 41.82 6.60
C ASN A 120 3.80 40.36 6.20
N ILE A 121 4.27 40.14 4.97
CA ILE A 121 4.45 38.80 4.43
C ILE A 121 5.75 38.75 3.64
N THR A 122 6.40 37.59 3.65
CA THR A 122 7.67 37.41 2.93
C THR A 122 7.41 37.19 1.45
N THR A 123 8.19 37.84 0.61
CA THR A 123 8.03 37.77 -0.84
C THR A 123 8.87 36.60 -1.38
N GLU A 124 9.02 36.52 -2.70
CA GLU A 124 9.82 35.47 -3.30
C GLU A 124 11.23 35.41 -2.74
N LEU A 125 11.81 36.56 -2.40
CA LEU A 125 13.12 36.63 -1.75
C LEU A 125 12.90 36.61 -0.25
N ARG A 126 13.53 35.65 0.43
CA ARG A 126 13.26 35.44 1.85
C ARG A 126 13.84 36.54 2.74
N ASP A 127 14.65 37.44 2.20
CA ASP A 127 15.18 38.54 3.00
C ASP A 127 14.25 39.75 3.00
N LYS A 128 13.26 39.80 2.12
CA LYS A 128 12.37 40.94 1.98
C LYS A 128 10.96 40.54 2.36
N ARG A 129 10.28 41.42 3.09
CA ARG A 129 8.86 41.26 3.38
C ARG A 129 8.18 42.62 3.26
N GLU A 130 6.95 42.62 2.76
CA GLU A 130 6.25 43.85 2.41
C GLU A 130 4.88 43.88 3.08
N LYS A 131 4.28 45.07 3.08
CA LYS A 131 2.98 45.30 3.71
C LYS A 131 1.88 45.19 2.66
N LYS A 132 1.27 44.01 2.61
CA LYS A 132 0.11 43.79 1.76
C LYS A 132 -1.17 44.15 2.52
N ASN A 133 -2.32 43.88 1.89
CA ASN A 133 -3.59 44.12 2.54
C ASN A 133 -4.69 43.36 1.83
N ALA A 134 -5.62 42.83 2.61
CA ALA A 134 -6.78 42.12 2.11
C ALA A 134 -7.91 42.28 3.11
N LEU A 135 -9.11 41.93 2.68
CA LEU A 135 -10.32 42.13 3.47
C LEU A 135 -10.84 40.80 3.99
N PHE A 136 -11.06 40.72 5.30
CA PHE A 136 -11.55 39.52 5.95
C PHE A 136 -12.93 39.78 6.54
N TYR A 137 -13.77 38.75 6.52
CA TYR A 137 -15.04 38.83 7.23
C TYR A 137 -14.79 38.96 8.72
N LYS A 138 -15.75 39.56 9.43
CA LYS A 138 -15.60 39.70 10.88
C LYS A 138 -15.55 38.35 11.57
N LEU A 139 -16.03 37.29 10.92
CA LEU A 139 -16.05 35.97 11.53
C LEU A 139 -14.75 35.20 11.32
N ASP A 140 -13.88 35.66 10.43
CA ASP A 140 -12.55 35.08 10.26
C ASP A 140 -11.51 35.76 11.14
N ILE A 141 -11.92 36.67 12.01
CA ILE A 141 -11.01 37.55 12.73
C ILE A 141 -11.41 37.60 14.19
N VAL A 142 -10.41 37.51 15.07
CA VAL A 142 -10.61 37.67 16.51
C VAL A 142 -9.71 38.80 16.99
N GLN A 143 -10.30 39.76 17.69
CA GLN A 143 -9.55 40.93 18.12
C GLN A 143 -8.51 40.54 19.17
N LEU A 144 -7.28 40.98 18.95
CA LEU A 144 -6.25 40.82 19.97
C LEU A 144 -6.59 41.70 21.16
N ASP A 145 -6.44 41.14 22.36
CA ASP A 145 -6.94 41.81 23.56
C ASP A 145 -6.30 43.18 23.72
N GLY A 146 -7.14 44.16 24.10
CA GLY A 146 -6.67 45.51 24.34
C GLY A 146 -6.98 46.48 23.22
N ASN A 147 -5.97 46.81 22.42
CA ASN A 147 -6.13 47.79 21.37
C ASN A 147 -7.18 47.34 20.36
N SER A 148 -7.94 48.30 19.83
CA SER A 148 -9.03 47.99 18.92
C SER A 148 -8.59 47.84 17.47
N SER A 149 -7.31 48.02 17.16
CA SER A 149 -6.83 47.96 15.79
C SER A 149 -5.91 46.77 15.52
N GLN A 150 -5.73 45.88 16.50
CA GLN A 150 -4.92 44.68 16.32
C GLN A 150 -5.82 43.46 16.24
N TYR A 151 -5.55 42.59 15.27
CA TYR A 151 -6.40 41.42 15.03
C TYR A 151 -5.52 40.24 14.65
N ARG A 152 -6.14 39.06 14.64
CA ARG A 152 -5.46 37.81 14.33
C ARG A 152 -6.48 36.83 13.78
N LEU A 153 -6.03 35.99 12.84
CA LEU A 153 -6.94 35.02 12.24
C LEU A 153 -7.56 34.14 13.33
N ILE A 154 -8.85 33.85 13.17
CA ILE A 154 -9.61 33.19 14.24
C ILE A 154 -9.02 31.82 14.55
N ASN A 155 -8.59 31.10 13.52
CA ASN A 155 -8.26 29.69 13.68
C ASN A 155 -6.78 29.42 13.88
N CYS A 156 -5.91 30.39 13.61
CA CYS A 156 -4.48 30.12 13.61
C CYS A 156 -3.85 30.16 14.99
N ASN A 157 -4.64 30.07 16.06
CA ASN A 157 -4.10 29.84 17.40
C ASN A 157 -4.51 28.49 17.97
N THR A 158 -5.06 27.59 17.15
CA THR A 158 -5.39 26.24 17.59
C THR A 158 -4.84 25.19 16.63
N SER A 159 -4.83 25.48 15.34
CA SER A 159 -4.47 24.48 14.35
C SER A 159 -3.98 25.14 13.07
N VAL A 160 -3.53 24.30 12.14
CA VAL A 160 -3.02 24.78 10.86
C VAL A 160 -4.17 24.97 9.88
N ILE A 161 -4.01 25.91 8.96
CA ILE A 161 -4.99 26.22 7.93
C ILE A 161 -4.41 25.87 6.58
N THR A 162 -5.24 25.33 5.70
CA THR A 162 -4.84 25.02 4.33
C THR A 162 -5.89 25.52 3.36
N GLN A 163 -5.47 26.31 2.37
CA GLN A 163 -6.41 26.81 1.39
C GLN A 163 -6.89 25.68 0.49
N ALA A 164 -8.16 25.75 0.10
CA ALA A 164 -8.72 24.75 -0.80
C ALA A 164 -8.29 25.06 -2.23
N CYS A 165 -7.75 24.07 -2.91
CA CYS A 165 -7.24 24.27 -4.26
C CYS A 165 -8.39 24.62 -5.20
N PRO A 166 -8.36 25.76 -5.88
CA PRO A 166 -9.47 26.10 -6.78
C PRO A 166 -9.65 25.12 -7.93
N LYS A 167 -8.61 24.34 -8.26
CA LYS A 167 -8.67 23.44 -9.40
C LYS A 167 -9.40 22.13 -9.10
N VAL A 168 -9.77 21.89 -7.85
CA VAL A 168 -10.45 20.65 -7.46
C VAL A 168 -11.79 20.99 -6.81
N SER A 169 -12.42 22.08 -7.27
CA SER A 169 -13.67 22.54 -6.70
C SER A 169 -14.59 21.38 -6.35
N PHE A 170 -15.18 21.44 -5.16
CA PHE A 170 -16.00 20.35 -4.65
C PHE A 170 -17.44 20.46 -5.15
N ASP A 171 -18.08 19.30 -5.33
CA ASP A 171 -19.43 19.25 -5.86
C ASP A 171 -20.06 17.93 -5.44
N PRO A 172 -21.38 17.87 -5.19
CA PRO A 172 -22.01 16.59 -4.84
C PRO A 172 -22.16 15.64 -6.02
N ILE A 173 -21.06 15.03 -6.47
CA ILE A 173 -21.16 13.99 -7.49
C ILE A 173 -21.72 12.73 -6.86
N PRO A 174 -22.68 12.03 -7.49
CA PRO A 174 -23.25 10.84 -6.85
C PRO A 174 -22.20 9.74 -6.69
N ILE A 175 -22.41 8.91 -5.67
CA ILE A 175 -21.47 7.85 -5.30
C ILE A 175 -22.24 6.54 -5.19
N HIS A 176 -21.76 5.52 -5.89
CA HIS A 176 -22.38 4.19 -5.91
C HIS A 176 -21.58 3.23 -5.05
N TYR A 177 -22.25 2.50 -4.17
CA TYR A 177 -21.62 1.49 -3.34
C TYR A 177 -21.96 0.10 -3.86
N CYS A 178 -20.94 -0.74 -4.05
CA CYS A 178 -21.12 -2.08 -4.56
C CYS A 178 -20.38 -3.07 -3.67
N ALA A 179 -21.11 -4.03 -3.12
CA ALA A 179 -20.47 -5.02 -2.30
C ALA A 179 -19.57 -5.91 -3.14
N PRO A 180 -18.46 -6.39 -2.58
CA PRO A 180 -17.53 -7.21 -3.37
C PRO A 180 -18.10 -8.58 -3.67
N ALA A 181 -17.39 -9.30 -4.53
CA ALA A 181 -17.85 -10.63 -4.92
C ALA A 181 -18.03 -11.50 -3.69
N GLY A 182 -19.18 -12.16 -3.60
CA GLY A 182 -19.53 -12.99 -2.48
C GLY A 182 -20.59 -12.40 -1.57
N TYR A 183 -20.74 -11.08 -1.55
CA TYR A 183 -21.75 -10.42 -0.75
C TYR A 183 -22.93 -9.98 -1.63
N ALA A 184 -23.94 -9.43 -0.99
CA ALA A 184 -25.14 -8.95 -1.69
C ALA A 184 -25.77 -7.81 -0.92
N ILE A 185 -26.13 -6.75 -1.64
CA ILE A 185 -26.75 -5.56 -1.05
C ILE A 185 -28.26 -5.67 -1.22
N LEU A 186 -28.95 -6.09 -0.17
CA LEU A 186 -30.40 -6.13 -0.17
C LEU A 186 -30.94 -4.71 -0.08
N LYS A 187 -32.27 -4.60 -0.06
CA LYS A 187 -32.94 -3.34 0.19
C LYS A 187 -34.45 -3.58 0.29
N CYS A 188 -35.15 -2.63 0.89
CA CYS A 188 -36.58 -2.76 1.15
C CYS A 188 -37.36 -1.85 0.22
N ASN A 189 -38.42 -2.38 -0.37
CA ASN A 189 -39.26 -1.64 -1.30
C ASN A 189 -40.59 -1.21 -0.70
N ASN A 190 -40.91 -1.66 0.52
CA ASN A 190 -42.13 -1.22 1.19
C ASN A 190 -42.10 0.29 1.31
N LYS A 191 -43.01 0.97 0.61
CA LYS A 191 -42.93 2.43 0.47
C LYS A 191 -43.47 3.18 1.68
N THR A 192 -43.73 2.49 2.79
CA THR A 192 -44.06 3.15 4.05
C THR A 192 -43.22 2.57 5.20
N PHE A 193 -42.10 1.94 4.88
CA PHE A 193 -41.22 1.40 5.90
C PHE A 193 -40.69 2.52 6.78
N THR A 194 -40.73 2.30 8.10
CA THR A 194 -40.44 3.34 9.07
C THR A 194 -39.00 3.30 9.57
N GLY A 195 -38.11 2.57 8.89
CA GLY A 195 -36.70 2.58 9.22
C GLY A 195 -36.25 1.44 10.12
N THR A 196 -37.18 0.75 10.77
CA THR A 196 -36.83 -0.41 11.58
C THR A 196 -37.97 -1.40 11.51
N GLY A 197 -37.64 -2.68 11.66
CA GLY A 197 -38.61 -3.74 11.56
C GLY A 197 -38.58 -4.39 10.19
N PRO A 198 -39.30 -5.50 10.04
CA PRO A 198 -39.19 -6.29 8.82
C PRO A 198 -39.82 -5.62 7.60
N CYS A 199 -39.34 -6.03 6.44
CA CYS A 199 -39.89 -5.63 5.15
C CYS A 199 -40.26 -6.87 4.35
N ASN A 200 -41.43 -6.85 3.74
CA ASN A 200 -41.97 -8.02 3.05
C ASN A 200 -41.79 -7.96 1.54
N ASN A 201 -41.01 -6.99 1.04
CA ASN A 201 -40.83 -6.81 -0.40
C ASN A 201 -39.36 -6.55 -0.71
N VAL A 202 -38.48 -7.34 -0.10
CA VAL A 202 -37.04 -7.17 -0.25
C VAL A 202 -36.65 -7.36 -1.70
N SER A 203 -35.51 -6.79 -2.09
CA SER A 203 -34.92 -6.98 -3.40
C SER A 203 -33.43 -6.70 -3.30
N THR A 204 -32.67 -7.27 -4.23
CA THR A 204 -31.22 -7.15 -4.23
C THR A 204 -30.77 -6.30 -5.41
N VAL A 205 -29.52 -5.84 -5.35
CA VAL A 205 -28.93 -5.03 -6.40
C VAL A 205 -27.42 -5.23 -6.40
N GLN A 206 -26.79 -4.92 -7.53
CA GLN A 206 -25.33 -4.86 -7.57
C GLN A 206 -24.83 -3.71 -6.70
N CYS A 207 -25.53 -2.57 -6.74
CA CYS A 207 -25.05 -1.37 -6.07
C CYS A 207 -26.23 -0.51 -5.65
N THR A 208 -25.94 0.45 -4.78
CA THR A 208 -26.91 1.46 -4.41
C THR A 208 -27.09 2.46 -5.55
N HIS A 209 -28.24 3.13 -5.57
CA HIS A 209 -28.43 4.22 -6.52
C HIS A 209 -27.42 5.32 -6.24
N GLY A 210 -27.35 6.28 -7.15
CA GLY A 210 -26.48 7.43 -6.94
C GLY A 210 -26.85 8.14 -5.66
N ILE A 211 -25.88 8.30 -4.75
CA ILE A 211 -26.09 8.96 -3.47
C ILE A 211 -25.27 10.24 -3.46
N LYS A 212 -25.93 11.36 -3.27
CA LYS A 212 -25.25 12.64 -3.25
C LYS A 212 -24.61 12.86 -1.87
N PRO A 213 -23.31 13.14 -1.80
CA PRO A 213 -22.66 13.38 -0.49
C PRO A 213 -22.84 14.80 0.00
N VAL A 214 -24.10 15.22 0.13
CA VAL A 214 -24.40 16.59 0.51
C VAL A 214 -23.91 16.87 1.92
N VAL A 215 -23.55 18.13 2.18
CA VAL A 215 -23.19 18.60 3.51
C VAL A 215 -24.13 19.73 3.88
N SER A 216 -24.85 19.56 4.99
CA SER A 216 -25.78 20.57 5.49
C SER A 216 -26.12 20.22 6.93
N THR A 217 -26.83 21.12 7.60
CA THR A 217 -27.04 21.00 9.04
C THR A 217 -28.48 20.75 9.45
N GLN A 218 -29.46 21.49 8.91
CA GLN A 218 -30.80 21.43 9.49
C GLN A 218 -31.92 21.34 8.47
N LEU A 219 -31.61 21.20 7.18
CA LEU A 219 -32.67 21.11 6.19
C LEU A 219 -32.44 20.01 5.16
N LEU A 220 -31.36 19.23 5.30
CA LEU A 220 -31.20 17.99 4.54
C LEU A 220 -31.56 18.18 3.07
N LEU A 221 -30.90 19.13 2.41
CA LEU A 221 -31.36 19.59 1.10
C LEU A 221 -30.79 18.72 -0.03
N ASN A 222 -31.35 18.93 -1.23
CA ASN A 222 -31.01 18.19 -2.44
C ASN A 222 -31.09 16.68 -2.25
N GLY A 223 -31.97 16.22 -1.38
CA GLY A 223 -32.09 14.81 -1.09
C GLY A 223 -33.01 14.08 -2.05
N SER A 224 -33.31 12.84 -1.70
CA SER A 224 -34.31 12.06 -2.41
C SER A 224 -35.64 12.12 -1.67
N LEU A 225 -36.72 11.94 -2.42
CA LEU A 225 -38.06 12.08 -1.87
C LEU A 225 -38.66 10.71 -1.54
N ALA A 226 -39.44 10.67 -0.46
CA ALA A 226 -40.22 9.49 -0.16
C ALA A 226 -41.30 9.30 -1.20
N GLU A 227 -41.75 8.05 -1.37
CA GLU A 227 -42.71 7.73 -2.41
C GLU A 227 -44.15 7.83 -1.93
N GLY A 228 -44.40 7.71 -0.63
CA GLY A 228 -45.74 7.88 -0.10
C GLY A 228 -45.97 9.29 0.40
N GLU A 229 -46.48 9.43 1.61
CA GLU A 229 -46.63 10.72 2.25
C GLU A 229 -45.50 10.92 3.27
N ILE A 230 -45.53 12.07 3.95
CA ILE A 230 -44.46 12.43 4.87
C ILE A 230 -44.25 11.31 5.86
N ILE A 231 -42.99 10.93 6.07
CA ILE A 231 -42.60 9.86 6.98
C ILE A 231 -41.82 10.48 8.14
N ILE A 232 -41.88 9.83 9.30
CA ILE A 232 -41.13 10.25 10.48
C ILE A 232 -40.34 9.05 10.98
N ARG A 233 -39.07 9.27 11.32
CA ARG A 233 -38.19 8.19 11.73
C ARG A 233 -37.46 8.56 13.01
N SER A 234 -37.21 7.55 13.83
CA SER A 234 -36.39 7.70 15.03
C SER A 234 -36.22 6.33 15.66
N GLU A 235 -35.11 6.17 16.39
CA GLU A 235 -34.94 4.96 17.18
C GLU A 235 -35.95 4.93 18.32
N ASN A 236 -36.24 6.07 18.92
CA ASN A 236 -37.27 6.19 19.94
C ASN A 236 -37.79 7.61 19.91
N ILE A 237 -38.97 7.82 19.32
CA ILE A 237 -39.47 9.18 19.15
C ILE A 237 -39.57 9.90 20.49
N THR A 238 -39.89 9.17 21.56
CA THR A 238 -40.05 9.80 22.87
C THR A 238 -38.71 10.35 23.39
N LYS A 239 -37.63 9.61 23.24
CA LYS A 239 -36.36 10.00 23.83
C LYS A 239 -35.73 11.13 23.02
N ASN A 240 -35.20 12.13 23.74
CA ASN A 240 -34.72 13.35 23.10
C ASN A 240 -33.32 13.20 22.51
N VAL A 241 -32.56 12.19 22.93
CA VAL A 241 -31.18 12.04 22.45
C VAL A 241 -31.10 11.63 21.00
N LYS A 242 -32.22 11.27 20.37
CA LYS A 242 -32.23 10.73 19.01
C LYS A 242 -32.86 11.75 18.06
N THR A 243 -32.17 12.02 16.96
CA THR A 243 -32.67 12.95 15.98
C THR A 243 -33.92 12.40 15.31
N ILE A 244 -34.93 13.26 15.17
CA ILE A 244 -36.21 12.87 14.54
C ILE A 244 -36.12 13.26 13.07
N ILE A 245 -35.62 12.35 12.25
CA ILE A 245 -35.50 12.62 10.82
C ILE A 245 -36.88 12.63 10.18
N VAL A 246 -37.38 13.80 9.85
CA VAL A 246 -38.61 13.96 9.09
C VAL A 246 -38.24 13.94 7.61
N HIS A 247 -38.99 13.20 6.82
CA HIS A 247 -38.66 12.95 5.43
C HIS A 247 -39.83 13.41 4.56
N LEU A 248 -39.56 14.34 3.64
CA LEU A 248 -40.63 14.98 2.89
C LEU A 248 -40.89 14.27 1.57
N ASN A 249 -42.17 14.05 1.29
CA ASN A 249 -42.61 13.58 -0.01
C ASN A 249 -42.89 14.72 -0.98
N GLU A 250 -42.78 15.97 -0.53
CA GLU A 250 -43.06 17.14 -1.34
C GLU A 250 -41.88 18.10 -1.23
N SER A 251 -41.09 18.19 -2.30
CA SER A 251 -39.94 19.07 -2.28
C SER A 251 -40.38 20.52 -2.15
N VAL A 252 -39.66 21.29 -1.34
CA VAL A 252 -39.93 22.71 -1.15
C VAL A 252 -38.73 23.49 -1.67
N LYS A 253 -38.92 24.21 -2.77
CA LYS A 253 -37.81 24.91 -3.39
C LYS A 253 -37.29 26.01 -2.47
N ILE A 254 -35.97 26.16 -2.43
CA ILE A 254 -35.31 27.19 -1.66
C ILE A 254 -34.21 27.80 -2.53
N GLU A 255 -34.13 29.13 -2.53
CA GLU A 255 -33.11 29.86 -3.26
C GLU A 255 -32.24 30.61 -2.28
N CYS A 256 -30.97 30.81 -2.63
CA CYS A 256 -30.05 31.59 -1.83
C CYS A 256 -29.05 32.25 -2.77
N THR A 257 -28.77 33.53 -2.53
CA THR A 257 -27.96 34.31 -3.44
C THR A 257 -27.07 35.26 -2.67
N ARG A 258 -25.99 35.68 -3.32
CA ARG A 258 -24.99 36.59 -2.77
C ARG A 258 -24.92 37.80 -3.68
N PRO A 259 -25.71 38.86 -3.42
CA PRO A 259 -25.88 39.91 -4.44
C PRO A 259 -24.80 40.98 -4.42
N ASN A 260 -23.55 40.59 -4.65
CA ASN A 260 -22.49 41.54 -4.94
C ASN A 260 -21.26 40.76 -5.36
N ASN A 261 -20.35 41.46 -6.04
CA ASN A 261 -19.17 40.84 -6.64
C ASN A 261 -18.00 40.88 -5.66
N LYS A 262 -17.04 40.00 -5.88
CA LYS A 262 -15.81 39.95 -5.10
C LYS A 262 -14.61 40.12 -6.04
N THR A 263 -13.61 40.84 -5.57
CA THR A 263 -12.37 41.00 -6.33
C THR A 263 -11.35 40.00 -5.80
N ARG A 264 -11.01 39.01 -6.61
CA ARG A 264 -9.98 38.06 -6.21
C ARG A 264 -8.62 38.59 -6.58
N THR A 265 -7.72 38.65 -5.59
CA THR A 265 -6.36 39.14 -5.79
C THR A 265 -5.38 38.10 -5.28
N SER A 266 -4.24 38.02 -5.95
CA SER A 266 -3.24 36.98 -5.68
C SER A 266 -2.10 37.57 -4.87
N ILE A 267 -1.86 36.98 -3.69
CA ILE A 267 -0.74 37.34 -2.83
C ILE A 267 0.22 36.16 -2.79
N ARG A 268 1.47 36.41 -3.16
CA ARG A 268 2.45 35.34 -3.25
C ARG A 268 3.04 35.05 -1.87
N ILE A 269 3.06 33.77 -1.50
CA ILE A 269 3.60 33.38 -0.19
C ILE A 269 5.06 32.94 -0.28
N GLY A 270 5.51 32.47 -1.44
CA GLY A 270 6.87 32.01 -1.59
C GLY A 270 7.11 31.40 -2.95
N PRO A 271 7.82 30.27 -3.00
CA PRO A 271 8.10 29.64 -4.29
C PRO A 271 6.91 28.88 -4.85
N GLY A 272 6.28 29.44 -5.88
CA GLY A 272 5.24 28.73 -6.61
C GLY A 272 3.93 28.56 -5.88
N GLN A 273 3.72 29.26 -4.76
CA GLN A 273 2.50 29.17 -3.98
C GLN A 273 1.75 30.49 -4.07
N ALA A 274 0.44 30.41 -4.28
CA ALA A 274 -0.43 31.57 -4.38
C ALA A 274 -1.47 31.52 -3.28
N PHE A 275 -1.86 32.69 -2.78
CA PHE A 275 -2.88 32.82 -1.75
C PHE A 275 -3.91 33.85 -2.18
N TYR A 276 -5.10 33.38 -2.51
CA TYR A 276 -6.16 34.23 -3.07
C TYR A 276 -6.99 34.81 -1.93
N ALA A 277 -6.94 36.13 -1.79
CA ALA A 277 -7.71 36.84 -0.79
C ALA A 277 -8.70 37.77 -1.49
N THR A 278 -9.52 38.44 -0.68
CA THR A 278 -10.54 39.34 -1.20
C THR A 278 -10.04 40.78 -1.11
N GLY A 279 -9.88 41.44 -2.25
CA GLY A 279 -9.51 42.83 -2.27
C GLY A 279 -10.72 43.73 -2.10
N GLN A 280 -10.85 44.75 -2.94
CA GLN A 280 -11.99 45.65 -2.83
C GLN A 280 -13.27 44.92 -3.19
N VAL A 281 -14.34 45.25 -2.47
CA VAL A 281 -15.65 44.67 -2.73
C VAL A 281 -16.40 45.55 -3.72
N ILE A 282 -16.91 44.93 -4.78
CA ILE A 282 -17.61 45.63 -5.85
C ILE A 282 -19.11 45.41 -5.67
N GLY A 283 -19.89 46.40 -6.09
CA GLY A 283 -21.33 46.36 -5.92
C GLY A 283 -21.78 47.08 -4.66
N ASP A 284 -23.08 47.04 -4.42
CA ASP A 284 -23.66 47.73 -3.29
C ASP A 284 -23.63 46.83 -2.05
N ILE A 285 -23.86 47.46 -0.89
CA ILE A 285 -23.82 46.75 0.38
C ILE A 285 -25.08 45.90 0.51
N ARG A 286 -24.90 44.61 0.79
CA ARG A 286 -26.02 43.69 0.93
C ARG A 286 -25.65 42.59 1.90
N GLU A 287 -26.65 41.81 2.28
CA GLU A 287 -26.45 40.58 3.05
C GLU A 287 -27.07 39.43 2.28
N ALA A 288 -26.30 38.37 2.03
CA ALA A 288 -26.80 37.25 1.27
C ALA A 288 -28.05 36.67 1.93
N TYR A 289 -29.08 36.42 1.13
CA TYR A 289 -30.40 36.07 1.64
C TYR A 289 -30.90 34.81 0.96
N CYS A 290 -31.97 34.24 1.53
CA CYS A 290 -32.62 33.06 1.00
C CYS A 290 -34.13 33.29 0.92
N ASN A 291 -34.77 32.59 -0.01
CA ASN A 291 -36.19 32.75 -0.29
C ASN A 291 -36.89 31.41 -0.26
N ILE A 292 -38.12 31.40 0.25
CA ILE A 292 -38.95 30.19 0.30
C ILE A 292 -40.38 30.59 -0.01
N ASN A 293 -41.07 29.75 -0.78
CA ASN A 293 -42.48 29.99 -1.09
C ASN A 293 -43.31 29.80 0.16
N GLU A 294 -43.80 30.89 0.74
CA GLU A 294 -44.46 30.80 2.04
C GLU A 294 -45.66 29.88 2.00
N SER A 295 -46.38 29.82 0.89
CA SER A 295 -47.51 28.90 0.79
C SER A 295 -47.04 27.47 0.96
N LYS A 296 -45.96 27.09 0.26
CA LYS A 296 -45.46 25.72 0.34
C LYS A 296 -44.94 25.41 1.74
N TRP A 297 -44.27 26.36 2.40
CA TRP A 297 -43.78 26.09 3.74
C TRP A 297 -44.93 25.96 4.74
N ASN A 298 -45.93 26.83 4.62
CA ASN A 298 -47.10 26.70 5.47
C ASN A 298 -47.72 25.31 5.31
N GLU A 299 -47.90 24.88 4.07
CA GLU A 299 -48.50 23.57 3.82
C GLU A 299 -47.63 22.44 4.36
N THR A 300 -46.31 22.53 4.15
CA THR A 300 -45.43 21.45 4.58
C THR A 300 -45.37 21.36 6.10
N LEU A 301 -45.34 22.50 6.80
CA LEU A 301 -45.35 22.44 8.25
C LEU A 301 -46.69 21.97 8.78
N GLN A 302 -47.79 22.36 8.13
CA GLN A 302 -49.09 21.79 8.49
C GLN A 302 -49.04 20.27 8.38
N ARG A 303 -48.49 19.76 7.28
CA ARG A 303 -48.44 18.31 7.06
C ARG A 303 -47.56 17.63 8.11
N VAL A 304 -46.41 18.21 8.41
CA VAL A 304 -45.50 17.59 9.38
C VAL A 304 -46.11 17.60 10.77
N SER A 305 -46.83 18.67 11.12
CA SER A 305 -47.52 18.69 12.39
C SER A 305 -48.64 17.66 12.42
N LYS A 306 -49.35 17.50 11.30
CA LYS A 306 -50.41 16.50 11.22
C LYS A 306 -49.85 15.09 11.43
N LYS A 307 -48.73 14.79 10.78
CA LYS A 307 -48.14 13.46 10.89
C LYS A 307 -47.50 13.25 12.26
N LEU A 308 -46.96 14.32 12.85
CA LEU A 308 -46.22 14.18 14.10
C LEU A 308 -47.15 14.00 15.29
N LYS A 309 -48.34 14.62 15.24
CA LYS A 309 -49.26 14.51 16.37
C LYS A 309 -50.04 13.21 16.36
N GLU A 310 -49.92 12.38 15.32
CA GLU A 310 -50.43 11.02 15.40
C GLU A 310 -49.69 10.20 16.45
N TYR A 311 -48.43 10.55 16.74
CA TYR A 311 -47.70 9.96 17.84
C TYR A 311 -47.90 10.71 19.15
N PHE A 312 -48.36 11.95 19.09
CA PHE A 312 -48.68 12.74 20.29
C PHE A 312 -50.05 13.38 20.12
N PRO A 313 -51.11 12.57 20.03
CA PRO A 313 -52.45 13.13 19.77
C PRO A 313 -53.02 13.93 20.92
N HIS A 314 -52.45 13.81 22.12
CA HIS A 314 -53.06 14.40 23.30
C HIS A 314 -52.90 15.92 23.36
N LYS A 315 -51.77 16.46 22.91
CA LYS A 315 -51.42 17.85 23.18
C LYS A 315 -50.99 18.55 21.91
N ASN A 316 -51.03 19.88 21.98
CA ASN A 316 -50.55 20.72 20.88
C ASN A 316 -49.07 20.47 20.63
N ILE A 317 -48.59 20.98 19.49
CA ILE A 317 -47.20 20.87 19.10
C ILE A 317 -46.69 22.27 18.76
N THR A 318 -45.52 22.61 19.30
CA THR A 318 -44.92 23.92 19.11
C THR A 318 -43.51 23.75 18.55
N PHE A 319 -43.25 24.37 17.41
CA PHE A 319 -41.90 24.48 16.90
C PHE A 319 -41.21 25.68 17.52
N GLN A 320 -39.88 25.60 17.62
CA GLN A 320 -39.10 26.67 18.20
C GLN A 320 -37.84 26.92 17.39
N PRO A 321 -37.32 28.14 17.41
CA PRO A 321 -36.07 28.42 16.70
C PRO A 321 -34.87 27.87 17.46
N SER A 322 -33.72 27.88 16.78
CA SER A 322 -32.49 27.36 17.38
C SER A 322 -32.17 28.11 18.65
N SER A 323 -31.59 27.39 19.62
CA SER A 323 -31.33 27.95 20.94
C SER A 323 -30.41 29.17 20.87
N GLY A 324 -29.20 28.97 20.39
CA GLY A 324 -28.22 30.05 20.32
C GLY A 324 -26.82 29.53 20.57
N GLY A 325 -25.85 30.38 20.26
CA GLY A 325 -24.45 30.04 20.46
C GLY A 325 -23.65 30.05 19.18
N ASP A 326 -22.76 29.07 19.03
CA ASP A 326 -21.88 29.04 17.87
C ASP A 326 -22.70 28.94 16.58
N LEU A 327 -22.29 29.72 15.57
CA LEU A 327 -22.95 29.63 14.28
C LEU A 327 -22.82 28.24 13.68
N GLU A 328 -21.82 27.48 14.11
CA GLU A 328 -21.56 26.17 13.51
C GLU A 328 -22.69 25.18 13.75
N ILE A 329 -23.56 25.44 14.73
CA ILE A 329 -24.53 24.44 15.16
C ILE A 329 -25.96 24.99 15.16
N THR A 330 -26.10 26.31 15.23
CA THR A 330 -27.40 26.95 15.36
C THR A 330 -27.91 27.56 14.07
N THR A 331 -27.36 27.19 12.92
CA THR A 331 -27.74 27.83 11.66
C THR A 331 -27.65 26.83 10.52
N HIS A 332 -28.69 26.84 9.68
CA HIS A 332 -28.68 26.05 8.46
C HIS A 332 -27.45 26.40 7.63
N SER A 333 -26.73 25.38 7.16
CA SER A 333 -25.45 25.58 6.50
C SER A 333 -25.42 24.86 5.17
N PHE A 334 -24.62 25.37 4.24
CA PHE A 334 -24.36 24.68 2.98
C PHE A 334 -23.23 25.41 2.27
N ASN A 335 -22.90 24.93 1.07
CA ASN A 335 -21.74 25.44 0.36
C ASN A 335 -22.05 25.79 -1.09
N CYS A 336 -23.14 26.52 -1.32
CA CYS A 336 -23.54 26.85 -2.68
C CYS A 336 -22.47 27.68 -3.37
N GLY A 337 -22.14 27.28 -4.60
CA GLY A 337 -21.23 28.04 -5.43
C GLY A 337 -19.81 28.16 -4.91
N GLY A 338 -19.43 27.29 -3.98
CA GLY A 338 -18.08 27.29 -3.46
C GLY A 338 -17.84 28.22 -2.28
N GLU A 339 -18.87 28.86 -1.76
CA GLU A 339 -18.76 29.72 -0.59
C GLU A 339 -19.80 29.28 0.44
N PHE A 340 -19.37 29.17 1.69
CA PHE A 340 -20.19 28.57 2.74
C PHE A 340 -21.13 29.62 3.32
N PHE A 341 -22.43 29.32 3.29
CA PHE A 341 -23.43 30.17 3.91
C PHE A 341 -23.63 29.76 5.37
N TYR A 342 -24.33 30.61 6.11
CA TYR A 342 -24.77 30.30 7.47
C TYR A 342 -26.02 31.10 7.75
N CYS A 343 -27.18 30.47 7.61
CA CYS A 343 -28.47 31.16 7.58
C CYS A 343 -29.15 31.08 8.94
N ASN A 344 -29.85 32.14 9.30
CA ASN A 344 -30.66 32.16 10.51
C ASN A 344 -32.06 31.65 10.18
N THR A 345 -32.44 30.52 10.78
CA THR A 345 -33.73 29.90 10.51
C THR A 345 -34.71 30.08 11.66
N SER A 346 -34.65 31.20 12.38
CA SER A 346 -35.60 31.42 13.46
C SER A 346 -36.98 31.78 12.93
N SER A 347 -37.05 32.41 11.76
CA SER A 347 -38.35 32.82 11.22
C SER A 347 -39.12 31.66 10.62
N LEU A 348 -38.48 30.52 10.38
CA LEU A 348 -39.15 29.39 9.75
C LEU A 348 -39.67 28.37 10.75
N PHE A 349 -39.35 28.51 12.04
CA PHE A 349 -39.69 27.51 13.04
C PHE A 349 -40.26 28.18 14.29
N ASN A 350 -41.22 29.08 14.10
CA ASN A 350 -41.95 29.67 15.20
C ASN A 350 -43.45 29.42 15.12
N ARG A 351 -43.92 28.76 14.06
CA ARG A 351 -45.34 28.44 13.96
C ARG A 351 -45.73 27.42 15.04
N THR A 352 -47.00 27.48 15.44
CA THR A 352 -47.54 26.56 16.43
C THR A 352 -48.89 26.05 15.95
N TYR A 353 -49.25 24.86 16.42
CA TYR A 353 -50.47 24.18 15.97
C TYR A 353 -51.25 23.70 17.18
N MET A 354 -52.57 23.80 17.09
CA MET A 354 -53.45 23.46 18.19
C MET A 354 -54.04 22.06 18.01
N ALA A 355 -54.71 21.59 19.05
CA ALA A 355 -55.43 20.32 18.96
C ALA A 355 -56.72 20.51 18.16
N ASN A 356 -57.20 19.41 17.58
CA ASN A 356 -58.39 19.45 16.75
C ASN A 356 -58.19 20.40 15.57
N ASN A 361 -48.20 29.98 -6.01
CA ASN A 361 -47.14 29.80 -5.02
C ASN A 361 -46.14 30.94 -5.05
N SER A 362 -46.22 31.78 -6.08
CA SER A 362 -45.35 32.94 -6.20
C SER A 362 -45.93 34.13 -5.44
N THR A 363 -45.97 34.05 -4.12
CA THR A 363 -46.52 35.12 -3.31
C THR A 363 -46.03 34.98 -1.87
N ARG A 364 -45.89 36.12 -1.21
CA ARG A 364 -45.53 36.20 0.21
C ARG A 364 -44.23 35.47 0.52
N THR A 365 -43.21 35.61 -0.33
CA THR A 365 -41.96 34.91 -0.12
C THR A 365 -41.34 35.29 1.22
N ILE A 366 -40.82 34.29 1.93
CA ILE A 366 -40.11 34.53 3.18
C ILE A 366 -38.65 34.82 2.87
N THR A 367 -38.04 35.69 3.69
CA THR A 367 -36.63 36.01 3.57
C THR A 367 -35.93 35.76 4.90
N ILE A 368 -34.74 35.20 4.82
CA ILE A 368 -33.88 34.98 5.99
C ILE A 368 -32.47 35.43 5.63
N HIS A 369 -31.83 36.17 6.53
CA HIS A 369 -30.54 36.76 6.27
C HIS A 369 -29.44 35.80 6.71
N CYS A 370 -28.48 35.56 5.83
CA CYS A 370 -27.46 34.53 6.00
C CYS A 370 -26.09 35.16 6.07
N ARG A 371 -25.34 34.84 7.11
CA ARG A 371 -23.94 35.21 7.17
C ARG A 371 -23.17 34.45 6.10
N ILE A 372 -21.88 34.79 5.98
CA ILE A 372 -20.96 34.05 5.13
C ILE A 372 -19.63 33.93 5.89
N LYS A 373 -18.89 32.87 5.61
CA LYS A 373 -17.68 32.58 6.35
C LYS A 373 -16.67 31.94 5.41
N GLN A 374 -15.38 32.14 5.69
CA GLN A 374 -14.32 31.61 4.86
C GLN A 374 -13.51 30.52 5.54
N ILE A 375 -12.97 30.79 6.72
CA ILE A 375 -12.17 29.82 7.46
C ILE A 375 -13.12 28.85 8.14
N ILE A 376 -13.32 27.68 7.53
CA ILE A 376 -14.28 26.70 8.01
C ILE A 376 -13.55 25.69 8.87
N ASN A 377 -14.02 25.52 10.11
CA ASN A 377 -13.60 24.40 10.96
C ASN A 377 -14.47 23.20 10.56
N MET A 378 -14.15 22.66 9.39
CA MET A 378 -15.02 21.69 8.73
C MET A 378 -15.60 20.69 9.73
N TRP A 379 -16.90 20.42 9.58
CA TRP A 379 -17.57 19.48 10.47
C TRP A 379 -16.88 18.13 10.47
N GLN A 380 -16.16 17.80 9.39
CA GLN A 380 -15.53 16.49 9.27
C GLN A 380 -14.40 16.28 10.28
N GLU A 381 -13.88 17.35 10.88
CA GLU A 381 -12.71 17.21 11.74
C GLU A 381 -12.72 18.32 12.78
N VAL A 382 -12.00 18.07 13.87
CA VAL A 382 -11.77 19.05 14.93
C VAL A 382 -10.27 19.10 15.20
N GLY A 383 -9.76 20.31 15.38
CA GLY A 383 -8.32 20.51 15.51
C GLY A 383 -7.62 20.82 14.21
N ARG A 384 -8.38 21.07 13.13
CA ARG A 384 -7.83 21.50 11.85
C ARG A 384 -8.89 22.30 11.13
N ALA A 385 -8.47 23.09 10.16
CA ALA A 385 -9.38 24.00 9.49
C ALA A 385 -9.07 24.03 8.00
N MET A 386 -9.84 24.86 7.29
CA MET A 386 -9.71 25.06 5.86
C MET A 386 -10.04 26.50 5.54
N TYR A 387 -9.52 26.99 4.42
CA TYR A 387 -9.78 28.34 3.94
C TYR A 387 -10.40 28.24 2.55
N ALA A 388 -11.56 28.87 2.37
CA ALA A 388 -12.24 28.82 1.08
C ALA A 388 -11.94 30.09 0.30
N PRO A 389 -11.19 30.02 -0.81
CA PRO A 389 -10.81 31.24 -1.51
C PRO A 389 -12.05 31.96 -2.04
N PRO A 390 -12.02 33.28 -2.08
CA PRO A 390 -13.21 34.03 -2.52
C PRO A 390 -13.55 33.75 -3.98
N ILE A 391 -14.84 33.82 -4.29
CA ILE A 391 -15.36 33.54 -5.61
C ILE A 391 -15.86 34.85 -6.22
N ALA A 392 -15.38 35.16 -7.42
CA ALA A 392 -15.79 36.39 -8.09
C ALA A 392 -17.20 36.24 -8.66
N GLY A 393 -17.88 37.37 -8.79
CA GLY A 393 -19.21 37.40 -9.36
C GLY A 393 -20.28 36.96 -8.38
N ASN A 394 -21.46 37.57 -8.44
CA ASN A 394 -22.56 37.18 -7.58
C ASN A 394 -22.97 35.75 -7.87
N ILE A 395 -23.34 35.02 -6.81
CA ILE A 395 -23.61 33.60 -6.88
C ILE A 395 -25.07 33.37 -6.54
N THR A 396 -25.79 32.71 -7.45
CA THR A 396 -27.17 32.31 -7.22
C THR A 396 -27.25 30.79 -7.17
N CYS A 397 -28.09 30.28 -6.27
CA CYS A 397 -28.16 28.85 -6.02
C CYS A 397 -29.61 28.45 -5.77
N ILE A 398 -30.00 27.31 -6.31
CA ILE A 398 -31.34 26.78 -6.15
C ILE A 398 -31.23 25.30 -5.80
N SER A 399 -32.02 24.87 -4.80
CA SER A 399 -31.97 23.50 -4.32
C SER A 399 -33.33 23.13 -3.75
N ASN A 400 -33.55 21.84 -3.60
CA ASN A 400 -34.84 21.31 -3.17
C ASN A 400 -34.73 20.73 -1.76
N ILE A 401 -35.37 21.40 -0.80
CA ILE A 401 -35.48 20.84 0.55
C ILE A 401 -36.28 19.54 0.49
N THR A 402 -35.76 18.49 1.14
CA THR A 402 -36.47 17.23 1.21
C THR A 402 -36.38 16.57 2.59
N GLY A 403 -36.31 17.33 3.67
CA GLY A 403 -36.28 16.74 4.99
C GLY A 403 -35.97 17.76 6.05
N LEU A 404 -36.11 17.34 7.30
CA LEU A 404 -35.79 18.17 8.45
C LEU A 404 -35.13 17.31 9.53
N LEU A 405 -34.05 17.80 10.10
CA LEU A 405 -33.36 17.12 11.19
C LEU A 405 -33.81 17.72 12.53
N LEU A 406 -35.08 17.53 12.86
CA LEU A 406 -35.62 18.09 14.08
C LEU A 406 -34.99 17.44 15.31
N THR A 407 -35.35 17.98 16.47
CA THR A 407 -35.01 17.38 17.76
C THR A 407 -35.88 18.05 18.82
N ARG A 408 -36.30 17.27 19.81
CA ARG A 408 -37.30 17.74 20.76
C ARG A 408 -36.64 18.26 22.03
N CYS A 409 -37.15 19.39 22.51
CA CYS A 409 -36.62 20.06 23.70
C CYS A 409 -37.57 19.85 24.86
N TYR A 410 -37.10 20.19 26.06
CA TYR A 410 -37.88 20.02 27.29
C TYR A 410 -38.48 21.37 27.68
N GLY A 411 -39.60 21.70 27.04
CA GLY A 411 -40.30 22.91 27.39
C GLY A 411 -41.05 22.75 28.71
N LYS A 412 -41.18 23.87 29.44
CA LYS A 412 -41.87 23.83 30.72
C LYS A 412 -43.36 23.60 30.55
N ASN A 413 -43.95 24.11 29.46
CA ASN A 413 -45.38 24.00 29.26
C ASN A 413 -45.78 22.54 29.03
N ASN A 414 -47.09 22.33 28.89
CA ASN A 414 -47.67 20.99 28.74
C ASN A 414 -47.90 20.60 27.29
N THR A 415 -47.08 21.09 26.36
CA THR A 415 -47.21 20.75 24.95
C THR A 415 -45.82 20.43 24.39
N GLU A 416 -45.82 19.81 23.21
CA GLU A 416 -44.59 19.26 22.65
C GLU A 416 -43.67 20.35 22.12
N CYS A 417 -42.40 20.01 21.98
CA CYS A 417 -41.37 20.93 21.50
C CYS A 417 -40.54 20.25 20.43
N PHE A 418 -40.24 20.98 19.36
CA PHE A 418 -39.38 20.51 18.29
C PHE A 418 -38.68 21.70 17.64
N ARG A 419 -37.36 21.69 17.67
CA ARG A 419 -36.53 22.75 17.13
C ARG A 419 -35.53 22.13 16.16
N PRO A 420 -35.14 22.86 15.11
CA PRO A 420 -34.12 22.33 14.20
C PRO A 420 -32.79 22.10 14.92
N GLY A 421 -31.89 21.44 14.23
CA GLY A 421 -30.56 21.18 14.76
C GLY A 421 -30.32 19.73 15.11
N GLY A 422 -29.56 19.03 14.27
CA GLY A 422 -29.19 17.67 14.58
C GLY A 422 -28.03 17.57 15.55
N GLY A 423 -27.93 16.41 16.19
CA GLY A 423 -26.85 16.19 17.14
C GLY A 423 -25.57 15.66 16.53
N ASN A 424 -25.64 15.11 15.32
CA ASN A 424 -24.46 14.57 14.65
C ASN A 424 -24.67 14.70 13.15
N MET A 425 -23.57 14.59 12.41
CA MET A 425 -23.64 14.79 10.96
C MET A 425 -23.94 13.48 10.23
N LYS A 426 -23.93 12.35 10.93
CA LYS A 426 -24.22 11.09 10.27
C LYS A 426 -25.66 11.03 9.79
N ASP A 427 -26.56 11.78 10.42
CA ASP A 427 -27.96 11.73 10.02
C ASP A 427 -28.18 12.24 8.61
N ASN A 428 -27.23 12.97 8.04
CA ASN A 428 -27.34 13.43 6.66
C ASN A 428 -27.34 12.25 5.70
N TRP A 429 -26.44 11.28 5.93
CA TRP A 429 -26.34 10.14 5.03
C TRP A 429 -27.21 8.99 5.48
N ARG A 430 -27.75 9.03 6.70
CA ARG A 430 -28.67 8.01 7.15
C ARG A 430 -30.08 8.25 6.64
N SER A 431 -30.31 9.29 5.85
CA SER A 431 -31.57 9.50 5.17
C SER A 431 -31.57 8.96 3.75
N GLU A 432 -30.46 8.36 3.31
CA GLU A 432 -30.36 7.72 2.00
C GLU A 432 -30.08 6.23 2.10
N LEU A 433 -29.34 5.81 3.13
CA LEU A 433 -28.98 4.41 3.31
C LEU A 433 -29.80 3.78 4.42
N TYR A 434 -31.06 4.19 4.54
CA TYR A 434 -32.00 3.54 5.45
C TYR A 434 -32.71 2.36 4.80
N LYS A 435 -32.63 2.23 3.47
CA LYS A 435 -33.19 1.07 2.80
C LYS A 435 -32.27 -0.14 2.88
N TYR A 436 -30.99 0.06 2.57
CA TYR A 436 -30.09 -1.03 2.20
C TYR A 436 -29.64 -1.85 3.42
N LYS A 437 -29.14 -3.04 3.11
CA LYS A 437 -28.46 -3.90 4.07
C LYS A 437 -27.45 -4.73 3.30
N VAL A 438 -26.40 -5.17 4.00
CA VAL A 438 -25.32 -5.92 3.39
C VAL A 438 -25.19 -7.26 4.10
N VAL A 439 -25.15 -8.35 3.32
CA VAL A 439 -25.11 -9.69 3.86
C VAL A 439 -24.05 -10.50 3.12
N LYS A 440 -23.56 -11.54 3.77
CA LYS A 440 -22.62 -12.48 3.17
C LYS A 440 -23.33 -13.78 2.85
N ILE A 441 -23.17 -14.26 1.61
CA ILE A 441 -23.80 -15.50 1.20
C ILE A 441 -22.96 -16.67 1.69
N GLU A 442 -23.64 -17.75 2.09
CA GLU A 442 -23.01 -18.99 2.56
C GLU A 442 -23.54 -20.11 1.69
N PRO A 443 -22.94 -20.33 0.52
CA PRO A 443 -23.55 -21.20 -0.49
C PRO A 443 -23.36 -22.69 -0.25
N LEU A 444 -22.97 -23.10 0.95
CA LEU A 444 -22.77 -24.50 1.27
C LEU A 444 -23.84 -24.95 2.26
N GLY A 445 -24.41 -26.12 2.01
CA GLY A 445 -25.47 -26.62 2.87
C GLY A 445 -25.48 -28.14 2.88
N VAL A 446 -26.21 -28.69 3.84
CA VAL A 446 -26.34 -30.13 3.99
C VAL A 446 -27.80 -30.45 4.30
N ALA A 447 -28.31 -31.50 3.68
CA ALA A 447 -29.70 -31.89 3.85
C ALA A 447 -29.81 -33.39 3.67
N PRO A 448 -30.86 -34.02 4.20
CA PRO A 448 -31.04 -35.46 4.01
C PRO A 448 -31.78 -35.78 2.72
N THR A 449 -31.48 -36.95 2.16
CA THR A 449 -32.14 -37.40 0.94
C THR A 449 -32.09 -38.92 0.88
N ARG A 450 -32.69 -39.47 -0.17
CA ARG A 450 -32.90 -40.92 -0.27
C ARG A 450 -31.78 -41.61 -1.04
N CYS A 451 -30.57 -41.07 -1.00
CA CYS A 451 -29.46 -41.56 -1.80
C CYS A 451 -28.24 -41.88 -0.95
N LYS A 452 -27.47 -42.86 -1.40
CA LYS A 452 -26.12 -43.09 -0.92
C LYS A 452 -25.20 -43.26 -2.13
N ARG A 453 -23.94 -42.86 -1.96
CA ARG A 453 -23.02 -42.81 -3.08
C ARG A 453 -22.70 -44.20 -3.61
N ARG A 454 -22.28 -44.25 -4.88
CA ARG A 454 -21.90 -45.52 -5.48
C ARG A 454 -20.60 -46.03 -4.88
N VAL A 455 -20.39 -47.35 -5.00
CA VAL A 455 -19.23 -47.98 -4.37
C VAL A 455 -18.05 -48.09 -5.33
N VAL A 456 -18.30 -48.22 -6.63
CA VAL A 456 -17.22 -48.39 -7.60
C VAL A 456 -16.22 -47.25 -7.51
N VAL B 1 -24.62 -15.12 -20.55
CA VAL B 1 -25.96 -15.33 -19.94
C VAL B 1 -25.95 -14.87 -18.49
N PHE B 2 -27.04 -14.21 -18.07
CA PHE B 2 -27.21 -13.83 -16.69
C PHE B 2 -28.69 -13.93 -16.32
N LEU B 3 -28.94 -14.41 -15.10
CA LEU B 3 -30.31 -14.67 -14.64
C LEU B 3 -30.54 -14.10 -13.25
N GLY B 4 -30.14 -12.85 -13.03
CA GLY B 4 -30.16 -12.36 -11.67
C GLY B 4 -29.09 -13.05 -10.86
N PHE B 5 -29.21 -12.94 -9.54
CA PHE B 5 -28.24 -13.53 -8.63
C PHE B 5 -28.85 -14.33 -7.49
N LEU B 6 -30.02 -13.96 -6.99
CA LEU B 6 -30.53 -14.59 -5.78
C LEU B 6 -32.03 -14.82 -5.80
N GLY B 7 -32.66 -14.84 -6.98
CA GLY B 7 -34.11 -14.95 -7.05
C GLY B 7 -34.68 -16.19 -6.40
N ALA B 8 -33.93 -17.29 -6.41
CA ALA B 8 -34.44 -18.54 -5.86
C ALA B 8 -34.60 -18.50 -4.36
N ALA B 9 -34.03 -17.51 -3.69
CA ALA B 9 -34.21 -17.39 -2.24
C ALA B 9 -35.68 -17.12 -1.92
N GLY B 10 -36.15 -17.71 -0.84
CA GLY B 10 -37.54 -17.61 -0.46
C GLY B 10 -38.45 -18.62 -1.13
N SER B 11 -38.00 -19.29 -2.19
CA SER B 11 -38.75 -20.38 -2.78
C SER B 11 -38.42 -21.68 -2.06
N THR B 12 -39.26 -22.68 -2.29
CA THR B 12 -39.07 -23.97 -1.63
C THR B 12 -37.76 -24.62 -2.08
N MET B 13 -37.20 -25.45 -1.19
CA MET B 13 -35.88 -26.02 -1.44
C MET B 13 -35.86 -26.80 -2.75
N GLY B 14 -36.87 -27.61 -3.00
CA GLY B 14 -36.87 -28.43 -4.21
C GLY B 14 -36.77 -27.59 -5.47
N ALA B 15 -37.47 -26.46 -5.51
CA ALA B 15 -37.44 -25.62 -6.70
C ALA B 15 -36.13 -24.87 -6.82
N ALA B 16 -35.52 -24.51 -5.69
CA ALA B 16 -34.31 -23.70 -5.73
C ALA B 16 -33.08 -24.52 -6.10
N SER B 17 -33.20 -25.84 -6.09
CA SER B 17 -32.05 -26.70 -6.40
C SER B 17 -31.73 -26.74 -7.88
N MET B 18 -32.57 -26.16 -8.74
CA MET B 18 -32.32 -26.15 -10.17
C MET B 18 -31.63 -24.88 -10.64
N THR B 19 -31.47 -23.88 -9.76
CA THR B 19 -30.79 -22.63 -10.11
C THR B 19 -29.46 -22.47 -9.38
N LEU B 20 -28.81 -23.58 -9.00
CA LEU B 20 -27.59 -23.47 -8.22
C LEU B 20 -26.49 -22.73 -8.97
N THR B 21 -26.48 -22.81 -10.30
CA THR B 21 -25.37 -22.21 -11.04
C THR B 21 -25.44 -20.70 -11.04
N VAL B 22 -26.60 -20.13 -10.70
CA VAL B 22 -26.70 -18.68 -10.58
C VAL B 22 -25.94 -18.19 -9.37
N GLN B 23 -26.10 -18.86 -8.22
CA GLN B 23 -25.39 -18.47 -7.01
C GLN B 23 -23.93 -18.94 -7.02
N ALA B 24 -23.62 -19.99 -7.79
CA ALA B 24 -22.25 -20.48 -7.84
C ALA B 24 -21.36 -19.60 -8.70
N ARG B 25 -21.93 -18.98 -9.73
CA ARG B 25 -21.16 -18.14 -10.64
C ARG B 25 -20.54 -16.95 -9.91
N VAL B 53 -6.78 6.79 -6.62
CA VAL B 53 -7.05 5.36 -6.69
C VAL B 53 -7.15 4.79 -5.29
N TRP B 54 -8.18 3.99 -5.03
CA TRP B 54 -8.35 3.40 -3.71
C TRP B 54 -7.37 2.26 -3.45
N GLY B 55 -7.02 1.50 -4.47
CA GLY B 55 -5.95 0.53 -4.33
C GLY B 55 -6.19 -0.45 -3.22
N ILE B 56 -5.47 -0.27 -2.11
CA ILE B 56 -5.51 -1.21 -0.99
C ILE B 56 -6.94 -1.57 -0.59
N LYS B 57 -7.85 -0.59 -0.62
CA LYS B 57 -9.23 -0.86 -0.21
C LYS B 57 -9.87 -1.90 -1.12
N GLN B 58 -9.66 -1.80 -2.43
CA GLN B 58 -10.22 -2.77 -3.35
C GLN B 58 -9.45 -4.09 -3.32
N LEU B 59 -8.14 -4.03 -3.11
CA LEU B 59 -7.34 -5.25 -3.09
C LEU B 59 -7.72 -6.14 -1.92
N GLN B 60 -8.00 -5.53 -0.76
CA GLN B 60 -8.43 -6.34 0.38
C GLN B 60 -9.73 -7.07 0.06
N ALA B 61 -10.69 -6.39 -0.57
CA ALA B 61 -11.94 -7.04 -0.95
C ALA B 61 -11.69 -8.15 -1.96
N ARG B 62 -10.81 -7.92 -2.94
CA ARG B 62 -10.54 -8.94 -3.94
C ARG B 62 -9.94 -10.19 -3.30
N VAL B 63 -8.97 -10.01 -2.41
CA VAL B 63 -8.37 -11.15 -1.74
C VAL B 63 -9.39 -11.85 -0.86
N LEU B 64 -10.27 -11.07 -0.21
CA LEU B 64 -11.33 -11.68 0.58
C LEU B 64 -12.21 -12.58 -0.28
N ALA B 65 -12.62 -12.09 -1.45
CA ALA B 65 -13.46 -12.90 -2.33
C ALA B 65 -12.73 -14.17 -2.75
N VAL B 66 -11.47 -14.04 -3.16
CA VAL B 66 -10.73 -15.19 -3.66
C VAL B 66 -10.61 -16.25 -2.56
N GLU B 67 -10.22 -15.83 -1.36
CA GLU B 67 -9.98 -16.81 -0.31
C GLU B 67 -11.28 -17.40 0.22
N ARG B 68 -12.35 -16.61 0.28
CA ARG B 68 -13.64 -17.15 0.70
C ARG B 68 -14.16 -18.17 -0.30
N TYR B 69 -13.91 -17.96 -1.59
CA TYR B 69 -14.30 -18.96 -2.57
C TYR B 69 -13.43 -20.21 -2.44
N LEU B 70 -12.12 -20.04 -2.25
CA LEU B 70 -11.23 -21.20 -2.17
C LEU B 70 -11.54 -22.06 -0.94
N ARG B 71 -11.92 -21.43 0.17
CA ARG B 71 -12.29 -22.20 1.35
C ARG B 71 -13.41 -23.20 1.02
N ASP B 72 -14.50 -22.69 0.44
CA ASP B 72 -15.66 -23.54 0.16
C ASP B 72 -15.41 -24.47 -1.02
N GLN B 73 -14.42 -24.16 -1.86
CA GLN B 73 -14.14 -25.05 -2.98
C GLN B 73 -13.11 -26.12 -2.62
N GLN B 74 -12.40 -25.95 -1.51
CA GLN B 74 -11.54 -27.01 -1.01
C GLN B 74 -12.29 -27.91 -0.03
N LEU B 75 -13.17 -27.31 0.78
CA LEU B 75 -13.95 -28.11 1.72
C LEU B 75 -14.81 -29.13 0.99
N LEU B 76 -15.18 -28.85 -0.27
CA LEU B 76 -15.89 -29.84 -1.06
C LEU B 76 -14.93 -30.91 -1.58
N GLY B 77 -13.71 -30.53 -1.95
CA GLY B 77 -12.75 -31.51 -2.42
C GLY B 77 -12.40 -32.53 -1.36
N ILE B 78 -12.34 -32.09 -0.09
CA ILE B 78 -12.00 -33.01 1.00
C ILE B 78 -13.06 -34.10 1.16
N TRP B 79 -14.29 -33.86 0.71
CA TRP B 79 -15.39 -34.80 0.88
C TRP B 79 -15.60 -35.69 -0.33
N GLY B 80 -14.75 -35.58 -1.36
CA GLY B 80 -14.92 -36.33 -2.59
C GLY B 80 -15.79 -35.64 -3.62
N CYS B 81 -16.54 -34.61 -3.24
CA CYS B 81 -17.40 -33.88 -4.16
C CYS B 81 -16.64 -32.80 -4.92
N SER B 82 -15.63 -33.17 -5.71
CA SER B 82 -14.64 -32.20 -6.17
C SER B 82 -15.27 -31.11 -7.03
N GLY B 83 -16.18 -31.46 -7.93
CA GLY B 83 -16.72 -30.50 -8.87
C GLY B 83 -18.21 -30.62 -9.07
N LYS B 84 -18.92 -31.07 -8.05
CA LYS B 84 -20.36 -31.31 -8.13
C LYS B 84 -21.11 -30.28 -7.31
N LEU B 85 -22.07 -29.62 -7.95
CA LEU B 85 -22.97 -28.73 -7.22
C LEU B 85 -23.85 -29.51 -6.26
N ILE B 86 -24.43 -30.62 -6.73
CA ILE B 86 -25.22 -31.52 -5.90
C ILE B 86 -24.45 -32.83 -5.78
N CYS B 87 -24.24 -33.28 -4.54
CA CYS B 87 -23.37 -34.43 -4.32
C CYS B 87 -23.98 -35.28 -3.20
N CYS B 88 -24.08 -36.59 -3.46
CA CYS B 88 -24.60 -37.52 -2.48
C CYS B 88 -23.47 -38.38 -1.93
N THR B 89 -23.50 -38.63 -0.63
CA THR B 89 -22.32 -39.15 0.06
C THR B 89 -22.74 -40.14 1.13
N ASN B 90 -21.73 -40.81 1.71
CA ASN B 90 -21.94 -41.94 2.63
C ASN B 90 -21.78 -41.49 4.08
N VAL B 91 -22.88 -40.98 4.63
CA VAL B 91 -22.97 -40.69 6.06
C VAL B 91 -24.43 -40.77 6.47
N PRO B 92 -24.86 -41.85 7.14
CA PRO B 92 -26.29 -41.99 7.43
C PRO B 92 -26.79 -40.91 8.37
N TRP B 93 -28.07 -40.57 8.20
CA TRP B 93 -28.72 -39.57 9.02
C TRP B 93 -29.28 -40.18 10.30
N ASN B 94 -29.38 -39.35 11.34
CA ASN B 94 -30.01 -39.77 12.59
C ASN B 94 -30.71 -38.57 13.20
N SER B 95 -31.71 -38.85 14.03
CA SER B 95 -32.55 -37.81 14.61
C SER B 95 -31.84 -36.98 15.67
N SER B 96 -30.64 -37.34 16.11
CA SER B 96 -29.89 -36.45 17.01
C SER B 96 -29.72 -35.08 16.38
N TRP B 97 -29.51 -35.02 15.07
CA TRP B 97 -29.51 -33.76 14.34
C TRP B 97 -30.95 -33.34 14.08
N SER B 98 -31.14 -32.36 13.21
CA SER B 98 -32.49 -31.93 12.86
C SER B 98 -33.30 -33.10 12.31
N ASN B 99 -34.56 -33.18 12.72
CA ASN B 99 -35.43 -34.29 12.36
C ASN B 99 -36.68 -33.76 11.67
N ARG B 100 -36.96 -34.31 10.49
CA ARG B 100 -38.15 -33.96 9.71
C ARG B 100 -38.52 -35.16 8.87
N ASN B 101 -39.80 -35.19 8.45
CA ASN B 101 -40.19 -36.15 7.42
C ASN B 101 -39.47 -35.85 6.12
N LEU B 102 -39.38 -34.58 5.74
CA LEU B 102 -38.70 -34.12 4.54
C LEU B 102 -39.01 -35.03 3.35
N SER B 103 -40.25 -35.50 3.31
CA SER B 103 -40.83 -36.05 2.09
C SER B 103 -42.04 -35.18 1.76
N GLU B 104 -42.88 -34.95 2.78
CA GLU B 104 -43.88 -33.90 2.69
C GLU B 104 -43.27 -32.54 3.02
N ILE B 105 -42.24 -32.53 3.88
CA ILE B 105 -41.62 -31.28 4.29
C ILE B 105 -40.51 -30.85 3.35
N TRP B 106 -39.96 -31.76 2.54
CA TRP B 106 -39.05 -31.35 1.48
C TRP B 106 -39.82 -30.56 0.44
N ASP B 107 -39.23 -29.47 -0.03
CA ASP B 107 -39.92 -28.53 -0.92
C ASP B 107 -41.05 -27.82 -0.19
N ASN B 108 -40.99 -27.79 1.14
CA ASN B 108 -41.91 -27.03 1.98
C ASN B 108 -41.22 -25.86 2.66
N MET B 109 -40.14 -26.13 3.39
CA MET B 109 -39.31 -25.06 3.93
C MET B 109 -38.50 -24.41 2.81
N THR B 110 -38.17 -23.14 3.01
CA THR B 110 -37.19 -22.48 2.17
C THR B 110 -35.82 -22.56 2.83
N TRP B 111 -34.77 -22.36 2.02
CA TRP B 111 -33.42 -22.65 2.49
C TRP B 111 -33.09 -21.92 3.76
N LEU B 112 -33.66 -20.73 3.98
CA LEU B 112 -33.33 -19.95 5.16
C LEU B 112 -33.78 -20.63 6.44
N GLN B 113 -35.03 -21.07 6.49
CA GLN B 113 -35.51 -21.77 7.68
C GLN B 113 -34.71 -23.05 7.91
N TRP B 114 -34.39 -23.77 6.83
CA TRP B 114 -33.62 -24.99 6.98
C TRP B 114 -32.24 -24.70 7.56
N ASP B 115 -31.59 -23.63 7.08
CA ASP B 115 -30.29 -23.27 7.63
C ASP B 115 -30.41 -22.89 9.10
N LYS B 116 -31.45 -22.15 9.46
CA LYS B 116 -31.68 -21.82 10.87
C LYS B 116 -31.98 -23.07 11.68
N GLU B 117 -32.38 -24.16 11.02
CA GLU B 117 -32.72 -25.39 11.73
C GLU B 117 -31.49 -26.25 11.98
N ILE B 118 -30.75 -26.57 10.90
CA ILE B 118 -29.68 -27.55 11.00
C ILE B 118 -28.32 -26.93 11.31
N SER B 119 -28.25 -25.61 11.52
CA SER B 119 -26.98 -24.97 11.78
C SER B 119 -26.33 -25.46 13.06
N ASN B 120 -27.07 -26.17 13.91
CA ASN B 120 -26.54 -26.62 15.19
C ASN B 120 -25.50 -27.74 15.03
N TYR B 121 -25.53 -28.49 13.93
CA TYR B 121 -24.79 -29.74 13.84
C TYR B 121 -23.87 -29.88 12.64
N THR B 122 -23.64 -28.82 11.87
CA THR B 122 -22.77 -28.94 10.70
C THR B 122 -21.33 -29.28 11.10
N GLN B 123 -20.85 -28.67 12.19
CA GLN B 123 -19.49 -28.92 12.64
C GLN B 123 -19.28 -30.40 12.95
N ILE B 124 -20.34 -31.15 13.20
CA ILE B 124 -20.24 -32.58 13.41
C ILE B 124 -20.24 -33.32 12.09
N ILE B 125 -21.11 -32.89 11.17
CA ILE B 125 -21.27 -33.59 9.89
C ILE B 125 -19.98 -33.54 9.08
N TYR B 126 -19.25 -32.43 9.19
CA TYR B 126 -18.06 -32.28 8.36
C TYR B 126 -17.01 -33.36 8.68
N GLY B 127 -16.80 -33.67 9.96
CA GLY B 127 -15.83 -34.69 10.30
C GLY B 127 -16.24 -36.06 9.79
N LEU B 128 -17.52 -36.40 9.91
CA LEU B 128 -18.01 -37.66 9.38
C LEU B 128 -17.75 -37.76 7.88
N LEU B 129 -18.04 -36.69 7.14
CA LEU B 129 -17.80 -36.70 5.70
C LEU B 129 -16.33 -36.88 5.39
N GLU B 130 -15.46 -36.19 6.16
CA GLU B 130 -14.02 -36.31 5.93
C GLU B 130 -13.55 -37.75 6.12
N GLU B 131 -13.97 -38.38 7.23
CA GLU B 131 -13.55 -39.75 7.48
C GLU B 131 -14.09 -40.69 6.41
N SER B 132 -15.33 -40.47 5.98
CA SER B 132 -15.88 -41.31 4.91
C SER B 132 -15.07 -41.19 3.64
N GLN B 133 -14.65 -39.98 3.26
CA GLN B 133 -13.85 -39.82 2.06
C GLN B 133 -12.49 -40.51 2.20
N ASN B 134 -11.87 -40.38 3.38
CA ASN B 134 -10.60 -41.06 3.59
C ASN B 134 -10.75 -42.56 3.43
N GLN B 135 -11.84 -43.13 3.96
CA GLN B 135 -12.08 -44.56 3.80
C GLN B 135 -12.12 -44.94 2.32
N GLN B 136 -12.87 -44.19 1.51
CA GLN B 136 -13.00 -44.53 0.10
C GLN B 136 -11.66 -44.45 -0.61
N GLU B 137 -10.88 -43.40 -0.34
CA GLU B 137 -9.60 -43.28 -1.01
C GLU B 137 -8.65 -44.42 -0.63
N LYS B 138 -8.61 -44.77 0.65
CA LYS B 138 -7.76 -45.88 1.07
C LYS B 138 -8.21 -47.18 0.43
N ASN B 139 -9.53 -47.41 0.38
CA ASN B 139 -10.04 -48.63 -0.22
C ASN B 139 -9.68 -48.72 -1.69
N GLU B 140 -9.82 -47.61 -2.43
CA GLU B 140 -9.47 -47.63 -3.85
C GLU B 140 -7.99 -47.90 -4.03
N GLN B 141 -7.14 -47.27 -3.22
CA GLN B 141 -5.71 -47.52 -3.33
C GLN B 141 -5.37 -48.98 -3.02
N ASP B 142 -6.04 -49.59 -2.05
CA ASP B 142 -5.76 -50.99 -1.72
C ASP B 142 -6.23 -51.93 -2.82
N LEU B 143 -7.46 -51.74 -3.31
CA LEU B 143 -8.02 -52.69 -4.26
C LEU B 143 -7.22 -52.73 -5.56
N LEU B 144 -6.83 -51.56 -6.07
CA LEU B 144 -6.12 -51.53 -7.34
C LEU B 144 -4.69 -52.08 -7.23
N ALA B 145 -4.21 -52.33 -6.02
CA ALA B 145 -2.92 -53.02 -5.88
C ALA B 145 -2.97 -54.44 -6.42
N LEU B 146 -4.16 -55.03 -6.51
CA LEU B 146 -4.36 -56.36 -7.08
C LEU B 146 -4.54 -56.32 -8.59
N ASP B 147 -4.70 -55.13 -9.18
CA ASP B 147 -4.87 -55.00 -10.62
C ASP B 147 -3.63 -55.46 -11.36
N GLU C 1 9.64 -55.39 -9.53
CA GLU C 1 8.60 -55.67 -10.56
C GLU C 1 7.22 -55.26 -10.08
N ASN C 2 6.36 -54.84 -11.01
CA ASN C 2 4.98 -54.46 -10.72
C ASN C 2 4.91 -53.32 -9.71
N LEU C 3 5.86 -52.38 -9.77
CA LEU C 3 5.84 -51.19 -8.93
C LEU C 3 5.66 -49.96 -9.81
N TRP C 4 4.72 -49.10 -9.43
CA TRP C 4 4.42 -47.90 -10.21
C TRP C 4 4.39 -46.70 -9.28
N VAL C 5 4.49 -45.52 -9.89
CA VAL C 5 4.49 -44.27 -9.13
C VAL C 5 3.12 -44.05 -8.53
N THR C 6 3.09 -43.43 -7.36
CA THR C 6 1.86 -42.93 -6.76
C THR C 6 2.17 -41.65 -6.00
N VAL C 7 1.31 -40.65 -6.18
CA VAL C 7 1.54 -39.31 -5.66
C VAL C 7 0.60 -39.08 -4.47
N TYR C 8 1.18 -38.72 -3.33
CA TYR C 8 0.45 -38.40 -2.12
C TYR C 8 0.37 -36.88 -1.96
N TYR C 9 -0.72 -36.41 -1.37
CA TYR C 9 -0.89 -35.01 -1.03
C TYR C 9 -1.21 -34.92 0.45
N GLY C 10 -0.75 -33.83 1.07
CA GLY C 10 -0.82 -33.74 2.51
C GLY C 10 0.28 -34.47 3.23
N VAL C 11 1.38 -34.80 2.53
CA VAL C 11 2.50 -35.47 3.18
C VAL C 11 3.07 -34.57 4.26
N PRO C 12 3.35 -35.07 5.47
CA PRO C 12 3.95 -34.21 6.50
C PRO C 12 5.47 -34.12 6.38
N VAL C 13 5.95 -33.25 5.49
CA VAL C 13 7.39 -33.00 5.35
C VAL C 13 7.61 -31.50 5.25
N TRP C 14 8.82 -31.06 5.54
CA TRP C 14 9.11 -29.63 5.65
C TRP C 14 10.56 -29.36 5.28
N LYS C 15 10.86 -28.08 5.05
CA LYS C 15 12.22 -27.62 4.78
C LYS C 15 12.35 -26.18 5.25
N GLU C 16 13.51 -25.85 5.81
CA GLU C 16 13.72 -24.52 6.37
C GLU C 16 13.64 -23.46 5.27
N ALA C 17 13.09 -22.30 5.62
CA ALA C 17 13.03 -21.18 4.69
C ALA C 17 12.53 -19.94 5.42
N LYS C 18 13.01 -18.79 4.97
CA LYS C 18 12.56 -17.52 5.54
C LYS C 18 11.20 -17.14 4.99
N THR C 19 10.42 -16.43 5.79
CA THR C 19 9.09 -15.99 5.38
C THR C 19 8.68 -14.76 6.17
N THR C 20 7.58 -14.16 5.76
CA THR C 20 7.02 -12.99 6.44
C THR C 20 6.06 -13.45 7.52
N LEU C 21 6.39 -13.15 8.78
CA LEU C 21 5.62 -13.64 9.92
C LEU C 21 4.59 -12.61 10.36
N PHE C 22 3.37 -13.08 10.60
CA PHE C 22 2.34 -12.22 11.18
C PHE C 22 2.87 -11.54 12.43
N CYS C 23 2.28 -10.40 12.75
CA CYS C 23 2.48 -9.74 14.04
C CYS C 23 1.13 -9.67 14.73
N ALA C 24 1.07 -10.19 15.96
CA ALA C 24 -0.17 -10.28 16.70
C ALA C 24 -0.02 -9.57 18.05
N SER C 25 -1.13 -9.48 18.77
CA SER C 25 -1.16 -8.85 20.08
C SER C 25 -2.23 -9.50 20.95
N ASP C 26 -2.02 -9.44 22.25
CA ASP C 26 -2.98 -10.00 23.20
C ASP C 26 -4.32 -9.29 23.07
N ALA C 27 -5.40 -10.06 23.19
CA ALA C 27 -6.73 -9.47 23.21
C ALA C 27 -6.90 -8.48 24.37
N LYS C 28 -6.08 -8.62 25.41
CA LYS C 28 -6.02 -7.64 26.50
C LYS C 28 -5.15 -6.49 26.04
N ALA C 29 -5.73 -5.61 25.25
CA ALA C 29 -4.98 -4.54 24.59
C ALA C 29 -4.71 -3.40 25.56
N TYR C 30 -4.00 -2.39 25.05
CA TYR C 30 -3.82 -1.15 25.79
C TYR C 30 -5.18 -0.49 26.01
N GLU C 31 -5.65 -0.48 27.26
CA GLU C 31 -7.03 -0.14 27.57
C GLU C 31 -7.16 1.13 28.40
N LYS C 32 -6.29 2.12 28.17
CA LYS C 32 -6.53 3.45 28.72
C LYS C 32 -7.40 4.22 27.74
N GLU C 33 -8.57 3.65 27.43
CA GLU C 33 -9.43 4.11 26.34
C GLU C 33 -8.83 3.79 24.97
N VAL C 34 -7.84 2.92 24.92
CA VAL C 34 -7.29 2.41 23.66
C VAL C 34 -6.80 3.58 22.81
N HIS C 35 -5.95 4.42 23.38
CA HIS C 35 -5.37 5.51 22.61
C HIS C 35 -4.13 5.05 21.85
N ASN C 36 -4.27 3.95 21.11
CA ASN C 36 -3.35 3.57 20.05
C ASN C 36 -1.89 3.49 20.54
N VAL C 37 -1.64 2.54 21.44
CA VAL C 37 -0.27 2.10 21.66
C VAL C 37 0.15 1.23 20.48
N TRP C 38 1.42 1.34 20.09
CA TRP C 38 1.84 0.82 18.79
C TRP C 38 1.50 -0.66 18.63
N ALA C 39 1.65 -1.45 19.70
CA ALA C 39 1.51 -2.89 19.57
C ALA C 39 0.15 -3.30 19.01
N THR C 40 -0.92 -3.01 19.73
CA THR C 40 -2.25 -3.43 19.29
C THR C 40 -2.85 -2.50 18.24
N HIS C 41 -2.38 -1.26 18.14
CA HIS C 41 -2.91 -0.34 17.14
C HIS C 41 -2.60 -0.84 15.74
N ALA C 42 -1.41 -1.41 15.54
CA ALA C 42 -0.98 -1.87 14.23
C ALA C 42 -1.06 -3.38 14.09
N CYS C 43 -0.47 -4.13 15.03
CA CYS C 43 -0.55 -5.58 15.02
C CYS C 43 -1.91 -6.03 15.57
N VAL C 44 -2.93 -5.84 14.72
CA VAL C 44 -4.31 -5.98 15.18
C VAL C 44 -4.67 -7.41 15.57
N PRO C 45 -4.33 -8.45 14.81
CA PRO C 45 -4.93 -9.77 15.05
C PRO C 45 -4.72 -10.22 16.49
N THR C 46 -5.75 -10.87 17.05
CA THR C 46 -5.92 -11.02 18.48
C THR C 46 -5.65 -12.46 18.93
N ASP C 47 -4.70 -12.61 19.85
CA ASP C 47 -4.50 -13.79 20.69
C ASP C 47 -4.79 -15.11 19.99
N PRO C 48 -4.01 -15.49 18.99
CA PRO C 48 -4.07 -16.88 18.49
C PRO C 48 -3.55 -17.86 19.52
N ASN C 49 -4.41 -18.75 20.00
CA ASN C 49 -4.03 -19.66 21.07
C ASN C 49 -2.91 -20.59 20.62
N PRO C 50 -1.83 -20.75 21.40
CA PRO C 50 -0.77 -21.68 21.00
C PRO C 50 -1.14 -23.13 21.24
N GLN C 51 -1.83 -23.74 20.27
CA GLN C 51 -2.22 -25.14 20.38
C GLN C 51 -1.01 -26.04 20.10
N GLU C 52 -0.16 -26.21 21.10
CA GLU C 52 1.06 -26.99 20.93
C GLU C 52 0.71 -28.44 20.66
N MET C 53 1.42 -29.06 19.72
CA MET C 53 1.20 -30.45 19.32
C MET C 53 2.55 -31.14 19.22
N VAL C 54 2.91 -31.89 20.25
CA VAL C 54 4.20 -32.55 20.32
C VAL C 54 4.35 -33.48 19.11
N LEU C 55 5.58 -33.70 18.68
CA LEU C 55 5.89 -34.58 17.57
C LEU C 55 6.72 -35.76 18.09
N LYS C 56 6.25 -36.98 17.81
CA LYS C 56 6.93 -38.17 18.30
C LYS C 56 8.18 -38.44 17.47
N ASN C 57 9.28 -38.74 18.17
CA ASN C 57 10.50 -39.27 17.57
C ASN C 57 11.09 -38.35 16.49
N VAL C 58 10.94 -37.04 16.61
CA VAL C 58 11.51 -36.13 15.63
C VAL C 58 12.86 -35.63 16.12
N THR C 59 13.81 -35.52 15.20
CA THR C 59 15.12 -34.95 15.47
C THR C 59 15.35 -33.80 14.50
N GLU C 60 15.47 -32.59 15.03
CA GLU C 60 15.51 -31.39 14.22
C GLU C 60 16.69 -30.52 14.64
N ASN C 61 17.26 -29.80 13.68
CA ASN C 61 18.40 -28.93 13.95
C ASN C 61 17.92 -27.51 14.29
N PHE C 62 18.66 -26.86 15.17
CA PHE C 62 18.40 -25.47 15.52
C PHE C 62 19.71 -24.68 15.46
N ASN C 63 19.60 -23.41 15.13
CA ASN C 63 20.74 -22.50 15.19
C ASN C 63 20.27 -21.09 15.53
N MET C 64 20.32 -20.74 16.82
CA MET C 64 19.82 -19.43 17.25
C MET C 64 20.65 -18.31 16.67
N TRP C 65 21.97 -18.47 16.60
CA TRP C 65 22.84 -17.37 16.22
C TRP C 65 22.73 -16.99 14.74
N LYS C 66 21.91 -17.71 13.96
CA LYS C 66 21.68 -17.31 12.59
C LYS C 66 20.23 -17.50 12.14
N ASN C 67 19.25 -17.46 13.04
CA ASN C 67 17.90 -17.77 12.66
C ASN C 67 17.25 -16.59 11.95
N ASP C 68 16.14 -16.87 11.28
CA ASP C 68 15.44 -15.89 10.45
C ASP C 68 14.55 -14.96 11.25
N MET C 69 14.09 -15.37 12.43
CA MET C 69 13.08 -14.64 13.17
C MET C 69 13.63 -13.41 13.88
N VAL C 70 14.88 -13.45 14.34
CA VAL C 70 15.41 -12.34 15.12
C VAL C 70 15.48 -11.06 14.29
N ASP C 71 15.90 -11.17 13.03
CA ASP C 71 15.98 -9.99 12.18
C ASP C 71 14.61 -9.36 11.97
N GLN C 72 13.58 -10.17 11.75
CA GLN C 72 12.23 -9.62 11.64
C GLN C 72 11.82 -8.91 12.92
N MET C 73 12.14 -9.49 14.07
CA MET C 73 11.80 -8.85 15.34
C MET C 73 12.49 -7.51 15.46
N HIS C 74 13.77 -7.43 15.10
CA HIS C 74 14.49 -6.18 15.21
C HIS C 74 13.94 -5.13 14.25
N GLU C 75 13.68 -5.52 13.01
CA GLU C 75 13.13 -4.57 12.05
C GLU C 75 11.77 -4.05 12.50
N ASP C 76 10.91 -4.95 12.99
CA ASP C 76 9.60 -4.52 13.45
C ASP C 76 9.71 -3.60 14.66
N VAL C 77 10.62 -3.92 15.60
CA VAL C 77 10.79 -3.07 16.77
C VAL C 77 11.29 -1.69 16.38
N ILE C 78 12.26 -1.60 15.48
CA ILE C 78 12.73 -0.29 15.04
C ILE C 78 11.61 0.46 14.34
N SER C 79 10.88 -0.21 13.45
CA SER C 79 9.90 0.47 12.62
C SER C 79 8.71 0.95 13.45
N LEU C 80 8.32 0.21 14.47
CA LEU C 80 7.16 0.59 15.26
C LEU C 80 7.36 1.91 15.99
N TRP C 81 8.61 2.29 16.25
CA TRP C 81 8.87 3.60 16.87
C TRP C 81 8.70 4.73 15.86
N ASP C 82 9.15 4.51 14.62
CA ASP C 82 9.00 5.56 13.61
C ASP C 82 7.53 5.84 13.32
N GLN C 83 6.72 4.79 13.22
CA GLN C 83 5.30 4.98 12.92
C GLN C 83 4.54 5.65 14.05
N SER C 84 5.15 5.78 15.23
CA SER C 84 4.48 6.42 16.36
C SER C 84 5.06 7.79 16.71
N LEU C 85 6.27 8.11 16.29
CA LEU C 85 6.83 9.43 16.54
C LEU C 85 6.55 10.43 15.42
N LYS C 86 6.03 9.96 14.29
CA LYS C 86 5.79 10.85 13.14
C LYS C 86 4.86 12.01 13.45
N PRO C 87 3.70 11.83 14.08
CA PRO C 87 2.80 12.96 14.30
C PRO C 87 3.23 13.90 15.43
N CYS C 88 4.14 13.48 16.30
CA CYS C 88 4.47 14.28 17.47
C CYS C 88 5.24 15.54 17.07
N VAL C 89 5.28 16.50 17.99
CA VAL C 89 5.85 17.81 17.70
C VAL C 89 7.34 17.70 17.44
N LYS C 90 7.81 18.38 16.39
CA LYS C 90 9.24 18.53 16.18
C LYS C 90 9.76 19.67 17.05
N LEU C 91 10.96 19.50 17.61
CA LEU C 91 11.60 20.53 18.41
C LEU C 91 12.67 21.29 17.63
N THR C 92 12.56 21.35 16.31
CA THR C 92 13.48 22.17 15.53
C THR C 92 13.45 23.63 15.93
N PRO C 93 12.29 24.26 16.16
CA PRO C 93 12.30 25.68 16.57
C PRO C 93 13.03 25.94 17.87
N LEU C 94 13.27 24.90 18.68
CA LEU C 94 13.87 25.07 19.99
C LEU C 94 15.40 25.02 19.98
N CYS C 95 16.01 24.68 18.84
CA CYS C 95 17.47 24.63 18.77
C CYS C 95 18.03 26.03 18.59
N VAL C 96 17.95 26.85 19.64
CA VAL C 96 18.46 28.20 19.62
C VAL C 96 19.54 28.33 20.70
N THR C 97 20.30 29.41 20.66
CA THR C 97 21.31 29.64 21.70
C THR C 97 20.61 29.84 23.04
N LEU C 98 21.24 29.36 24.11
CA LEU C 98 20.67 29.41 25.45
C LEU C 98 21.57 30.20 26.39
N ASN C 99 20.95 30.98 27.26
CA ASN C 99 21.66 31.65 28.35
C ASN C 99 21.26 30.94 29.64
N CYS C 100 22.19 30.17 30.20
CA CYS C 100 21.85 29.18 31.21
C CYS C 100 22.80 29.30 32.40
N THR C 101 22.27 29.08 33.60
CA THR C 101 23.03 29.19 34.84
C THR C 101 22.67 28.03 35.75
N ASN C 102 23.24 28.04 36.95
CA ASN C 102 23.00 26.97 37.92
C ASN C 102 21.57 27.04 38.45
N ALA C 103 21.03 25.88 38.83
CA ALA C 103 19.71 25.81 39.42
C ALA C 103 19.82 25.67 40.94
N THR C 104 18.67 25.76 41.61
CA THR C 104 18.62 25.66 43.06
C THR C 104 17.29 25.05 43.49
N ALA C 105 17.37 24.05 44.36
CA ALA C 105 16.19 23.49 45.01
C ALA C 105 15.80 24.33 46.21
N SER C 106 14.90 23.82 47.06
CA SER C 106 14.43 24.56 48.21
C SER C 106 15.62 25.04 49.05
N ASN C 107 15.38 26.12 49.80
CA ASN C 107 16.39 26.76 50.65
C ASN C 107 17.59 27.26 49.84
N SER C 108 17.39 27.54 48.56
CA SER C 108 18.45 28.04 47.68
C SER C 108 19.65 27.10 47.64
N SER C 109 19.43 25.80 47.82
CA SER C 109 20.52 24.83 47.78
C SER C 109 20.81 24.45 46.33
N ILE C 110 22.07 24.57 45.92
CA ILE C 110 22.44 24.25 44.55
C ILE C 110 22.16 22.77 44.29
N ILE C 111 21.56 22.49 43.14
CA ILE C 111 21.22 21.13 42.74
C ILE C 111 22.18 20.71 41.63
N GLU C 112 22.87 19.60 41.84
CA GLU C 112 23.85 19.14 40.87
C GLU C 112 23.18 18.38 39.74
N GLY C 113 23.72 18.54 38.54
CA GLY C 113 23.18 17.89 37.36
C GLY C 113 22.05 18.62 36.68
N MET C 114 21.73 19.84 37.09
CA MET C 114 20.69 20.63 36.47
C MET C 114 21.23 22.03 36.17
N LYS C 115 20.60 22.70 35.21
CA LYS C 115 20.98 24.04 34.82
C LYS C 115 19.75 24.79 34.33
N ASN C 116 19.47 25.93 34.96
CA ASN C 116 18.30 26.74 34.63
C ASN C 116 18.60 27.57 33.39
N CYS C 117 18.05 27.14 32.25
CA CYS C 117 18.29 27.79 30.98
C CYS C 117 17.09 28.68 30.62
N SER C 118 17.33 29.68 29.77
CA SER C 118 16.28 30.53 29.23
C SER C 118 16.63 30.86 27.78
N PHE C 119 15.60 31.02 26.94
CA PHE C 119 15.80 31.12 25.51
C PHE C 119 14.65 31.89 24.87
N ASN C 120 14.89 32.34 23.64
CA ASN C 120 13.88 33.07 22.88
C ASN C 120 13.13 32.11 21.95
N ILE C 121 11.80 32.18 21.96
CA ILE C 121 10.96 31.28 21.17
C ILE C 121 9.80 32.08 20.61
N THR C 122 9.34 31.68 19.43
CA THR C 122 8.22 32.35 18.77
C THR C 122 6.90 31.85 19.35
N THR C 123 5.99 32.78 19.63
CA THR C 123 4.71 32.46 20.24
C THR C 123 3.69 32.17 19.14
N GLU C 124 2.41 32.10 19.51
CA GLU C 124 1.35 31.85 18.53
C GLU C 124 1.40 32.82 17.37
N LEU C 125 1.72 34.09 17.62
CA LEU C 125 1.89 35.09 16.59
C LEU C 125 3.34 35.04 16.11
N ARG C 126 3.53 34.82 14.81
CA ARG C 126 4.86 34.58 14.26
C ARG C 126 5.74 35.83 14.25
N ASP C 127 5.19 37.01 14.53
CA ASP C 127 5.97 38.22 14.62
C ASP C 127 6.47 38.53 16.03
N LYS C 128 6.02 37.78 17.03
CA LYS C 128 6.37 38.01 18.42
C LYS C 128 7.13 36.80 18.96
N ARG C 129 8.20 37.06 19.71
CA ARG C 129 8.93 36.03 20.42
C ARG C 129 9.29 36.53 21.80
N GLU C 130 9.35 35.62 22.76
CA GLU C 130 9.51 35.96 24.16
C GLU C 130 10.59 35.10 24.79
N LYS C 131 10.98 35.45 26.01
CA LYS C 131 12.03 34.75 26.74
C LYS C 131 11.40 33.81 27.76
N LYS C 132 11.35 32.52 27.41
CA LYS C 132 10.90 31.50 28.35
C LYS C 132 12.09 30.91 29.10
N ASN C 133 11.82 29.91 29.93
CA ASN C 133 12.88 29.26 30.70
C ASN C 133 12.45 27.87 31.10
N ALA C 134 13.43 26.96 31.12
CA ALA C 134 13.22 25.58 31.53
C ALA C 134 14.55 25.02 32.00
N LEU C 135 14.49 23.89 32.69
CA LEU C 135 15.65 23.26 33.31
C LEU C 135 16.00 21.98 32.56
N PHE C 136 17.26 21.90 32.11
CA PHE C 136 17.75 20.75 31.38
C PHE C 136 18.82 20.04 32.19
N TYR C 137 18.84 18.71 32.08
CA TYR C 137 19.91 17.94 32.67
C TYR C 137 21.23 18.31 32.01
N LYS C 138 22.33 18.17 32.75
CA LYS C 138 23.62 18.51 32.18
C LYS C 138 23.97 17.65 30.97
N LEU C 139 23.35 16.48 30.85
CA LEU C 139 23.65 15.58 29.74
C LEU C 139 22.87 15.92 28.48
N ASP C 140 21.84 16.75 28.58
CA ASP C 140 21.12 17.24 27.42
C ASP C 140 21.71 18.53 26.87
N ILE C 141 22.81 19.00 27.42
CA ILE C 141 23.35 20.33 27.14
C ILE C 141 24.85 20.22 26.89
N VAL C 142 25.31 20.89 25.83
CA VAL C 142 26.73 20.97 25.51
C VAL C 142 27.13 22.44 25.51
N GLN C 143 28.18 22.76 26.26
CA GLN C 143 28.62 24.14 26.37
C GLN C 143 29.15 24.63 25.03
N LEU C 144 28.69 25.80 24.61
CA LEU C 144 29.20 26.42 23.39
C LEU C 144 30.65 26.80 23.59
N ASP C 145 31.44 26.67 22.52
CA ASP C 145 32.88 26.95 22.58
C ASP C 145 33.08 28.46 22.62
N GLY C 146 32.96 29.01 23.82
CA GLY C 146 33.06 30.44 24.02
C GLY C 146 32.83 30.82 25.47
N ASN C 147 31.97 31.81 25.70
CA ASN C 147 31.66 32.21 27.06
C ASN C 147 31.01 31.06 27.81
N SER C 148 31.28 30.97 29.11
CA SER C 148 30.84 29.81 29.90
C SER C 148 29.34 29.79 30.14
N SER C 149 28.62 30.85 29.80
CA SER C 149 27.19 30.93 30.06
C SER C 149 26.32 30.62 28.85
N GLN C 150 26.92 30.26 27.73
CA GLN C 150 26.18 29.94 26.51
C GLN C 150 26.14 28.44 26.33
N TYR C 151 24.97 27.91 25.96
CA TYR C 151 24.76 26.48 25.83
C TYR C 151 23.86 26.19 24.65
N ARG C 152 23.86 24.93 24.23
CA ARG C 152 23.08 24.47 23.08
C ARG C 152 22.70 23.02 23.29
N LEU C 153 21.52 22.64 22.81
CA LEU C 153 21.06 21.27 22.99
C LEU C 153 22.07 20.30 22.39
N ILE C 154 22.27 19.17 23.07
CA ILE C 154 23.35 18.26 22.71
C ILE C 154 23.16 17.71 21.31
N ASN C 155 21.91 17.43 20.93
CA ASN C 155 21.67 16.66 19.72
C ASN C 155 21.31 17.52 18.51
N CYS C 156 20.97 18.79 18.71
CA CYS C 156 20.44 19.58 17.60
C CYS C 156 21.53 20.18 16.72
N ASN C 157 22.76 19.66 16.77
CA ASN C 157 23.77 19.98 15.78
C ASN C 157 24.16 18.78 14.92
N THR C 158 23.41 17.69 14.99
CA THR C 158 23.64 16.53 14.12
C THR C 158 22.37 16.09 13.43
N SER C 159 21.22 16.19 14.12
CA SER C 159 19.99 15.63 13.59
C SER C 159 18.80 16.32 14.24
N VAL C 160 17.61 15.96 13.74
CA VAL C 160 16.37 16.53 14.25
C VAL C 160 15.97 15.85 15.55
N ILE C 161 15.07 16.48 16.29
CA ILE C 161 14.54 15.95 17.54
C ILE C 161 13.02 15.98 17.46
N THR C 162 12.37 14.95 17.99
CA THR C 162 10.92 14.89 18.07
C THR C 162 10.49 14.44 19.45
N GLN C 163 9.59 15.20 20.06
CA GLN C 163 9.10 14.85 21.38
C GLN C 163 8.23 13.60 21.30
N ALA C 164 8.26 12.80 22.36
CA ALA C 164 7.43 11.60 22.41
C ALA C 164 6.04 11.97 22.90
N CYS C 165 5.03 11.58 22.15
CA CYS C 165 3.66 11.95 22.48
C CYS C 165 3.27 11.34 23.82
N PRO C 166 2.83 12.13 24.80
CA PRO C 166 2.50 11.54 26.11
C PRO C 166 1.37 10.53 26.05
N LYS C 167 0.50 10.61 25.04
CA LYS C 167 -0.69 9.75 25.01
C LYS C 167 -0.40 8.36 24.46
N VAL C 168 0.82 8.10 24.00
CA VAL C 168 1.18 6.80 23.43
C VAL C 168 2.27 6.17 24.28
N SER C 169 2.25 6.44 25.59
CA SER C 169 3.26 5.95 26.51
C SER C 169 3.69 4.53 26.16
N PHE C 170 4.99 4.34 25.99
CA PHE C 170 5.52 3.04 25.62
C PHE C 170 5.47 2.07 26.78
N ASP C 171 5.31 0.78 26.48
CA ASP C 171 5.20 -0.25 27.51
C ASP C 171 5.48 -1.60 26.86
N PRO C 172 6.14 -2.53 27.55
CA PRO C 172 6.36 -3.86 26.97
C PRO C 172 5.10 -4.73 26.89
N ILE C 173 4.21 -4.43 25.95
CA ILE C 173 3.06 -5.30 25.71
C ILE C 173 3.55 -6.55 24.97
N PRO C 174 3.16 -7.76 25.38
CA PRO C 174 3.69 -8.96 24.70
C PRO C 174 3.28 -8.99 23.24
N ILE C 175 4.12 -9.63 22.42
CA ILE C 175 3.94 -9.71 20.98
C ILE C 175 4.04 -11.17 20.57
N HIS C 176 3.02 -11.67 19.87
CA HIS C 176 2.95 -13.05 19.41
C HIS C 176 3.28 -13.09 17.92
N TYR C 177 4.22 -13.95 17.54
CA TYR C 177 4.60 -14.13 16.15
C TYR C 177 4.00 -15.43 15.61
N CYS C 178 3.22 -15.32 14.54
CA CYS C 178 2.56 -16.46 13.94
C CYS C 178 2.95 -16.56 12.47
N ALA C 179 3.24 -17.77 12.02
CA ALA C 179 3.55 -17.97 10.61
C ALA C 179 2.27 -18.01 9.79
N PRO C 180 2.32 -17.58 8.54
CA PRO C 180 1.11 -17.58 7.70
C PRO C 180 0.75 -18.99 7.27
N ALA C 181 -0.43 -19.11 6.67
CA ALA C 181 -0.91 -20.42 6.24
C ALA C 181 0.10 -21.05 5.28
N GLY C 182 0.44 -22.30 5.55
CA GLY C 182 1.43 -23.03 4.80
C GLY C 182 2.71 -23.32 5.57
N TYR C 183 3.13 -22.39 6.41
CA TYR C 183 4.33 -22.57 7.22
C TYR C 183 3.98 -23.11 8.59
N ALA C 184 5.00 -23.40 9.40
CA ALA C 184 4.81 -23.95 10.73
C ALA C 184 5.99 -23.56 11.61
N ILE C 185 5.69 -23.07 12.81
CA ILE C 185 6.70 -22.62 13.77
C ILE C 185 7.00 -23.76 14.72
N LEU C 186 8.10 -24.46 14.48
CA LEU C 186 8.56 -25.49 15.41
C LEU C 186 9.15 -24.85 16.65
N LYS C 187 9.63 -25.69 17.57
CA LYS C 187 10.35 -25.22 18.73
C LYS C 187 10.92 -26.41 19.49
N CYS C 188 11.84 -26.13 20.41
CA CYS C 188 12.53 -27.16 21.18
C CYS C 188 12.05 -27.15 22.62
N ASN C 189 11.87 -28.34 23.18
CA ASN C 189 11.44 -28.49 24.56
C ASN C 189 12.53 -29.05 25.47
N ASN C 190 13.65 -29.51 24.90
CA ASN C 190 14.77 -29.98 25.70
C ASN C 190 15.20 -28.87 26.64
N LYS C 191 15.01 -29.06 27.94
CA LYS C 191 15.17 -27.99 28.91
C LYS C 191 16.63 -27.68 29.26
N THR C 192 17.59 -28.34 28.60
CA THR C 192 19.00 -27.99 28.74
C THR C 192 19.64 -27.73 27.38
N PHE C 193 18.83 -27.44 26.37
CA PHE C 193 19.35 -27.14 25.05
C PHE C 193 20.20 -25.88 25.09
N THR C 194 21.39 -25.94 24.49
CA THR C 194 22.40 -24.91 24.64
C THR C 194 22.41 -23.91 23.48
N GLY C 195 21.31 -23.78 22.74
CA GLY C 195 21.19 -22.78 21.71
C GLY C 195 21.60 -23.21 20.32
N THR C 196 22.31 -24.33 20.18
CA THR C 196 22.64 -24.86 18.87
C THR C 196 22.85 -26.36 19.01
N GLY C 197 22.56 -27.07 17.92
CA GLY C 197 22.57 -28.51 17.94
C GLY C 197 21.16 -29.07 18.04
N PRO C 198 20.98 -30.30 17.57
CA PRO C 198 19.63 -30.84 17.43
C PRO C 198 18.92 -31.06 18.76
N CYS C 199 17.59 -30.97 18.69
CA CYS C 199 16.71 -31.24 19.81
C CYS C 199 15.87 -32.48 19.51
N ASN C 200 15.72 -33.33 20.51
CA ASN C 200 15.02 -34.60 20.35
C ASN C 200 13.57 -34.55 20.84
N ASN C 201 13.06 -33.38 21.18
CA ASN C 201 11.71 -33.24 21.74
C ASN C 201 11.00 -32.05 21.09
N VAL C 202 11.10 -31.96 19.77
CA VAL C 202 10.51 -30.85 19.04
C VAL C 202 9.00 -30.83 19.22
N SER C 203 8.40 -29.66 19.03
CA SER C 203 6.96 -29.51 19.03
C SER C 203 6.60 -28.28 18.21
N THR C 204 5.37 -28.24 17.70
CA THR C 204 4.91 -27.15 16.85
C THR C 204 3.88 -26.33 17.59
N VAL C 205 3.61 -25.13 17.05
CA VAL C 205 2.63 -24.22 17.63
C VAL C 205 2.09 -23.32 16.53
N GLN C 206 0.92 -22.73 16.78
CA GLN C 206 0.42 -21.69 15.91
C GLN C 206 1.29 -20.44 16.00
N CYS C 207 1.76 -20.12 17.20
CA CYS C 207 2.45 -18.87 17.46
C CYS C 207 3.43 -19.03 18.61
N THR C 208 4.33 -18.06 18.74
CA THR C 208 5.21 -17.99 19.89
C THR C 208 4.43 -17.50 21.11
N HIS C 209 4.95 -17.80 22.28
CA HIS C 209 4.37 -17.24 23.50
C HIS C 209 4.52 -15.73 23.49
N GLY C 210 3.89 -15.08 24.45
CA GLY C 210 4.04 -13.64 24.57
C GLY C 210 5.49 -13.26 24.77
N ILE C 211 6.02 -12.42 23.88
CA ILE C 211 7.41 -11.97 23.94
C ILE C 211 7.39 -10.49 24.28
N LYS C 212 8.03 -10.14 25.39
CA LYS C 212 8.08 -8.75 25.81
C LYS C 212 9.15 -8.01 25.01
N PRO C 213 8.82 -6.90 24.34
CA PRO C 213 9.84 -6.15 23.59
C PRO C 213 10.65 -5.21 24.47
N VAL C 214 11.36 -5.81 25.44
CA VAL C 214 12.10 -5.01 26.40
C VAL C 214 13.28 -4.32 25.72
N VAL C 215 13.70 -3.19 26.28
CA VAL C 215 14.89 -2.49 25.85
C VAL C 215 15.79 -2.30 27.07
N SER C 216 17.02 -2.77 26.98
CA SER C 216 17.99 -2.69 28.06
C SER C 216 19.35 -3.05 27.50
N THR C 217 20.39 -2.84 28.32
CA THR C 217 21.75 -2.95 27.83
C THR C 217 22.55 -4.09 28.45
N GLN C 218 22.45 -4.32 29.76
CA GLN C 218 23.37 -5.28 30.37
C GLN C 218 22.73 -6.24 31.37
N LEU C 219 21.41 -6.24 31.57
CA LEU C 219 20.83 -7.13 32.57
C LEU C 219 19.55 -7.82 32.10
N LEU C 220 19.19 -7.69 30.82
CA LEU C 220 18.11 -8.49 30.22
C LEU C 220 16.89 -8.57 31.13
N LEU C 221 16.54 -7.48 31.81
CA LEU C 221 15.55 -7.54 32.87
C LEU C 221 14.16 -7.87 32.31
N ASN C 222 13.26 -8.24 33.23
CA ASN C 222 11.88 -8.64 32.96
C ASN C 222 11.78 -9.78 31.94
N GLY C 223 12.81 -10.60 31.80
CA GLY C 223 12.80 -11.66 30.83
C GLY C 223 12.11 -12.92 31.34
N SER C 224 12.24 -13.98 30.55
CA SER C 224 11.75 -15.29 30.94
C SER C 224 12.89 -16.10 31.55
N LEU C 225 12.52 -17.09 32.37
CA LEU C 225 13.50 -17.88 33.11
C LEU C 225 13.70 -19.24 32.46
N ALA C 226 14.92 -19.74 32.55
CA ALA C 226 15.20 -21.10 32.14
C ALA C 226 14.51 -22.07 33.09
N GLU C 227 14.28 -23.30 32.60
CA GLU C 227 13.54 -24.28 33.40
C GLU C 227 14.46 -25.17 34.23
N GLY C 228 15.72 -25.31 33.86
CA GLY C 228 16.67 -26.09 34.64
C GLY C 228 17.51 -25.19 35.53
N GLU C 229 18.83 -25.36 35.47
CA GLU C 229 19.75 -24.47 36.16
C GLU C 229 20.35 -23.46 35.16
N ILE C 230 21.23 -22.60 35.66
CA ILE C 230 21.79 -21.54 34.85
C ILE C 230 22.37 -22.12 33.57
N ILE C 231 22.08 -21.48 32.44
CA ILE C 231 22.54 -21.91 31.13
C ILE C 231 23.45 -20.83 30.57
N ILE C 232 24.49 -21.26 29.85
CA ILE C 232 25.41 -20.35 29.18
C ILE C 232 25.33 -20.62 27.68
N ARG C 233 25.30 -19.55 26.89
CA ARG C 233 25.16 -19.68 25.44
C ARG C 233 26.17 -18.79 24.74
N SER C 234 26.62 -19.27 23.58
CA SER C 234 27.49 -18.49 22.70
C SER C 234 27.71 -19.29 21.43
N GLU C 235 27.97 -18.58 20.33
CA GLU C 235 28.38 -19.27 19.12
C GLU C 235 29.75 -19.91 19.30
N ASN C 236 30.64 -19.23 20.02
CA ASN C 236 31.93 -19.80 20.39
C ASN C 236 32.39 -19.10 21.67
N ILE C 237 32.32 -19.81 22.79
CA ILE C 237 32.64 -19.18 24.08
C ILE C 237 34.06 -18.63 24.06
N THR C 238 34.98 -19.30 23.38
CA THR C 238 36.37 -18.86 23.37
C THR C 238 36.51 -17.50 22.68
N LYS C 239 35.84 -17.31 21.56
CA LYS C 239 36.04 -16.11 20.75
C LYS C 239 35.35 -14.91 21.41
N ASN C 240 36.07 -13.79 21.48
CA ASN C 240 35.60 -12.63 22.23
C ASN C 240 34.55 -11.82 21.48
N VAL C 241 34.47 -11.96 20.15
CA VAL C 241 33.55 -11.15 19.37
C VAL C 241 32.08 -11.51 19.60
N LYS C 242 31.81 -12.60 20.31
CA LYS C 242 30.45 -13.12 20.48
C LYS C 242 30.00 -12.91 21.91
N THR C 243 28.81 -12.33 22.07
CA THR C 243 28.28 -12.08 23.41
C THR C 243 27.96 -13.41 24.10
N ILE C 244 28.33 -13.50 25.37
CA ILE C 244 28.10 -14.71 26.16
C ILE C 244 26.81 -14.47 26.94
N ILE C 245 25.68 -14.87 26.33
CA ILE C 245 24.38 -14.68 26.98
C ILE C 245 24.24 -15.70 28.11
N VAL C 246 24.31 -15.22 29.34
CA VAL C 246 24.05 -16.03 30.53
C VAL C 246 22.57 -15.90 30.85
N HIS C 247 21.92 -17.03 31.13
CA HIS C 247 20.48 -17.10 31.31
C HIS C 247 20.21 -17.63 32.71
N LEU C 248 19.47 -16.85 33.51
CA LEU C 248 19.27 -17.19 34.91
C LEU C 248 17.99 -17.97 35.12
N ASN C 249 18.10 -19.07 35.85
CA ASN C 249 16.94 -19.81 36.33
C ASN C 249 16.39 -19.27 37.64
N GLU C 250 17.07 -18.30 38.24
CA GLU C 250 16.66 -17.70 39.51
C GLU C 250 16.58 -16.19 39.31
N SER C 251 15.36 -15.66 39.36
CA SER C 251 15.17 -14.22 39.18
C SER C 251 15.76 -13.48 40.36
N VAL C 252 16.47 -12.38 40.09
CA VAL C 252 17.04 -11.52 41.11
C VAL C 252 16.33 -10.18 41.06
N LYS C 253 15.56 -9.87 42.09
CA LYS C 253 14.77 -8.65 42.08
C LYS C 253 15.67 -7.43 42.11
N ILE C 254 15.27 -6.40 41.36
CA ILE C 254 15.97 -5.12 41.33
C ILE C 254 14.94 -4.01 41.36
N GLU C 255 15.20 -2.99 42.17
CA GLU C 255 14.33 -1.83 42.30
C GLU C 255 15.09 -0.59 41.89
N CYS C 256 14.36 0.41 41.41
CA CYS C 256 14.94 1.69 41.02
C CYS C 256 13.89 2.76 41.21
N THR C 257 14.33 3.94 41.68
CA THR C 257 13.38 4.99 42.04
C THR C 257 14.00 6.35 41.76
N ARG C 258 13.13 7.35 41.64
CA ARG C 258 13.50 8.73 41.36
C ARG C 258 12.81 9.58 42.42
N PRO C 259 13.40 9.72 43.61
CA PRO C 259 12.67 10.34 44.73
C PRO C 259 12.20 11.76 44.48
N ASN C 260 12.88 12.50 43.60
CA ASN C 260 12.49 13.88 43.35
C ASN C 260 11.07 13.95 42.77
N ASN C 261 10.49 15.13 42.84
CA ASN C 261 9.26 15.44 42.13
C ASN C 261 9.57 16.37 40.97
N LYS C 262 8.76 16.32 39.93
CA LYS C 262 8.97 17.08 38.72
C LYS C 262 7.79 17.99 38.45
N THR C 263 8.07 19.24 38.06
CA THR C 263 7.03 20.18 37.66
C THR C 263 6.99 20.21 36.13
N ARG C 264 5.88 19.76 35.56
CA ARG C 264 5.71 19.84 34.11
C ARG C 264 5.06 21.15 33.73
N THR C 265 5.70 21.88 32.81
CA THR C 265 5.19 23.15 32.32
C THR C 265 5.08 23.10 30.82
N SER C 266 4.10 23.82 30.27
CA SER C 266 3.79 23.78 28.85
C SER C 266 4.25 25.07 28.19
N ILE C 267 5.13 24.93 27.20
CA ILE C 267 5.62 26.04 26.38
C ILE C 267 5.08 25.85 24.97
N ARG C 268 4.37 26.85 24.47
CA ARG C 268 3.75 26.74 23.15
C ARG C 268 4.76 27.08 22.06
N ILE C 269 4.81 26.23 21.04
CA ILE C 269 5.72 26.44 19.92
C ILE C 269 5.03 27.11 18.74
N GLY C 270 3.72 27.01 18.62
CA GLY C 270 3.01 27.61 17.51
C GLY C 270 1.56 27.18 17.47
N PRO C 271 1.05 26.83 16.28
CA PRO C 271 -0.36 26.43 16.19
C PRO C 271 -0.60 25.02 16.72
N GLY C 272 -1.22 24.92 17.89
CA GLY C 272 -1.64 23.64 18.41
C GLY C 272 -0.55 22.84 19.11
N GLN C 273 0.69 22.96 18.64
CA GLN C 273 1.78 22.16 19.17
C GLN C 273 2.13 22.63 20.58
N ALA C 274 2.40 21.68 21.48
CA ALA C 274 2.80 21.95 22.84
C ALA C 274 4.12 21.25 23.12
N PHE C 275 4.97 21.90 23.91
CA PHE C 275 6.28 21.38 24.27
C PHE C 275 6.41 21.35 25.79
N TYR C 276 6.54 20.15 26.36
CA TYR C 276 6.58 19.97 27.81
C TYR C 276 8.01 19.91 28.29
N ALA C 277 8.39 20.90 29.11
CA ALA C 277 9.73 20.95 29.69
C ALA C 277 9.61 20.87 31.20
N THR C 278 10.76 20.87 31.88
CA THR C 278 10.80 20.78 33.33
C THR C 278 10.98 22.18 33.91
N GLY C 279 10.05 22.58 34.78
CA GLY C 279 10.16 23.86 35.46
C GLY C 279 10.98 23.75 36.72
N GLN C 280 10.42 24.19 37.85
CA GLN C 280 11.11 24.07 39.12
C GLN C 280 11.08 22.62 39.61
N VAL C 281 12.17 22.20 40.24
CA VAL C 281 12.25 20.86 40.81
C VAL C 281 11.80 20.90 42.26
N ILE C 282 10.90 19.99 42.61
CA ILE C 282 10.29 19.95 43.94
C ILE C 282 10.92 18.81 44.72
N GLY C 283 10.94 18.95 46.05
CA GLY C 283 11.55 17.96 46.91
C GLY C 283 13.01 18.25 47.14
N ASP C 284 13.62 17.42 47.99
CA ASP C 284 15.02 17.59 48.34
C ASP C 284 15.92 17.04 47.25
N ILE C 285 17.18 17.49 47.26
CA ILE C 285 18.14 17.08 46.25
C ILE C 285 18.48 15.61 46.44
N ARG C 286 18.42 14.84 45.35
CA ARG C 286 18.71 13.42 45.40
C ARG C 286 19.27 12.98 44.05
N GLU C 287 19.73 11.73 44.01
CA GLU C 287 20.11 11.07 42.77
C GLU C 287 19.41 9.73 42.69
N ALA C 288 18.75 9.46 41.56
CA ALA C 288 18.01 8.22 41.41
C ALA C 288 18.96 7.03 41.63
N TYR C 289 18.45 6.02 42.33
CA TYR C 289 19.29 4.90 42.75
C TYR C 289 18.54 3.59 42.52
N CYS C 290 19.29 2.49 42.59
CA CYS C 290 18.74 1.15 42.44
C CYS C 290 19.24 0.27 43.57
N ASN C 291 18.44 -0.75 43.90
CA ASN C 291 18.70 -1.65 45.03
C ASN C 291 18.69 -3.08 44.55
N ILE C 292 19.57 -3.90 45.13
CA ILE C 292 19.63 -5.33 44.83
C ILE C 292 19.90 -6.07 46.13
N ASN C 293 19.21 -7.20 46.33
CA ASN C 293 19.43 -8.02 47.51
C ASN C 293 20.83 -8.63 47.42
N GLU C 294 21.75 -8.16 48.28
CA GLU C 294 23.14 -8.56 48.15
C GLU C 294 23.32 -10.06 48.30
N SER C 295 22.54 -10.70 49.17
CA SER C 295 22.64 -12.15 49.32
C SER C 295 22.33 -12.84 47.99
N LYS C 296 21.24 -12.42 47.33
CA LYS C 296 20.85 -13.04 46.08
C LYS C 296 21.90 -12.80 44.99
N TRP C 297 22.48 -11.60 44.93
CA TRP C 297 23.49 -11.34 43.91
C TRP C 297 24.76 -12.14 44.18
N ASN C 298 25.18 -12.22 45.45
CA ASN C 298 26.33 -13.06 45.79
C ASN C 298 26.10 -14.48 45.33
N GLU C 299 24.91 -15.03 45.64
CA GLU C 299 24.61 -16.40 45.25
C GLU C 299 24.58 -16.57 43.74
N THR C 300 23.95 -15.62 43.03
CA THR C 300 23.82 -15.75 41.58
C THR C 300 25.17 -15.65 40.89
N LEU C 301 26.05 -14.75 41.35
CA LEU C 301 27.37 -14.68 40.76
C LEU C 301 28.21 -15.90 41.12
N GLN C 302 28.06 -16.43 42.32
CA GLN C 302 28.70 -17.71 42.64
C GLN C 302 28.26 -18.78 41.65
N ARG C 303 26.96 -18.86 41.38
CA ARG C 303 26.44 -19.89 40.48
C ARG C 303 26.96 -19.68 39.06
N VAL C 304 26.97 -18.43 38.58
CA VAL C 304 27.42 -18.18 37.22
C VAL C 304 28.90 -18.47 37.08
N SER C 305 29.69 -18.17 38.12
CA SER C 305 31.10 -18.53 38.08
C SER C 305 31.27 -20.05 38.11
N LYS C 306 30.44 -20.74 38.88
CA LYS C 306 30.50 -22.20 38.93
C LYS C 306 30.22 -22.81 37.56
N LYS C 307 29.19 -22.29 36.88
CA LYS C 307 28.82 -22.83 35.57
C LYS C 307 29.81 -22.42 34.50
N LEU C 308 30.41 -21.23 34.64
CA LEU C 308 31.28 -20.71 33.59
C LEU C 308 32.65 -21.38 33.62
N LYS C 309 33.13 -21.75 34.80
CA LYS C 309 34.46 -22.35 34.89
C LYS C 309 34.47 -23.82 34.52
N GLU C 310 33.30 -24.42 34.28
CA GLU C 310 33.28 -25.75 33.68
C GLU C 310 33.85 -25.74 32.27
N TYR C 311 33.79 -24.59 31.59
CA TYR C 311 34.45 -24.41 30.30
C TYR C 311 35.88 -23.91 30.44
N PHE C 312 36.29 -23.50 31.64
CA PHE C 312 37.65 -23.04 31.90
C PHE C 312 38.07 -23.52 33.29
N PRO C 313 38.04 -24.82 33.55
CA PRO C 313 38.34 -25.29 34.92
C PRO C 313 39.75 -25.03 35.38
N HIS C 314 40.69 -24.77 34.46
CA HIS C 314 42.09 -24.68 34.83
C HIS C 314 42.42 -23.44 35.65
N LYS C 315 41.74 -22.32 35.41
CA LYS C 315 42.16 -21.04 35.96
C LYS C 315 41.00 -20.32 36.61
N ASN C 316 41.35 -19.35 37.45
CA ASN C 316 40.36 -18.51 38.11
C ASN C 316 39.57 -17.70 37.08
N ILE C 317 38.50 -17.07 37.55
CA ILE C 317 37.65 -16.21 36.74
C ILE C 317 37.49 -14.88 37.46
N THR C 318 37.64 -13.78 36.73
CA THR C 318 37.54 -12.44 37.30
C THR C 318 36.53 -11.64 36.50
N PHE C 319 35.50 -11.14 37.20
CA PHE C 319 34.60 -10.16 36.62
C PHE C 319 35.21 -8.76 36.72
N GLN C 320 34.88 -7.92 35.77
CA GLN C 320 35.39 -6.55 35.76
C GLN C 320 34.28 -5.56 35.45
N PRO C 321 34.38 -4.34 35.96
CA PRO C 321 33.37 -3.33 35.64
C PRO C 321 33.55 -2.79 34.23
N SER C 322 32.53 -2.07 33.76
CA SER C 322 32.57 -1.50 32.42
C SER C 322 33.79 -0.61 32.26
N SER C 323 34.42 -0.70 31.10
CA SER C 323 35.68 0.01 30.84
C SER C 323 35.51 1.52 30.93
N GLY C 324 34.70 2.09 30.07
CA GLY C 324 34.51 3.52 30.03
C GLY C 324 34.12 3.99 28.66
N GLY C 325 33.65 5.24 28.60
CA GLY C 325 33.22 5.85 27.36
C GLY C 325 31.83 6.46 27.51
N ASP C 326 31.11 6.50 26.39
CA ASP C 326 29.78 7.07 26.37
C ASP C 326 28.87 6.33 27.35
N LEU C 327 28.01 7.09 28.04
CA LEU C 327 27.03 6.46 28.92
C LEU C 327 26.12 5.51 28.15
N GLU C 328 26.00 5.69 26.83
CA GLU C 328 25.10 4.87 26.05
C GLU C 328 25.51 3.40 26.03
N ILE C 329 26.77 3.09 26.34
CA ILE C 329 27.29 1.74 26.14
C ILE C 329 27.92 1.17 27.40
N THR C 330 28.31 2.04 28.33
CA THR C 330 29.05 1.62 29.52
C THR C 330 28.17 1.49 30.75
N THR C 331 26.86 1.52 30.61
CA THR C 331 25.96 1.56 31.77
C THR C 331 24.67 0.81 31.49
N HIS C 332 24.24 0.04 32.48
CA HIS C 332 22.90 -0.54 32.46
C HIS C 332 21.88 0.53 32.11
N SER C 333 20.82 0.15 31.40
CA SER C 333 19.84 1.12 30.95
C SER C 333 18.46 0.50 30.98
N PHE C 334 17.44 1.36 31.11
CA PHE C 334 16.05 0.94 30.96
C PHE C 334 15.19 2.19 30.94
N ASN C 335 13.88 1.99 30.88
CA ASN C 335 12.94 3.09 30.71
C ASN C 335 11.78 3.01 31.68
N CYS C 336 12.08 2.83 32.97
CA CYS C 336 11.03 2.68 33.97
C CYS C 336 10.21 3.96 34.10
N GLY C 337 8.90 3.81 34.13
CA GLY C 337 8.00 4.91 34.40
C GLY C 337 8.01 6.01 33.36
N GLY C 338 8.55 5.73 32.18
CA GLY C 338 8.57 6.70 31.11
C GLY C 338 9.77 7.63 31.08
N GLU C 339 10.70 7.49 32.03
CA GLU C 339 11.92 8.28 32.03
C GLU C 339 13.12 7.35 32.07
N PHE C 340 14.07 7.60 31.18
CA PHE C 340 15.19 6.69 30.99
C PHE C 340 16.20 6.81 32.12
N PHE C 341 16.83 5.69 32.46
CA PHE C 341 17.88 5.65 33.46
C PHE C 341 19.20 5.30 32.79
N TYR C 342 20.30 5.53 33.51
CA TYR C 342 21.62 5.07 33.09
C TYR C 342 22.43 4.79 34.34
N CYS C 343 22.45 3.53 34.76
CA CYS C 343 22.99 3.12 36.04
C CYS C 343 24.45 2.71 35.90
N ASN C 344 25.26 3.10 36.88
CA ASN C 344 26.64 2.63 36.92
C ASN C 344 26.69 1.27 37.61
N THR C 345 27.20 0.27 36.91
CA THR C 345 27.25 -1.10 37.42
C THR C 345 28.67 -1.55 37.73
N SER C 346 29.53 -0.63 38.19
CA SER C 346 30.88 -1.04 38.55
C SER C 346 30.91 -1.79 39.87
N SER C 347 29.98 -1.48 40.78
CA SER C 347 29.98 -2.12 42.09
C SER C 347 29.42 -3.53 42.06
N LEU C 348 28.79 -3.94 40.95
CA LEU C 348 28.19 -5.26 40.86
C LEU C 348 29.08 -6.30 40.18
N PHE C 349 30.13 -5.87 39.50
CA PHE C 349 30.96 -6.75 38.69
C PHE C 349 32.43 -6.57 39.02
N ASN C 350 32.76 -6.59 40.31
CA ASN C 350 34.14 -6.57 40.76
C ASN C 350 34.50 -7.81 41.59
N ARG C 351 33.55 -8.69 41.85
CA ARG C 351 33.85 -9.91 42.58
C ARG C 351 34.74 -10.82 41.75
N THR C 352 35.56 -11.62 42.43
CA THR C 352 36.45 -12.56 41.77
C THR C 352 36.37 -13.90 42.49
N TYR C 353 36.66 -14.97 41.74
CA TYR C 353 36.51 -16.33 42.24
C TYR C 353 37.79 -17.12 41.94
N MET C 354 38.14 -18.01 42.87
CA MET C 354 39.37 -18.76 42.78
C MET C 354 39.10 -20.19 42.28
N ALA C 355 40.18 -20.87 41.94
CA ALA C 355 40.09 -22.28 41.59
C ALA C 355 39.87 -23.13 42.84
N ASN C 356 39.28 -24.31 42.65
CA ASN C 356 38.97 -25.20 43.76
C ASN C 356 38.06 -24.51 44.77
N ASN C 361 16.64 -12.46 52.98
CA ASN C 361 17.30 -11.83 51.85
C ASN C 361 17.21 -10.31 51.92
N SER C 362 16.44 -9.81 52.89
CA SER C 362 16.29 -8.37 53.11
C SER C 362 17.39 -7.87 54.06
N THR C 363 18.62 -7.84 53.55
CA THR C 363 19.76 -7.41 54.34
C THR C 363 20.90 -7.04 53.41
N ARG C 364 21.69 -6.06 53.84
CA ARG C 364 22.90 -5.62 53.13
C ARG C 364 22.62 -5.20 51.70
N THR C 365 21.53 -4.47 51.46
CA THR C 365 21.16 -4.07 50.11
C THR C 365 22.27 -3.25 49.46
N ILE C 366 22.56 -3.56 48.20
CA ILE C 366 23.52 -2.78 47.43
C ILE C 366 22.84 -1.58 46.81
N THR C 367 23.59 -0.50 46.61
CA THR C 367 23.10 0.70 45.97
C THR C 367 24.02 1.10 44.83
N ILE C 368 23.42 1.57 43.74
CA ILE C 368 24.16 2.10 42.59
C ILE C 368 23.46 3.36 42.12
N HIS C 369 24.25 4.40 41.86
CA HIS C 369 23.71 5.71 41.53
C HIS C 369 23.54 5.84 40.02
N CYS C 370 22.33 6.14 39.59
CA CYS C 370 21.95 6.14 38.19
C CYS C 370 21.69 7.56 37.71
N ARG C 371 22.35 7.94 36.63
CA ARG C 371 22.03 9.18 35.95
C ARG C 371 20.63 9.08 35.34
N ILE C 372 20.13 10.23 34.88
CA ILE C 372 18.90 10.29 34.10
C ILE C 372 19.16 11.17 32.90
N LYS C 373 18.40 10.93 31.82
CA LYS C 373 18.65 11.61 30.56
C LYS C 373 17.33 11.73 29.82
N GLN C 374 17.22 12.77 28.99
CA GLN C 374 16.00 13.06 28.25
C GLN C 374 16.16 12.90 26.75
N ILE C 375 17.11 13.59 26.13
CA ILE C 375 17.32 13.55 24.69
C ILE C 375 18.04 12.25 24.37
N ILE C 376 17.29 11.22 24.03
CA ILE C 376 17.82 9.88 23.79
C ILE C 376 18.18 9.76 22.32
N ASN C 377 19.43 9.40 22.03
CA ASN C 377 19.83 8.97 20.70
C ASN C 377 19.49 7.49 20.54
N MET C 378 18.18 7.22 20.48
CA MET C 378 17.65 5.87 20.64
C MET C 378 18.52 4.84 19.96
N TRP C 379 18.84 3.78 20.71
CA TRP C 379 19.65 2.69 20.17
C TRP C 379 19.13 2.21 18.82
N GLN C 380 17.83 2.37 18.56
CA GLN C 380 17.23 1.84 17.35
C GLN C 380 17.72 2.54 16.08
N GLU C 381 18.34 3.72 16.21
CA GLU C 381 18.71 4.51 15.04
C GLU C 381 19.91 5.38 15.37
N VAL C 382 20.62 5.77 14.32
CA VAL C 382 21.73 6.71 14.42
C VAL C 382 21.50 7.83 13.39
N GLY C 383 21.75 9.06 13.81
CA GLY C 383 21.44 10.20 12.99
C GLY C 383 20.09 10.81 13.26
N ARG C 384 19.44 10.41 14.35
CA ARG C 384 18.17 11.00 14.78
C ARG C 384 18.05 10.80 16.29
N ALA C 385 17.13 11.53 16.90
CA ALA C 385 17.00 11.50 18.35
C ALA C 385 15.53 11.61 18.74
N MET C 386 15.30 11.61 20.04
CA MET C 386 13.97 11.72 20.62
C MET C 386 14.08 12.48 21.93
N TYR C 387 13.00 13.10 22.34
CA TYR C 387 12.92 13.83 23.60
C TYR C 387 11.83 13.21 24.46
N ALA C 388 12.18 12.85 25.69
CA ALA C 388 11.22 12.22 26.60
C ALA C 388 10.71 13.26 27.58
N PRO C 389 9.44 13.67 27.51
CA PRO C 389 8.97 14.76 28.36
C PRO C 389 9.05 14.37 29.82
N PRO C 390 9.25 15.33 30.72
CA PRO C 390 9.37 14.99 32.14
C PRO C 390 8.07 14.43 32.70
N ILE C 391 8.21 13.54 33.68
CA ILE C 391 7.08 12.86 34.31
C ILE C 391 6.93 13.38 35.71
N ALA C 392 5.73 13.88 36.04
CA ALA C 392 5.47 14.42 37.36
C ALA C 392 5.45 13.32 38.41
N GLY C 393 5.73 13.70 39.65
CA GLY C 393 5.72 12.77 40.76
C GLY C 393 6.90 11.83 40.73
N ASN C 394 7.27 11.35 41.92
CA ASN C 394 8.36 10.39 42.04
C ASN C 394 7.94 9.05 41.47
N ILE C 395 8.90 8.36 40.84
CA ILE C 395 8.64 7.14 40.10
C ILE C 395 9.39 5.99 40.77
N THR C 396 8.67 4.93 41.09
CA THR C 396 9.25 3.70 41.62
C THR C 396 9.02 2.57 40.63
N CYS C 397 9.97 1.65 40.56
CA CYS C 397 9.95 0.60 39.56
C CYS C 397 10.59 -0.66 40.13
N ILE C 398 10.00 -1.80 39.80
CA ILE C 398 10.50 -3.10 40.25
C ILE C 398 10.46 -4.06 39.06
N SER C 399 11.52 -4.85 38.92
CA SER C 399 11.67 -5.75 37.78
C SER C 399 12.57 -6.90 38.19
N ASN C 400 12.54 -7.96 37.37
CA ASN C 400 13.25 -9.19 37.68
C ASN C 400 14.39 -9.39 36.69
N ILE C 401 15.62 -9.29 37.17
CA ILE C 401 16.77 -9.65 36.34
C ILE C 401 16.69 -11.13 36.01
N THR C 402 16.87 -11.47 34.73
CA THR C 402 16.90 -12.86 34.30
C THR C 402 17.98 -13.14 33.27
N GLY C 403 19.11 -12.45 33.31
CA GLY C 403 20.17 -12.72 32.36
C GLY C 403 21.29 -11.71 32.48
N LEU C 404 22.41 -12.03 31.85
CA LEU C 404 23.56 -11.14 31.77
C LEU C 404 24.16 -11.20 30.38
N LEU C 405 24.41 -10.03 29.79
CA LEU C 405 25.03 -9.95 28.46
C LEU C 405 26.52 -9.71 28.64
N LEU C 406 27.20 -10.71 29.20
CA LEU C 406 28.63 -10.58 29.44
C LEU C 406 29.40 -10.50 28.13
N THR C 407 30.71 -10.28 28.25
CA THR C 407 31.64 -10.35 27.12
C THR C 407 33.05 -10.35 27.69
N ARG C 408 33.90 -11.19 27.12
CA ARG C 408 35.21 -11.45 27.70
C ARG C 408 36.25 -10.50 27.13
N CYS C 409 37.14 -10.03 28.00
CA CYS C 409 38.19 -9.09 27.64
C CYS C 409 39.53 -9.79 27.65
N TYR C 410 40.55 -9.12 27.12
CA TYR C 410 41.90 -9.68 27.03
C TYR C 410 42.76 -9.11 28.16
N GLY C 411 42.60 -9.71 29.34
CA GLY C 411 43.44 -9.32 30.46
C GLY C 411 44.84 -9.86 30.32
N LYS C 412 45.81 -9.11 30.85
CA LYS C 412 47.21 -9.51 30.76
C LYS C 412 47.49 -10.73 31.64
N ASN C 413 46.80 -10.85 32.77
CA ASN C 413 47.07 -11.94 33.70
C ASN C 413 46.67 -13.28 33.09
N ASN C 414 46.91 -14.34 33.85
CA ASN C 414 46.68 -15.72 33.42
C ASN C 414 45.33 -16.26 33.87
N THR C 415 44.32 -15.41 34.02
CA THR C 415 42.98 -15.84 34.41
C THR C 415 41.95 -15.15 33.52
N GLU C 416 40.74 -15.69 33.54
CA GLU C 416 39.71 -15.29 32.59
C GLU C 416 39.14 -13.91 32.94
N CYS C 417 38.55 -13.26 31.95
CA CYS C 417 37.96 -11.94 32.09
C CYS C 417 36.54 -11.94 31.52
N PHE C 418 35.62 -11.30 32.24
CA PHE C 418 34.25 -11.12 31.79
C PHE C 418 33.69 -9.84 32.38
N ARG C 419 33.24 -8.95 31.49
CA ARG C 419 32.69 -7.66 31.89
C ARG C 419 31.34 -7.47 31.23
N PRO C 420 30.41 -6.77 31.89
CA PRO C 420 29.12 -6.50 31.25
C PRO C 420 29.27 -5.69 29.98
N GLY C 421 28.17 -5.60 29.24
CA GLY C 421 28.15 -4.79 28.03
C GLY C 421 28.11 -5.61 26.76
N GLY C 422 26.95 -5.69 26.13
CA GLY C 422 26.85 -6.40 24.86
C GLY C 422 27.36 -5.58 23.70
N GLY C 423 27.64 -6.28 22.60
CA GLY C 423 28.11 -5.61 21.40
C GLY C 423 27.02 -5.16 20.45
N ASN C 424 25.81 -5.68 20.60
CA ASN C 424 24.69 -5.31 19.75
C ASN C 424 23.40 -5.47 20.53
N MET C 425 22.33 -4.85 20.02
CA MET C 425 21.07 -4.88 20.75
C MET C 425 20.20 -6.07 20.36
N LYS C 426 20.61 -6.83 19.35
CA LYS C 426 19.81 -7.99 18.95
C LYS C 426 19.83 -9.07 20.02
N ASP C 427 20.87 -9.11 20.84
CA ASP C 427 20.97 -10.15 21.86
C ASP C 427 19.84 -10.06 22.88
N ASN C 428 19.19 -8.91 23.00
CA ASN C 428 18.03 -8.81 23.88
C ASN C 428 16.91 -9.72 23.41
N TRP C 429 16.68 -9.76 22.09
CA TRP C 429 15.58 -10.56 21.55
C TRP C 429 16.03 -11.98 21.20
N ARG C 430 17.33 -12.23 21.17
CA ARG C 430 17.82 -13.57 20.92
C ARG C 430 17.86 -14.42 22.18
N SER C 431 17.36 -13.91 23.30
CA SER C 431 17.19 -14.69 24.51
C SER C 431 15.77 -15.19 24.70
N GLU C 432 14.86 -14.85 23.79
CA GLU C 432 13.48 -15.35 23.80
C GLU C 432 13.18 -16.22 22.59
N LEU C 433 13.79 -15.91 21.44
CA LEU C 433 13.56 -16.65 20.22
C LEU C 433 14.72 -17.58 19.92
N TYR C 434 15.32 -18.15 20.97
CA TYR C 434 16.34 -19.18 20.79
C TYR C 434 15.75 -20.57 20.70
N LYS C 435 14.45 -20.70 21.00
CA LYS C 435 13.77 -21.98 20.86
C LYS C 435 13.29 -22.21 19.44
N TYR C 436 12.64 -21.23 18.84
CA TYR C 436 11.78 -21.43 17.69
C TYR C 436 12.56 -21.59 16.40
N LYS C 437 11.88 -22.17 15.41
CA LYS C 437 12.34 -22.22 14.04
C LYS C 437 11.12 -22.18 13.13
N VAL C 438 11.31 -21.70 11.90
CA VAL C 438 10.23 -21.55 10.94
C VAL C 438 10.56 -22.35 9.70
N VAL C 439 9.62 -23.19 9.27
CA VAL C 439 9.82 -24.10 8.15
C VAL C 439 8.60 -24.04 7.23
N LYS C 440 8.84 -24.27 5.94
CA LYS C 440 7.78 -24.35 4.95
C LYS C 440 7.44 -25.80 4.69
N ILE C 441 6.15 -26.12 4.73
CA ILE C 441 5.69 -27.48 4.47
C ILE C 441 5.62 -27.71 2.98
N GLU C 442 5.98 -28.92 2.54
CA GLU C 442 5.97 -29.33 1.14
C GLU C 442 5.09 -30.58 1.05
N PRO C 443 3.77 -30.41 1.00
CA PRO C 443 2.87 -31.56 1.20
C PRO C 443 2.71 -32.46 -0.01
N LEU C 444 3.55 -32.33 -1.03
CA LEU C 444 3.46 -33.16 -2.22
C LEU C 444 4.62 -34.13 -2.24
N GLY C 445 4.33 -35.41 -2.45
CA GLY C 445 5.37 -36.42 -2.48
C GLY C 445 4.99 -37.53 -3.45
N VAL C 446 5.98 -38.34 -3.79
CA VAL C 446 5.80 -39.49 -4.66
C VAL C 446 6.46 -40.69 -3.98
N ALA C 447 5.97 -41.89 -4.31
CA ALA C 447 6.49 -43.11 -3.71
C ALA C 447 6.07 -44.28 -4.58
N PRO C 448 6.77 -45.42 -4.49
CA PRO C 448 6.36 -46.59 -5.25
C PRO C 448 5.37 -47.44 -4.47
N THR C 449 4.50 -48.13 -5.22
CA THR C 449 3.52 -49.02 -4.61
C THR C 449 3.12 -50.07 -5.64
N ARG C 450 2.25 -50.99 -5.22
CA ARG C 450 1.92 -52.16 -6.02
C ARG C 450 0.67 -51.93 -6.89
N CYS C 451 0.44 -50.68 -7.28
CA CYS C 451 -0.77 -50.28 -7.97
C CYS C 451 -0.47 -49.62 -9.31
N LYS C 452 -1.38 -49.81 -10.26
CA LYS C 452 -1.43 -49.00 -11.48
C LYS C 452 -2.88 -48.59 -11.72
N ARG C 453 -3.05 -47.43 -12.34
CA ARG C 453 -4.38 -46.85 -12.49
C ARG C 453 -5.25 -47.68 -13.43
N ARG C 454 -6.57 -47.52 -13.27
CA ARG C 454 -7.52 -48.22 -14.12
C ARG C 454 -7.50 -47.64 -15.53
N VAL C 455 -7.98 -48.43 -16.48
CA VAL C 455 -7.93 -48.04 -17.89
C VAL C 455 -9.23 -47.38 -18.35
N VAL C 456 -10.37 -47.76 -17.77
CA VAL C 456 -11.65 -47.23 -18.19
C VAL C 456 -11.66 -45.70 -18.11
N VAL D 1 -13.89 -32.21 14.56
CA VAL D 1 -12.97 -31.79 15.65
C VAL D 1 -11.56 -31.65 15.09
N PHE D 2 -10.90 -30.55 15.45
CA PHE D 2 -9.55 -30.30 14.97
C PHE D 2 -8.60 -31.35 15.55
N LEU D 3 -7.86 -32.04 14.68
CA LEU D 3 -6.98 -33.11 15.09
C LEU D 3 -5.54 -32.61 15.24
N GLY D 4 -5.39 -31.34 15.63
CA GLY D 4 -4.06 -30.79 15.69
C GLY D 4 -3.52 -30.52 14.30
N PHE D 5 -2.22 -30.73 14.12
CA PHE D 5 -1.57 -30.44 12.86
C PHE D 5 -0.17 -31.03 12.87
N LEU D 6 0.22 -31.61 11.74
CA LEU D 6 1.57 -32.10 11.52
C LEU D 6 2.02 -33.10 12.56
N GLY D 7 1.09 -33.67 13.33
CA GLY D 7 1.46 -34.58 14.41
C GLY D 7 1.91 -35.94 13.93
N ALA D 8 1.69 -36.26 12.66
CA ALA D 8 2.12 -37.54 12.11
C ALA D 8 3.55 -37.50 11.58
N ALA D 9 4.26 -36.39 11.74
CA ALA D 9 5.65 -36.32 11.31
C ALA D 9 6.47 -37.34 12.09
N GLY D 10 7.50 -37.86 11.44
CA GLY D 10 8.18 -39.02 11.99
C GLY D 10 7.28 -40.23 11.81
N SER D 11 6.95 -40.89 12.91
CA SER D 11 5.99 -42.01 12.90
C SER D 11 6.39 -42.96 11.77
N THR D 12 5.52 -43.27 10.82
CA THR D 12 5.86 -44.11 9.68
C THR D 12 5.05 -43.66 8.48
N MET D 13 5.53 -44.01 7.28
CA MET D 13 4.80 -43.65 6.07
C MET D 13 3.45 -44.36 6.01
N GLY D 14 3.39 -45.58 6.54
CA GLY D 14 2.12 -46.30 6.54
C GLY D 14 1.08 -45.65 7.43
N ALA D 15 1.50 -45.19 8.61
CA ALA D 15 0.55 -44.60 9.55
C ALA D 15 0.16 -43.18 9.12
N ALA D 16 1.12 -42.42 8.58
CA ALA D 16 0.85 -41.03 8.24
C ALA D 16 -0.11 -40.90 7.07
N SER D 17 -0.25 -41.96 6.27
CA SER D 17 -1.11 -41.90 5.09
C SER D 17 -2.58 -41.93 5.46
N MET D 18 -2.94 -42.16 6.72
CA MET D 18 -4.32 -42.20 7.16
C MET D 18 -4.78 -40.91 7.81
N THR D 19 -3.92 -39.89 7.86
CA THR D 19 -4.28 -38.57 8.40
C THR D 19 -3.83 -37.46 7.46
N LEU D 20 -3.87 -37.71 6.16
CA LEU D 20 -3.43 -36.70 5.21
C LEU D 20 -4.29 -35.45 5.27
N THR D 21 -5.57 -35.60 5.63
CA THR D 21 -6.48 -34.45 5.62
C THR D 21 -6.16 -33.45 6.72
N VAL D 22 -5.33 -33.83 7.70
CA VAL D 22 -4.90 -32.87 8.72
C VAL D 22 -3.95 -31.84 8.12
N GLN D 23 -3.00 -32.29 7.29
CA GLN D 23 -2.06 -31.38 6.65
C GLN D 23 -2.66 -30.70 5.43
N ALA D 24 -3.68 -31.31 4.81
CA ALA D 24 -4.30 -30.70 3.65
C ALA D 24 -5.22 -29.55 4.03
N ARG D 25 -5.81 -29.60 5.22
CA ARG D 25 -6.73 -28.57 5.66
C ARG D 25 -6.06 -27.20 5.71
N VAL D 53 -3.39 -7.39 8.78
CA VAL D 53 -3.89 -6.06 9.06
C VAL D 53 -2.72 -5.09 9.26
N TRP D 54 -1.53 -5.64 9.46
CA TRP D 54 -0.32 -4.84 9.65
C TRP D 54 0.23 -4.47 8.28
N GLY D 55 -0.51 -3.60 7.60
CA GLY D 55 -0.05 -3.04 6.35
C GLY D 55 0.00 -4.05 5.20
N ILE D 56 0.70 -3.62 4.15
CA ILE D 56 0.88 -4.46 2.97
C ILE D 56 1.79 -5.66 3.28
N LYS D 57 2.42 -5.67 4.44
CA LYS D 57 3.25 -6.81 4.82
C LYS D 57 2.40 -8.07 4.97
N GLN D 58 1.22 -7.96 5.59
CA GLN D 58 0.38 -9.11 5.85
C GLN D 58 -0.35 -9.60 4.59
N LEU D 59 -0.81 -8.66 3.75
CA LEU D 59 -1.45 -9.06 2.50
C LEU D 59 -0.49 -9.89 1.65
N GLN D 60 0.80 -9.58 1.71
CA GLN D 60 1.78 -10.41 1.00
C GLN D 60 1.76 -11.83 1.52
N ALA D 61 1.63 -11.99 2.84
CA ALA D 61 1.52 -13.34 3.41
C ALA D 61 0.26 -14.05 2.91
N ARG D 62 -0.86 -13.33 2.87
CA ARG D 62 -2.10 -13.94 2.38
C ARG D 62 -1.95 -14.42 0.95
N VAL D 63 -1.39 -13.56 0.08
CA VAL D 63 -1.23 -13.94 -1.32
C VAL D 63 -0.22 -15.07 -1.46
N LEU D 64 0.81 -15.08 -0.62
CA LEU D 64 1.76 -16.20 -0.63
C LEU D 64 1.05 -17.50 -0.33
N ALA D 65 0.21 -17.52 0.71
CA ALA D 65 -0.53 -18.73 1.03
C ALA D 65 -1.41 -19.17 -0.13
N VAL D 66 -2.17 -18.23 -0.71
CA VAL D 66 -3.11 -18.57 -1.77
C VAL D 66 -2.35 -19.16 -2.97
N GLU D 67 -1.28 -18.49 -3.38
CA GLU D 67 -0.58 -18.94 -4.59
C GLU D 67 0.20 -20.22 -4.35
N ARG D 68 0.76 -20.40 -3.15
CA ARG D 68 1.46 -21.65 -2.87
C ARG D 68 0.49 -22.83 -2.81
N TYR D 69 -0.75 -22.60 -2.37
CA TYR D 69 -1.74 -23.67 -2.43
C TYR D 69 -2.16 -23.94 -3.87
N LEU D 70 -2.38 -22.88 -4.65
CA LEU D 70 -2.83 -23.07 -6.03
C LEU D 70 -1.78 -23.78 -6.86
N ARG D 71 -0.50 -23.52 -6.61
CA ARG D 71 0.55 -24.23 -7.32
C ARG D 71 0.41 -25.75 -7.13
N ASP D 72 0.43 -26.20 -5.88
CA ASP D 72 0.38 -27.62 -5.60
C ASP D 72 -0.97 -28.23 -5.95
N GLN D 73 -2.01 -27.41 -6.08
CA GLN D 73 -3.32 -27.96 -6.42
C GLN D 73 -3.55 -28.01 -7.93
N GLN D 74 -2.90 -27.15 -8.69
CA GLN D 74 -2.92 -27.27 -10.14
C GLN D 74 -1.97 -28.36 -10.61
N LEU D 75 -0.83 -28.51 -9.95
CA LEU D 75 0.13 -29.52 -10.37
C LEU D 75 -0.45 -30.92 -10.28
N LEU D 76 -1.50 -31.10 -9.48
CA LEU D 76 -2.15 -32.41 -9.40
C LEU D 76 -3.13 -32.63 -10.54
N GLY D 77 -3.80 -31.57 -11.01
CA GLY D 77 -4.74 -31.73 -12.10
C GLY D 77 -4.07 -32.18 -13.39
N ILE D 78 -2.84 -31.73 -13.62
CA ILE D 78 -2.11 -32.10 -14.83
C ILE D 78 -1.83 -33.59 -14.88
N TRP D 79 -1.81 -34.27 -13.73
CA TRP D 79 -1.53 -35.69 -13.66
C TRP D 79 -2.78 -36.55 -13.61
N GLY D 80 -3.96 -35.95 -13.71
CA GLY D 80 -5.21 -36.66 -13.61
C GLY D 80 -5.71 -36.87 -12.20
N CYS D 81 -4.93 -36.48 -11.19
CA CYS D 81 -5.30 -36.68 -9.79
C CYS D 81 -6.04 -35.43 -9.29
N SER D 82 -7.17 -35.10 -9.91
CA SER D 82 -7.74 -33.77 -9.74
C SER D 82 -8.10 -33.47 -8.28
N GLY D 83 -8.74 -34.41 -7.59
CA GLY D 83 -9.21 -34.15 -6.24
C GLY D 83 -8.93 -35.27 -5.26
N LYS D 84 -7.82 -35.97 -5.47
CA LYS D 84 -7.47 -37.13 -4.66
C LYS D 84 -6.23 -36.85 -3.83
N LEU D 85 -6.31 -37.13 -2.54
CA LEU D 85 -5.13 -37.06 -1.69
C LEU D 85 -4.14 -38.17 -2.01
N ILE D 86 -4.62 -39.40 -2.14
CA ILE D 86 -3.82 -40.55 -2.56
C ILE D 86 -4.24 -40.91 -3.97
N CYS D 87 -3.28 -40.97 -4.89
CA CYS D 87 -3.61 -41.17 -6.30
C CYS D 87 -2.61 -42.17 -6.89
N CYS D 88 -3.13 -43.16 -7.59
CA CYS D 88 -2.32 -44.15 -8.27
C CYS D 88 -2.31 -43.87 -9.77
N THR D 89 -1.14 -43.97 -10.39
CA THR D 89 -0.96 -43.46 -11.75
C THR D 89 -0.06 -44.40 -12.56
N ASN D 90 0.01 -44.14 -13.86
CA ASN D 90 0.67 -45.02 -14.83
C ASN D 90 2.05 -44.48 -15.19
N VAL D 91 3.03 -44.83 -14.37
CA VAL D 91 4.43 -44.54 -14.66
C VAL D 91 5.29 -45.58 -13.94
N PRO D 92 5.81 -46.58 -14.64
CA PRO D 92 6.54 -47.66 -13.94
C PRO D 92 7.80 -47.15 -13.25
N TRP D 93 8.12 -47.81 -12.15
CA TRP D 93 9.31 -47.48 -11.37
C TRP D 93 10.52 -48.23 -11.91
N ASN D 94 11.70 -47.64 -11.70
CA ASN D 94 12.95 -48.30 -12.05
C ASN D 94 14.03 -47.87 -11.07
N SER D 95 15.04 -48.72 -10.91
CA SER D 95 16.07 -48.55 -9.87
C SER D 95 16.99 -47.38 -10.12
N SER D 96 17.00 -46.71 -11.28
CA SER D 96 17.79 -45.49 -11.41
C SER D 96 17.41 -44.48 -10.33
N TRP D 97 16.12 -44.42 -9.97
CA TRP D 97 15.68 -43.64 -8.83
C TRP D 97 15.93 -44.44 -7.56
N SER D 98 15.38 -44.00 -6.44
CA SER D 98 15.56 -44.71 -5.19
C SER D 98 15.16 -46.17 -5.34
N ASN D 99 15.83 -47.04 -4.60
CA ASN D 99 15.58 -48.47 -4.65
C ASN D 99 15.47 -49.03 -3.23
N ARG D 100 14.35 -49.67 -2.94
CA ARG D 100 14.12 -50.24 -1.62
C ARG D 100 13.19 -51.43 -1.77
N ASN D 101 13.23 -52.31 -0.76
CA ASN D 101 12.24 -53.39 -0.70
C ASN D 101 10.86 -52.83 -0.35
N LEU D 102 10.81 -51.89 0.58
CA LEU D 102 9.56 -51.22 0.97
C LEU D 102 8.43 -52.22 1.21
N SER D 103 8.78 -53.37 1.80
CA SER D 103 7.78 -54.25 2.40
C SER D 103 7.70 -53.97 3.89
N GLU D 104 8.86 -53.94 4.56
CA GLU D 104 8.97 -53.46 5.92
C GLU D 104 9.53 -52.04 5.97
N ILE D 105 10.30 -51.64 4.95
CA ILE D 105 10.84 -50.30 4.90
C ILE D 105 9.74 -49.27 4.70
N TRP D 106 8.65 -49.66 4.03
CA TRP D 106 7.54 -48.73 3.83
C TRP D 106 6.97 -48.26 5.17
N ASP D 107 7.07 -49.08 6.20
CA ASP D 107 6.55 -48.76 7.52
C ASP D 107 7.60 -48.20 8.47
N ASN D 108 8.76 -47.79 7.96
CA ASN D 108 9.87 -47.40 8.81
C ASN D 108 10.64 -46.17 8.32
N MET D 109 10.29 -45.66 7.14
CA MET D 109 11.29 -44.96 6.32
C MET D 109 12.08 -43.93 7.14
N THR D 110 11.44 -42.92 7.74
CA THR D 110 10.05 -42.48 7.57
C THR D 110 10.00 -41.36 6.52
N TRP D 111 8.89 -40.61 6.50
CA TRP D 111 8.65 -39.65 5.42
C TRP D 111 9.84 -38.72 5.18
N LEU D 112 10.35 -38.08 6.24
CA LEU D 112 11.42 -37.10 6.05
C LEU D 112 12.65 -37.76 5.44
N GLN D 113 13.04 -38.92 5.95
CA GLN D 113 14.14 -39.65 5.34
C GLN D 113 13.82 -39.98 3.89
N TRP D 114 12.55 -40.23 3.57
CA TRP D 114 12.19 -40.50 2.19
C TRP D 114 12.45 -39.29 1.30
N ASP D 115 12.03 -38.10 1.76
CA ASP D 115 12.28 -36.91 0.97
C ASP D 115 13.78 -36.66 0.82
N LYS D 116 14.54 -36.91 1.89
CA LYS D 116 15.99 -36.80 1.78
C LYS D 116 16.56 -37.84 0.82
N GLU D 117 15.82 -38.91 0.56
CA GLU D 117 16.30 -39.97 -0.32
C GLU D 117 15.97 -39.69 -1.78
N ILE D 118 14.68 -39.45 -2.08
CA ILE D 118 14.21 -39.40 -3.46
C ILE D 118 14.17 -38.00 -4.04
N SER D 119 14.58 -36.98 -3.29
CA SER D 119 14.55 -35.62 -3.81
C SER D 119 15.44 -35.45 -5.03
N ASN D 120 16.39 -36.34 -5.25
CA ASN D 120 17.28 -36.21 -6.40
C ASN D 120 16.54 -36.34 -7.72
N TYR D 121 15.43 -37.08 -7.76
CA TYR D 121 14.79 -37.44 -9.02
C TYR D 121 13.35 -36.95 -9.16
N THR D 122 12.84 -36.12 -8.24
CA THR D 122 11.47 -35.65 -8.36
C THR D 122 11.28 -34.79 -9.60
N GLN D 123 12.31 -34.07 -10.02
CA GLN D 123 12.18 -33.21 -11.20
C GLN D 123 11.90 -34.01 -12.47
N ILE D 124 12.14 -35.32 -12.43
CA ILE D 124 11.97 -36.14 -13.63
C ILE D 124 10.58 -36.74 -13.68
N ILE D 125 10.07 -37.18 -12.53
CA ILE D 125 8.82 -37.95 -12.50
C ILE D 125 7.66 -37.12 -13.02
N TYR D 126 7.73 -35.79 -12.88
CA TYR D 126 6.62 -34.94 -13.27
C TYR D 126 6.39 -34.97 -14.78
N GLY D 127 7.47 -34.99 -15.57
CA GLY D 127 7.30 -35.07 -17.01
C GLY D 127 6.66 -36.38 -17.43
N LEU D 128 7.08 -37.49 -16.83
CA LEU D 128 6.47 -38.78 -17.14
C LEU D 128 4.99 -38.76 -16.80
N LEU D 129 4.63 -38.22 -15.64
CA LEU D 129 3.22 -38.17 -15.26
C LEU D 129 2.42 -37.30 -16.22
N GLU D 130 2.99 -36.17 -16.64
CA GLU D 130 2.30 -35.30 -17.59
C GLU D 130 2.05 -36.01 -18.91
N GLU D 131 3.08 -36.68 -19.43
CA GLU D 131 2.91 -37.41 -20.69
C GLU D 131 1.85 -38.49 -20.55
N SER D 132 1.87 -39.21 -19.41
CA SER D 132 0.87 -40.25 -19.19
C SER D 132 -0.53 -39.68 -19.17
N GLN D 133 -0.73 -38.55 -18.49
CA GLN D 133 -2.07 -37.95 -18.44
C GLN D 133 -2.53 -37.50 -19.82
N ASN D 134 -1.62 -36.90 -20.60
CA ASN D 134 -1.99 -36.51 -21.97
C ASN D 134 -2.41 -37.73 -22.78
N GLN D 135 -1.69 -38.84 -22.62
CA GLN D 135 -2.09 -40.06 -23.32
C GLN D 135 -3.52 -40.44 -22.98
N GLN D 136 -3.87 -40.46 -21.69
CA GLN D 136 -5.21 -40.89 -21.30
C GLN D 136 -6.27 -39.96 -21.85
N GLU D 137 -6.04 -38.65 -21.77
CA GLU D 137 -7.06 -37.71 -22.24
C GLU D 137 -7.25 -37.84 -23.75
N LYS D 138 -6.16 -37.95 -24.52
CA LYS D 138 -6.28 -38.13 -25.95
C LYS D 138 -7.01 -39.44 -26.28
N ASN D 139 -6.68 -40.50 -25.55
CA ASN D 139 -7.32 -41.79 -25.80
C ASN D 139 -8.82 -41.71 -25.54
N GLU D 140 -9.22 -41.07 -24.43
CA GLU D 140 -10.65 -40.94 -24.15
C GLU D 140 -11.35 -40.12 -25.21
N GLN D 141 -10.73 -39.02 -25.65
CA GLN D 141 -11.35 -38.21 -26.69
C GLN D 141 -11.49 -38.99 -28.00
N ASP D 142 -10.52 -39.84 -28.33
CA ASP D 142 -10.61 -40.62 -29.56
C ASP D 142 -11.67 -41.71 -29.46
N LEU D 143 -11.68 -42.46 -28.35
CA LEU D 143 -12.57 -43.62 -28.25
C LEU D 143 -14.03 -43.20 -28.28
N LEU D 144 -14.38 -42.13 -27.56
CA LEU D 144 -15.78 -41.71 -27.49
C LEU D 144 -16.28 -41.13 -28.80
N ALA D 145 -15.39 -40.85 -29.76
CA ALA D 145 -15.84 -40.45 -31.09
C ALA D 145 -16.60 -41.57 -31.78
N LEU D 146 -16.38 -42.82 -31.39
CA LEU D 146 -17.11 -43.96 -31.93
C LEU D 146 -18.44 -44.19 -31.23
N ASP D 147 -18.67 -43.52 -30.10
CA ASP D 147 -19.93 -43.66 -29.37
C ASP D 147 -21.11 -43.17 -30.20
N GLU E 1 -23.86 -33.76 -39.29
CA GLU E 1 -24.52 -34.75 -38.38
C GLU E 1 -23.52 -35.37 -37.42
N ASN E 2 -24.01 -35.75 -36.25
CA ASN E 2 -23.19 -36.42 -35.22
C ASN E 2 -21.99 -35.58 -34.82
N LEU E 3 -22.15 -34.25 -34.78
CA LEU E 3 -21.11 -33.34 -34.31
C LEU E 3 -21.59 -32.65 -33.04
N TRP E 4 -20.77 -32.69 -32.00
CA TRP E 4 -21.12 -32.10 -30.71
C TRP E 4 -20.00 -31.18 -30.24
N VAL E 5 -20.34 -30.31 -29.30
CA VAL E 5 -19.37 -29.36 -28.77
C VAL E 5 -18.31 -30.12 -27.98
N THR E 6 -17.09 -29.61 -28.02
CA THR E 6 -16.01 -30.05 -27.14
C THR E 6 -15.16 -28.85 -26.75
N VAL E 7 -14.80 -28.77 -25.47
CA VAL E 7 -14.12 -27.61 -24.92
C VAL E 7 -12.68 -27.97 -24.63
N TYR E 8 -11.76 -27.15 -25.13
CA TYR E 8 -10.33 -27.33 -24.92
C TYR E 8 -9.83 -26.29 -23.93
N TYR E 9 -8.85 -26.66 -23.13
CA TYR E 9 -8.18 -25.75 -22.22
C TYR E 9 -6.68 -25.81 -22.50
N GLY E 10 -6.02 -24.67 -22.38
CA GLY E 10 -4.65 -24.56 -22.83
C GLY E 10 -4.52 -24.26 -24.30
N VAL E 11 -5.58 -23.76 -24.93
CA VAL E 11 -5.52 -23.39 -26.34
C VAL E 11 -4.48 -22.29 -26.53
N PRO E 12 -3.58 -22.38 -27.51
CA PRO E 12 -2.63 -21.29 -27.73
C PRO E 12 -3.19 -20.16 -28.58
N VAL E 13 -3.95 -19.25 -27.99
CA VAL E 13 -4.49 -18.10 -28.70
C VAL E 13 -4.39 -16.88 -27.79
N TRP E 14 -4.45 -15.70 -28.39
CA TRP E 14 -4.18 -14.47 -27.67
C TRP E 14 -4.94 -13.30 -28.28
N LYS E 15 -5.01 -12.20 -27.53
CA LYS E 15 -5.61 -10.96 -27.99
C LYS E 15 -4.90 -9.78 -27.31
N GLU E 16 -4.66 -8.73 -28.09
CA GLU E 16 -3.95 -7.57 -27.57
C GLU E 16 -4.71 -6.95 -26.41
N ALA E 17 -3.96 -6.44 -25.42
CA ALA E 17 -4.56 -5.74 -24.29
C ALA E 17 -3.46 -5.11 -23.45
N LYS E 18 -3.77 -3.95 -22.86
CA LYS E 18 -2.84 -3.32 -21.94
C LYS E 18 -2.83 -4.05 -20.61
N THR E 19 -1.67 -4.06 -19.96
CA THR E 19 -1.52 -4.75 -18.69
C THR E 19 -0.41 -4.09 -17.89
N THR E 20 -0.29 -4.53 -16.63
CA THR E 20 0.72 -4.01 -15.72
C THR E 20 1.97 -4.89 -15.80
N LEU E 21 3.07 -4.30 -16.24
CA LEU E 21 4.29 -5.05 -16.51
C LEU E 21 5.25 -4.98 -15.33
N PHE E 22 5.82 -6.13 -14.98
CA PHE E 22 6.87 -6.18 -13.97
C PHE E 22 7.97 -5.18 -14.32
N CYS E 23 8.73 -4.80 -13.29
CA CYS E 23 9.93 -4.01 -13.45
C CYS E 23 11.08 -4.80 -12.84
N ALA E 24 12.08 -5.14 -13.65
CA ALA E 24 13.12 -6.08 -13.25
C ALA E 24 14.48 -5.41 -13.38
N SER E 25 15.53 -6.17 -13.06
CA SER E 25 16.89 -5.69 -13.14
C SER E 25 17.85 -6.87 -13.09
N ASP E 26 19.06 -6.64 -13.61
CA ASP E 26 20.10 -7.65 -13.56
C ASP E 26 20.49 -7.95 -12.12
N ALA E 27 20.81 -9.22 -11.85
CA ALA E 27 21.33 -9.59 -10.54
C ALA E 27 22.62 -8.85 -10.21
N LYS E 28 23.32 -8.35 -11.23
CA LYS E 28 24.49 -7.49 -11.04
C LYS E 28 23.99 -6.10 -10.66
N ALA E 29 23.72 -5.92 -9.38
CA ALA E 29 23.07 -4.72 -8.88
C ALA E 29 24.06 -3.57 -8.79
N TYR E 30 23.61 -2.48 -8.16
CA TYR E 30 24.43 -1.29 -7.94
C TYR E 30 25.80 -1.69 -7.39
N GLU E 31 26.86 -1.31 -8.11
CA GLU E 31 28.19 -1.86 -7.82
C GLU E 31 28.76 -1.31 -6.52
N LYS E 32 28.39 -0.09 -6.13
CA LYS E 32 28.98 0.55 -4.94
C LYS E 32 28.22 0.09 -3.69
N GLU E 33 28.41 -1.19 -3.37
CA GLU E 33 27.86 -1.80 -2.16
C GLU E 33 26.33 -1.68 -2.09
N VAL E 34 25.67 -1.70 -3.25
CA VAL E 34 24.22 -1.82 -3.30
C VAL E 34 23.58 -0.70 -2.49
N HIS E 35 24.13 0.50 -2.59
CA HIS E 35 23.60 1.64 -1.82
C HIS E 35 22.40 2.27 -2.52
N ASN E 36 21.42 1.44 -2.88
CA ASN E 36 20.08 1.90 -3.25
C ASN E 36 20.11 2.91 -4.40
N VAL E 37 20.62 2.49 -5.55
CA VAL E 37 20.26 3.15 -6.80
C VAL E 37 18.86 2.70 -7.17
N TRP E 38 18.12 3.57 -7.86
CA TRP E 38 16.69 3.35 -8.03
C TRP E 38 16.38 1.97 -8.60
N ALA E 39 17.10 1.56 -9.65
CA ALA E 39 16.84 0.26 -10.26
C ALA E 39 17.10 -0.88 -9.29
N THR E 40 18.08 -0.72 -8.40
CA THR E 40 18.42 -1.76 -7.43
C THR E 40 17.56 -1.67 -6.17
N HIS E 41 16.99 -0.50 -5.89
CA HIS E 41 16.26 -0.31 -4.64
C HIS E 41 14.90 -1.00 -4.67
N ALA E 42 14.17 -0.88 -5.77
CA ALA E 42 12.82 -1.44 -5.86
C ALA E 42 12.72 -2.50 -6.94
N CYS E 43 13.14 -2.22 -8.17
CA CYS E 43 13.04 -3.16 -9.29
C CYS E 43 14.16 -4.19 -9.24
N VAL E 44 13.97 -5.25 -8.46
CA VAL E 44 15.01 -6.26 -8.33
C VAL E 44 14.46 -7.68 -8.26
N PRO E 45 13.59 -8.10 -9.17
CA PRO E 45 13.46 -9.54 -9.45
C PRO E 45 14.64 -9.99 -10.31
N THR E 46 15.37 -10.98 -9.82
CA THR E 46 16.71 -11.24 -10.31
C THR E 46 16.70 -11.87 -11.69
N ASP E 47 17.13 -11.09 -12.68
CA ASP E 47 17.57 -11.55 -14.01
C ASP E 47 16.69 -12.68 -14.56
N PRO E 48 15.47 -12.38 -14.96
CA PRO E 48 14.69 -13.38 -15.70
C PRO E 48 15.24 -13.62 -17.10
N ASN E 49 15.79 -14.80 -17.34
CA ASN E 49 16.48 -15.06 -18.59
C ASN E 49 15.49 -15.00 -19.76
N PRO E 50 15.82 -14.30 -20.86
CA PRO E 50 14.92 -14.25 -22.01
C PRO E 50 14.94 -15.54 -22.83
N GLN E 51 14.17 -16.54 -22.41
CA GLN E 51 14.09 -17.80 -23.14
C GLN E 51 13.26 -17.64 -24.41
N GLU E 52 13.88 -17.14 -25.46
CA GLU E 52 13.15 -16.85 -26.70
C GLU E 52 12.71 -18.15 -27.35
N MET E 53 11.43 -18.22 -27.72
CA MET E 53 10.85 -19.39 -28.36
C MET E 53 10.17 -18.96 -29.66
N VAL E 54 10.85 -19.17 -30.79
CA VAL E 54 10.33 -18.73 -32.07
C VAL E 54 8.98 -19.38 -32.34
N LEU E 55 8.14 -18.69 -33.10
CA LEU E 55 6.84 -19.22 -33.52
C LEU E 55 6.89 -19.55 -35.00
N LYS E 56 6.43 -20.75 -35.35
CA LYS E 56 6.70 -21.31 -36.67
C LYS E 56 6.10 -20.48 -37.79
N ASN E 57 4.83 -20.09 -37.65
CA ASN E 57 4.08 -19.57 -38.79
C ASN E 57 3.19 -18.38 -38.45
N VAL E 58 3.51 -17.60 -37.42
CA VAL E 58 2.61 -16.54 -36.98
C VAL E 58 2.82 -15.30 -37.84
N THR E 59 1.72 -14.59 -38.12
CA THR E 59 1.74 -13.29 -38.78
C THR E 59 1.00 -12.32 -37.88
N GLU E 60 1.73 -11.39 -37.27
CA GLU E 60 1.19 -10.55 -36.20
C GLU E 60 1.39 -9.08 -36.56
N ASN E 61 0.48 -8.24 -36.09
CA ASN E 61 0.56 -6.80 -36.34
C ASN E 61 1.33 -6.10 -35.23
N PHE E 62 2.05 -5.05 -35.62
CA PHE E 62 2.75 -4.19 -34.66
C PHE E 62 2.42 -2.74 -34.96
N ASN E 63 2.44 -1.92 -33.90
CA ASN E 63 2.30 -0.48 -34.06
C ASN E 63 3.09 0.22 -32.96
N MET E 64 4.33 0.62 -33.26
CA MET E 64 5.17 1.25 -32.25
C MET E 64 4.59 2.58 -31.81
N TRP E 65 4.05 3.37 -32.74
CA TRP E 65 3.65 4.73 -32.42
C TRP E 65 2.42 4.80 -31.53
N LYS E 66 1.81 3.66 -31.17
CA LYS E 66 0.71 3.68 -30.22
C LYS E 66 0.74 2.50 -29.24
N ASN E 67 1.90 1.91 -28.96
CA ASN E 67 1.92 0.71 -28.15
C ASN E 67 1.74 1.06 -26.67
N ASP E 68 1.42 0.03 -25.89
CA ASP E 68 1.08 0.19 -24.48
C ASP E 68 2.30 0.31 -23.59
N MET E 69 3.47 -0.19 -24.02
CA MET E 69 4.64 -0.30 -23.17
C MET E 69 5.38 1.02 -22.99
N VAL E 70 5.34 1.90 -23.99
CA VAL E 70 6.12 3.14 -23.90
C VAL E 70 5.60 4.01 -22.76
N ASP E 71 4.28 4.12 -22.61
CA ASP E 71 3.73 4.96 -21.57
C ASP E 71 4.13 4.45 -20.18
N GLN E 72 4.10 3.13 -19.98
CA GLN E 72 4.56 2.59 -18.69
C GLN E 72 6.02 2.92 -18.47
N MET E 73 6.84 2.82 -19.51
CA MET E 73 8.26 3.14 -19.37
C MET E 73 8.43 4.59 -18.95
N HIS E 74 7.70 5.50 -19.59
CA HIS E 74 7.83 6.91 -19.25
C HIS E 74 7.36 7.20 -17.83
N GLU E 75 6.23 6.61 -17.44
CA GLU E 75 5.73 6.83 -16.08
C GLU E 75 6.73 6.30 -15.05
N ASP E 76 7.28 5.11 -15.28
CA ASP E 76 8.24 4.55 -14.34
C ASP E 76 9.50 5.40 -14.28
N VAL E 77 9.98 5.87 -15.44
CA VAL E 77 11.18 6.70 -15.46
C VAL E 77 10.95 8.01 -14.70
N ILE E 78 9.82 8.66 -14.90
CA ILE E 78 9.53 9.89 -14.15
C ILE E 78 9.44 9.57 -12.66
N SER E 79 8.72 8.51 -12.30
CA SER E 79 8.41 8.27 -10.90
C SER E 79 9.63 7.84 -10.12
N LEU E 80 10.55 7.11 -10.74
CA LEU E 80 11.73 6.62 -10.01
C LEU E 80 12.69 7.74 -9.66
N TRP E 81 12.55 8.92 -10.28
CA TRP E 81 13.33 10.07 -9.85
C TRP E 81 12.74 10.69 -8.58
N ASP E 82 11.41 10.76 -8.49
CA ASP E 82 10.79 11.31 -7.30
C ASP E 82 11.10 10.47 -6.06
N GLN E 83 11.04 9.15 -6.20
CA GLN E 83 11.31 8.28 -5.06
C GLN E 83 12.74 8.33 -4.59
N SER E 84 13.65 8.94 -5.35
CA SER E 84 15.05 9.04 -4.98
C SER E 84 15.47 10.45 -4.55
N LEU E 85 14.70 11.47 -4.90
CA LEU E 85 15.01 12.83 -4.48
C LEU E 85 14.27 13.25 -3.21
N LYS E 86 13.28 12.47 -2.77
CA LYS E 86 12.47 12.85 -1.62
C LYS E 86 13.29 13.10 -0.35
N PRO E 87 14.22 12.23 0.05
CA PRO E 87 14.94 12.46 1.30
C PRO E 87 16.03 13.52 1.23
N CYS E 88 16.45 13.92 0.03
CA CYS E 88 17.57 14.85 -0.10
C CYS E 88 17.20 16.24 0.39
N VAL E 89 18.23 17.05 0.63
CA VAL E 89 18.03 18.36 1.26
C VAL E 89 17.26 19.27 0.32
N LYS E 90 16.28 19.98 0.87
CA LYS E 90 15.63 21.06 0.14
C LYS E 90 16.48 22.32 0.24
N LEU E 91 16.63 23.04 -0.87
CA LEU E 91 17.39 24.28 -0.88
C LEU E 91 16.51 25.51 -0.76
N THR E 92 15.34 25.39 -0.12
CA THR E 92 14.52 26.56 0.15
C THR E 92 15.23 27.61 0.99
N PRO E 93 15.98 27.27 2.04
CA PRO E 93 16.67 28.32 2.81
C PRO E 93 17.68 29.11 2.00
N LEU E 94 18.11 28.60 0.85
CA LEU E 94 19.16 29.23 0.07
C LEU E 94 18.64 30.21 -0.98
N CYS E 95 17.32 30.33 -1.14
CA CYS E 95 16.78 31.30 -2.09
C CYS E 95 16.75 32.69 -1.47
N VAL E 96 17.92 33.21 -1.11
CA VAL E 96 18.06 34.55 -0.54
C VAL E 96 18.70 35.45 -1.58
N THR E 97 18.66 36.75 -1.36
CA THR E 97 19.32 37.68 -2.27
C THR E 97 20.83 37.46 -2.22
N LEU E 98 21.48 37.65 -3.36
CA LEU E 98 22.91 37.41 -3.50
C LEU E 98 23.60 38.71 -3.90
N ASN E 99 24.76 38.96 -3.30
CA ASN E 99 25.66 40.02 -3.73
C ASN E 99 26.80 39.36 -4.48
N CYS E 100 26.81 39.52 -5.81
CA CYS E 100 27.63 38.68 -6.67
C CYS E 100 28.50 39.54 -7.56
N THR E 101 29.69 39.01 -7.87
CA THR E 101 30.67 39.72 -8.67
C THR E 101 31.30 38.75 -9.66
N ASN E 102 32.36 39.20 -10.33
CA ASN E 102 33.04 38.37 -11.30
C ASN E 102 34.04 37.45 -10.62
N ALA E 103 34.21 36.25 -11.16
CA ALA E 103 35.19 35.32 -10.64
C ALA E 103 36.50 35.43 -11.41
N THR E 104 37.55 34.80 -10.87
CA THR E 104 38.88 34.84 -11.48
C THR E 104 39.61 33.54 -11.19
N ALA E 105 40.18 32.95 -12.24
CA ALA E 105 41.07 31.80 -12.10
C ALA E 105 42.49 32.27 -11.81
N SER E 106 43.45 31.36 -11.90
CA SER E 106 44.84 31.71 -11.61
C SER E 106 45.27 32.93 -12.42
N ASN E 107 46.24 33.66 -11.87
CA ASN E 107 46.77 34.89 -12.47
C ASN E 107 45.70 35.97 -12.58
N SER E 108 44.67 35.91 -11.74
CA SER E 108 43.59 36.89 -11.72
C SER E 108 42.89 37.01 -13.07
N SER E 109 42.94 35.97 -13.89
CA SER E 109 42.27 35.99 -15.18
C SER E 109 40.78 35.78 -15.01
N ILE E 110 39.97 36.66 -15.59
CA ILE E 110 38.53 36.56 -15.46
C ILE E 110 38.06 35.27 -16.12
N ILE E 111 37.30 34.47 -15.38
CA ILE E 111 36.78 33.19 -15.88
C ILE E 111 35.35 33.47 -16.34
N GLU E 112 35.19 33.61 -17.66
CA GLU E 112 33.88 33.90 -18.21
C GLU E 112 32.95 32.72 -18.02
N GLY E 113 31.71 33.00 -17.63
CA GLY E 113 30.72 31.98 -17.37
C GLY E 113 30.52 31.65 -15.90
N MET E 114 31.23 32.32 -15.01
CA MET E 114 31.08 32.11 -13.57
C MET E 114 30.94 33.45 -12.88
N LYS E 115 30.37 33.43 -11.67
CA LYS E 115 30.18 34.63 -10.87
C LYS E 115 30.32 34.27 -9.39
N ASN E 116 31.15 35.02 -8.68
CA ASN E 116 31.42 34.77 -7.27
C ASN E 116 30.34 35.43 -6.42
N CYS E 117 29.36 34.64 -6.00
CA CYS E 117 28.25 35.13 -5.20
C CYS E 117 28.54 34.94 -3.72
N SER E 118 27.91 35.77 -2.88
CA SER E 118 27.95 35.63 -1.44
C SER E 118 26.57 35.92 -0.88
N PHE E 119 26.21 35.25 0.21
CA PHE E 119 24.85 35.31 0.71
C PHE E 119 24.83 35.03 2.21
N ASN E 120 23.71 35.36 2.84
CA ASN E 120 23.50 35.16 4.26
C ASN E 120 22.69 33.90 4.48
N ILE E 121 23.18 33.01 5.35
CA ILE E 121 22.55 31.71 5.60
C ILE E 121 22.57 31.45 7.10
N THR E 122 21.55 30.75 7.59
CA THR E 122 21.46 30.41 9.01
C THR E 122 22.29 29.17 9.31
N THR E 123 23.08 29.23 10.37
CA THR E 123 23.98 28.15 10.74
C THR E 123 23.25 27.16 11.64
N GLU E 124 24.00 26.25 12.27
CA GLU E 124 23.40 25.26 13.16
C GLU E 124 22.52 25.89 14.23
N LEU E 125 22.92 27.04 14.76
CA LEU E 125 22.11 27.78 15.72
C LEU E 125 21.19 28.71 14.95
N ARG E 126 19.88 28.59 15.20
CA ARG E 126 18.89 29.28 14.40
C ARG E 126 18.80 30.78 14.70
N ASP E 127 19.63 31.29 15.62
CA ASP E 127 19.68 32.72 15.88
C ASP E 127 20.88 33.39 15.23
N LYS E 128 21.82 32.63 14.70
CA LYS E 128 23.03 33.18 14.07
C LYS E 128 23.00 32.89 12.58
N ARG E 129 23.33 33.92 11.78
CA ARG E 129 23.47 33.76 10.35
C ARG E 129 24.76 34.45 9.91
N GLU E 130 25.45 33.87 8.94
CA GLU E 130 26.76 34.33 8.52
C GLU E 130 26.79 34.52 7.01
N LYS E 131 27.87 35.14 6.54
CA LYS E 131 28.05 35.41 5.11
C LYS E 131 28.99 34.38 4.51
N LYS E 132 28.44 33.49 3.69
CA LYS E 132 29.23 32.52 2.94
C LYS E 132 29.41 33.00 1.51
N ASN E 133 30.03 32.16 0.68
CA ASN E 133 30.21 32.48 -0.72
C ASN E 133 30.41 31.19 -1.52
N ALA E 134 29.98 31.26 -2.77
CA ALA E 134 30.10 30.15 -3.71
C ALA E 134 30.07 30.71 -5.13
N LEU E 135 30.38 29.84 -6.09
CA LEU E 135 30.46 30.23 -7.48
C LEU E 135 29.35 29.52 -8.27
N PHE E 136 28.50 30.30 -8.91
CA PHE E 136 27.38 29.79 -9.69
C PHE E 136 27.60 30.08 -11.16
N TYR E 137 27.25 29.12 -12.02
CA TYR E 137 27.27 29.37 -13.44
C TYR E 137 26.30 30.52 -13.78
N LYS E 138 26.59 31.22 -14.87
CA LYS E 138 25.72 32.31 -15.27
C LYS E 138 24.31 31.82 -15.59
N LEU E 139 24.15 30.54 -15.86
CA LEU E 139 22.85 29.99 -16.21
C LEU E 139 22.02 29.58 -15.01
N ASP E 140 22.62 29.49 -13.82
CA ASP E 140 21.88 29.26 -12.59
C ASP E 140 21.47 30.56 -11.91
N ILE E 141 21.70 31.70 -12.55
CA ILE E 141 21.56 33.00 -11.92
C ILE E 141 20.78 33.92 -12.85
N VAL E 142 19.84 34.67 -12.28
CA VAL E 142 19.08 35.68 -13.00
C VAL E 142 19.28 37.01 -12.30
N GLN E 143 19.69 38.03 -13.07
CA GLN E 143 19.95 39.33 -12.49
C GLN E 143 18.65 39.95 -11.98
N LEU E 144 18.66 40.42 -10.74
CA LEU E 144 17.50 41.10 -10.18
C LEU E 144 17.28 42.40 -10.92
N ASP E 145 16.01 42.77 -11.09
CA ASP E 145 15.62 43.97 -11.82
C ASP E 145 15.93 45.19 -10.95
N GLY E 146 17.19 45.59 -10.95
CA GLY E 146 17.66 46.68 -10.12
C GLY E 146 19.14 46.92 -10.29
N ASN E 147 19.86 47.05 -9.17
CA ASN E 147 21.30 47.24 -9.25
C ASN E 147 21.96 46.03 -9.90
N SER E 148 23.03 46.27 -10.66
CA SER E 148 23.64 45.23 -11.46
C SER E 148 24.37 44.18 -10.63
N SER E 149 24.55 44.40 -9.33
CA SER E 149 25.29 43.47 -8.49
C SER E 149 24.40 42.57 -7.64
N GLN E 150 23.08 42.63 -7.82
CA GLN E 150 22.15 41.79 -7.09
C GLN E 150 21.64 40.67 -7.98
N TYR E 151 21.62 39.45 -7.46
CA TYR E 151 21.25 38.28 -8.23
C TYR E 151 20.42 37.34 -7.37
N ARG E 152 19.75 36.40 -8.03
CA ARG E 152 18.87 35.43 -7.39
C ARG E 152 18.89 34.16 -8.21
N LEU E 153 18.76 33.02 -7.53
CA LEU E 153 18.75 31.74 -8.23
C LEU E 153 17.66 31.71 -9.28
N ILE E 154 17.97 31.15 -10.45
CA ILE E 154 17.07 31.21 -11.59
C ILE E 154 15.74 30.56 -11.26
N ASN E 155 15.76 29.45 -10.53
CA ASN E 155 14.59 28.60 -10.43
C ASN E 155 13.81 28.80 -9.13
N CYS E 156 14.33 29.55 -8.18
CA CYS E 156 13.68 29.58 -6.87
C CYS E 156 12.58 30.64 -6.78
N ASN E 157 12.06 31.12 -7.91
CA ASN E 157 10.86 31.95 -7.93
C ASN E 157 9.70 31.29 -8.65
N THR E 158 9.78 29.99 -8.91
CA THR E 158 8.67 29.25 -9.50
C THR E 158 8.41 27.94 -8.78
N SER E 159 9.44 27.36 -8.15
CA SER E 159 9.29 26.03 -7.56
C SER E 159 10.36 25.83 -6.49
N VAL E 160 10.36 24.62 -5.92
CA VAL E 160 11.24 24.28 -4.80
C VAL E 160 12.35 23.38 -5.31
N ILE E 161 13.59 23.79 -5.06
CA ILE E 161 14.75 23.04 -5.52
C ILE E 161 15.11 21.99 -4.49
N THR E 162 15.67 20.87 -4.95
CA THR E 162 16.18 19.82 -4.08
C THR E 162 17.48 19.28 -4.64
N GLN E 163 18.51 19.27 -3.80
CA GLN E 163 19.81 18.77 -4.22
C GLN E 163 19.75 17.26 -4.43
N ALA E 164 20.53 16.77 -5.39
CA ALA E 164 20.59 15.34 -5.64
C ALA E 164 21.58 14.69 -4.69
N CYS E 165 21.15 13.64 -4.01
CA CYS E 165 21.99 12.98 -3.02
C CYS E 165 23.21 12.37 -3.70
N PRO E 166 24.43 12.71 -3.31
CA PRO E 166 25.60 12.15 -4.01
C PRO E 166 25.71 10.64 -3.88
N LYS E 167 25.08 10.03 -2.88
CA LYS E 167 25.24 8.60 -2.66
C LYS E 167 24.36 7.75 -3.55
N VAL E 168 23.48 8.37 -4.35
CA VAL E 168 22.58 7.63 -5.23
C VAL E 168 22.87 7.99 -6.68
N SER E 169 24.14 8.29 -6.97
CA SER E 169 24.55 8.70 -8.31
C SER E 169 23.79 7.95 -9.39
N PHE E 170 23.19 8.70 -10.31
CA PHE E 170 22.38 8.10 -11.35
C PHE E 170 23.25 7.49 -12.44
N ASP E 171 22.75 6.39 -13.03
CA ASP E 171 23.50 5.68 -14.06
C ASP E 171 22.52 4.88 -14.89
N PRO E 172 22.74 4.72 -16.20
CA PRO E 172 21.84 3.89 -17.01
C PRO E 172 21.99 2.40 -16.75
N ILE E 173 21.49 1.91 -15.62
CA ILE E 173 21.47 0.46 -15.39
C ILE E 173 20.36 -0.15 -16.23
N PRO E 174 20.60 -1.23 -16.99
CA PRO E 174 19.55 -1.77 -17.86
C PRO E 174 18.36 -2.24 -17.05
N ILE E 175 17.18 -2.15 -17.67
CA ILE E 175 15.91 -2.50 -17.04
C ILE E 175 15.19 -3.49 -17.93
N HIS E 176 14.78 -4.62 -17.35
CA HIS E 176 14.07 -5.67 -18.07
C HIS E 176 12.58 -5.60 -17.74
N TYR E 177 11.75 -5.59 -18.78
CA TYR E 177 10.31 -5.54 -18.62
C TYR E 177 9.71 -6.92 -18.90
N CYS E 178 9.03 -7.48 -17.91
CA CYS E 178 8.45 -8.81 -17.99
C CYS E 178 6.96 -8.74 -17.73
N ALA E 179 6.19 -9.46 -18.54
CA ALA E 179 4.75 -9.49 -18.32
C ALA E 179 4.41 -10.47 -17.21
N PRO E 180 3.33 -10.24 -16.46
CA PRO E 180 2.98 -11.14 -15.37
C PRO E 180 2.40 -12.45 -15.89
N ALA E 181 2.22 -13.40 -14.98
CA ALA E 181 1.70 -14.70 -15.36
C ALA E 181 0.34 -14.53 -16.05
N GLY E 182 0.20 -15.18 -17.20
CA GLY E 182 -0.98 -15.09 -18.01
C GLY E 182 -0.77 -14.37 -19.33
N TYR E 183 0.10 -13.35 -19.34
CA TYR E 183 0.39 -12.59 -20.55
C TYR E 183 1.65 -13.13 -21.22
N ALA E 184 2.00 -12.53 -22.36
CA ALA E 184 3.17 -12.92 -23.13
C ALA E 184 3.67 -11.74 -23.94
N ILE E 185 4.98 -11.52 -23.89
CA ILE E 185 5.62 -10.42 -24.61
C ILE E 185 6.16 -10.95 -25.94
N LEU E 186 5.43 -10.68 -27.02
CA LEU E 186 5.90 -11.03 -28.35
C LEU E 186 7.01 -10.07 -28.77
N LYS E 187 7.49 -10.26 -30.00
CA LYS E 187 8.42 -9.32 -30.62
C LYS E 187 8.66 -9.73 -32.06
N CYS E 188 9.25 -8.82 -32.83
CA CYS E 188 9.51 -9.01 -34.25
C CYS E 188 11.00 -9.23 -34.48
N ASN E 189 11.32 -10.16 -35.37
CA ASN E 189 12.70 -10.45 -35.72
C ASN E 189 13.05 -10.02 -37.14
N ASN E 190 12.06 -9.62 -37.94
CA ASN E 190 12.32 -9.11 -39.28
C ASN E 190 13.28 -7.94 -39.18
N LYS E 191 14.50 -8.10 -39.70
CA LYS E 191 15.57 -7.13 -39.45
C LYS E 191 15.47 -5.89 -40.32
N THR E 192 14.42 -5.74 -41.13
CA THR E 192 14.16 -4.50 -41.85
C THR E 192 12.75 -3.99 -41.57
N PHE E 193 12.16 -4.40 -40.45
CA PHE E 193 10.84 -3.95 -40.07
C PHE E 193 10.86 -2.45 -39.80
N THR E 194 9.90 -1.73 -40.38
CA THR E 194 9.92 -0.28 -40.40
C THR E 194 9.08 0.35 -39.28
N GLY E 195 8.79 -0.40 -38.22
CA GLY E 195 8.12 0.13 -37.06
C GLY E 195 6.62 -0.03 -37.05
N THR E 196 6.01 -0.29 -38.20
CA THR E 196 4.57 -0.55 -38.26
C THR E 196 4.31 -1.50 -39.41
N GLY E 197 3.20 -2.22 -39.32
CA GLY E 197 2.88 -3.25 -40.28
C GLY E 197 3.31 -4.62 -39.77
N PRO E 198 2.69 -5.66 -40.30
CA PRO E 198 2.88 -7.01 -39.74
C PRO E 198 4.30 -7.54 -39.95
N CYS E 199 4.70 -8.41 -39.04
CA CYS E 199 5.96 -9.13 -39.10
C CYS E 199 5.70 -10.62 -39.26
N ASN E 200 6.50 -11.26 -40.10
CA ASN E 200 6.31 -12.67 -40.43
C ASN E 200 7.25 -13.60 -39.68
N ASN E 201 7.98 -13.09 -38.68
CA ASN E 201 8.97 -13.88 -37.96
C ASN E 201 8.88 -13.57 -36.46
N VAL E 202 7.65 -13.55 -35.94
CA VAL E 202 7.41 -13.23 -34.54
C VAL E 202 8.09 -14.25 -33.65
N SER E 203 8.38 -13.84 -32.41
CA SER E 203 8.88 -14.73 -31.38
C SER E 203 8.53 -14.15 -30.02
N THR E 204 8.49 -15.02 -29.01
CA THR E 204 8.08 -14.62 -27.67
C THR E 204 9.28 -14.69 -26.73
N VAL E 205 9.15 -14.05 -25.57
CA VAL E 205 10.20 -14.04 -24.55
C VAL E 205 9.56 -13.87 -23.20
N GLN E 206 10.31 -14.23 -22.15
CA GLN E 206 9.89 -13.90 -20.80
C GLN E 206 9.97 -12.41 -20.55
N CYS E 207 11.00 -11.76 -21.11
CA CYS E 207 11.27 -10.36 -20.81
C CYS E 207 11.96 -9.71 -21.99
N THR E 208 11.96 -8.38 -21.99
CA THR E 208 12.74 -7.62 -22.94
C THR E 208 14.23 -7.68 -22.57
N HIS E 209 15.08 -7.48 -23.57
CA HIS E 209 16.50 -7.37 -23.30
C HIS E 209 16.74 -6.17 -22.38
N GLY E 210 17.98 -6.06 -21.89
CA GLY E 210 18.32 -4.91 -21.09
C GLY E 210 18.11 -3.62 -21.85
N ILE E 211 17.32 -2.72 -21.30
CA ILE E 211 17.02 -1.43 -21.92
C ILE E 211 17.62 -0.34 -21.07
N LYS E 212 18.52 0.44 -21.64
CA LYS E 212 19.18 1.51 -20.91
C LYS E 212 18.24 2.71 -20.82
N PRO E 213 17.96 3.24 -19.62
CA PRO E 213 17.06 4.40 -19.50
C PRO E 213 17.79 5.72 -19.74
N VAL E 214 18.40 5.84 -20.93
CA VAL E 214 19.21 7.01 -21.23
C VAL E 214 18.33 8.26 -21.30
N VAL E 215 18.93 9.40 -20.97
CA VAL E 215 18.28 10.70 -21.13
C VAL E 215 19.15 11.56 -22.03
N SER E 216 18.57 12.02 -23.14
CA SER E 216 19.25 12.89 -24.08
C SER E 216 18.19 13.52 -24.97
N THR E 217 18.64 14.41 -25.86
CA THR E 217 17.69 15.21 -26.63
C THR E 217 17.76 14.99 -28.14
N GLN E 218 18.94 14.88 -28.74
CA GLN E 218 19.01 14.90 -30.20
C GLN E 218 19.93 13.87 -30.82
N LEU E 219 20.55 12.98 -30.03
CA LEU E 219 21.48 12.02 -30.60
C LEU E 219 21.34 10.62 -30.04
N LEU E 220 20.30 10.35 -29.25
CA LEU E 220 19.99 8.99 -28.78
C LEU E 220 21.25 8.19 -28.50
N LEU E 221 22.16 8.73 -27.69
CA LEU E 221 23.46 8.10 -27.52
C LEU E 221 23.35 6.82 -26.69
N ASN E 222 24.41 6.02 -26.76
CA ASN E 222 24.54 4.74 -26.05
C ASN E 222 23.36 3.81 -26.31
N GLY E 223 22.77 3.89 -27.49
CA GLY E 223 21.62 3.05 -27.82
C GLY E 223 22.03 1.71 -28.39
N SER E 224 21.03 1.01 -28.91
CA SER E 224 21.24 -0.25 -29.61
C SER E 224 21.29 -0.01 -31.11
N LEU E 225 21.97 -0.90 -31.82
CA LEU E 225 22.17 -0.74 -33.25
C LEU E 225 21.23 -1.63 -34.05
N ALA E 226 20.75 -1.11 -35.18
CA ALA E 226 19.98 -1.92 -36.10
C ALA E 226 20.88 -3.00 -36.72
N GLU E 227 20.26 -4.07 -37.21
CA GLU E 227 21.02 -5.20 -37.71
C GLU E 227 21.29 -5.12 -39.21
N GLY E 228 20.45 -4.41 -39.96
CA GLY E 228 20.69 -4.23 -41.38
C GLY E 228 21.43 -2.94 -41.66
N GLU E 229 20.92 -2.14 -42.59
CA GLU E 229 21.45 -0.82 -42.85
C GLU E 229 20.57 0.24 -42.19
N ILE E 230 20.93 1.51 -42.38
CA ILE E 230 20.23 2.60 -41.72
C ILE E 230 18.74 2.50 -42.00
N ILE E 231 17.93 2.64 -40.95
CA ILE E 231 16.48 2.54 -41.03
C ILE E 231 15.89 3.91 -40.69
N ILE E 232 14.78 4.25 -41.33
CA ILE E 232 14.04 5.48 -41.04
C ILE E 232 12.65 5.10 -40.58
N ARG E 233 12.16 5.78 -39.55
CA ARG E 233 10.85 5.48 -38.98
C ARG E 233 10.06 6.76 -38.78
N SER E 234 8.74 6.64 -38.95
CA SER E 234 7.81 7.71 -38.65
C SER E 234 6.40 7.18 -38.82
N GLU E 235 5.46 7.78 -38.10
CA GLU E 235 4.06 7.48 -38.35
C GLU E 235 3.64 7.99 -39.73
N ASN E 236 4.14 9.15 -40.12
CA ASN E 236 3.92 9.69 -41.45
C ASN E 236 5.08 10.62 -41.77
N ILE E 237 6.00 10.16 -42.62
CA ILE E 237 7.21 10.94 -42.89
C ILE E 237 6.85 12.32 -43.43
N THR E 238 5.77 12.41 -44.22
CA THR E 238 5.40 13.69 -44.81
C THR E 238 5.00 14.70 -43.75
N LYS E 239 4.22 14.27 -42.74
CA LYS E 239 3.68 15.19 -41.76
C LYS E 239 4.78 15.62 -40.78
N ASN E 240 4.83 16.92 -40.47
CA ASN E 240 5.93 17.47 -39.69
C ASN E 240 5.74 17.29 -38.19
N VAL E 241 4.54 16.96 -37.73
CA VAL E 241 4.30 16.84 -36.30
C VAL E 241 4.93 15.60 -35.69
N LYS E 242 5.44 14.68 -36.51
CA LYS E 242 5.95 13.40 -36.05
C LYS E 242 7.45 13.35 -36.18
N THR E 243 8.12 12.97 -35.09
CA THR E 243 9.57 12.87 -35.10
C THR E 243 10.03 11.77 -36.05
N ILE E 244 11.04 12.08 -36.86
CA ILE E 244 11.58 11.13 -37.83
C ILE E 244 12.78 10.45 -37.15
N ILE E 245 12.51 9.34 -36.47
CA ILE E 245 13.57 8.62 -35.78
C ILE E 245 14.45 7.89 -36.79
N VAL E 246 15.64 8.40 -37.02
CA VAL E 246 16.65 7.74 -37.83
C VAL E 246 17.44 6.81 -36.93
N HIS E 247 17.69 5.58 -37.39
CA HIS E 247 18.34 4.55 -36.60
C HIS E 247 19.62 4.15 -37.31
N LEU E 248 20.74 4.20 -36.61
CA LEU E 248 22.03 3.95 -37.23
C LEU E 248 22.47 2.51 -37.01
N ASN E 249 22.88 1.86 -38.10
CA ASN E 249 23.54 0.56 -38.02
C ASN E 249 25.03 0.69 -37.82
N GLU E 250 25.57 1.90 -37.84
CA GLU E 250 26.99 2.15 -37.66
C GLU E 250 27.17 3.15 -36.53
N SER E 251 27.75 2.70 -35.43
CA SER E 251 27.94 3.58 -34.28
C SER E 251 29.02 4.61 -34.58
N VAL E 252 28.74 5.87 -34.25
CA VAL E 252 29.69 6.97 -34.44
C VAL E 252 30.15 7.42 -33.07
N LYS E 253 31.42 7.20 -32.76
CA LYS E 253 31.93 7.53 -31.44
C LYS E 253 31.91 9.03 -31.21
N ILE E 254 31.57 9.43 -29.99
CA ILE E 254 31.56 10.82 -29.58
C ILE E 254 32.16 10.91 -28.18
N GLU E 255 33.03 11.90 -27.98
CA GLU E 255 33.65 12.13 -26.69
C GLU E 255 33.27 13.52 -26.18
N CYS E 256 33.29 13.69 -24.87
CA CYS E 256 33.01 14.98 -24.24
C CYS E 256 33.76 15.03 -22.91
N THR E 257 34.40 16.17 -22.66
CA THR E 257 35.28 16.30 -21.51
C THR E 257 35.13 17.67 -20.88
N ARG E 258 35.51 17.77 -19.62
CA ARG E 258 35.43 18.99 -18.81
C ARG E 258 36.81 19.20 -18.20
N PRO E 259 37.75 19.81 -18.93
CA PRO E 259 39.14 19.83 -18.45
C PRO E 259 39.34 20.49 -17.10
N ASN E 260 38.50 21.46 -16.73
CA ASN E 260 38.69 22.16 -15.47
C ASN E 260 38.58 21.19 -14.29
N ASN E 261 39.05 21.65 -13.14
CA ASN E 261 38.86 20.96 -11.87
C ASN E 261 37.91 21.77 -11.01
N LYS E 262 37.18 21.09 -10.14
CA LYS E 262 36.19 21.72 -9.28
C LYS E 262 36.55 21.49 -7.82
N THR E 263 36.38 22.52 -7.00
CA THR E 263 36.62 22.43 -5.56
C THR E 263 35.27 22.31 -4.86
N ARG E 264 34.90 21.09 -4.49
CA ARG E 264 33.66 20.90 -3.74
C ARG E 264 33.86 21.36 -2.30
N THR E 265 32.91 22.17 -1.82
CA THR E 265 32.96 22.68 -0.46
C THR E 265 31.59 22.50 0.18
N SER E 266 31.57 22.34 1.50
CA SER E 266 30.36 22.01 2.23
C SER E 266 29.88 23.22 3.02
N ILE E 267 28.64 23.63 2.76
CA ILE E 267 27.98 24.71 3.49
C ILE E 267 26.82 24.08 4.26
N ARG E 268 26.81 24.28 5.57
CA ARG E 268 25.79 23.66 6.41
C ARG E 268 24.52 24.50 6.43
N ILE E 269 23.38 23.84 6.19
CA ILE E 269 22.11 24.54 6.17
C ILE E 269 21.38 24.48 7.50
N GLY E 270 21.66 23.48 8.33
CA GLY E 270 21.01 23.34 9.61
C GLY E 270 21.35 22.03 10.28
N PRO E 271 20.36 21.35 10.86
CA PRO E 271 20.64 20.09 11.54
C PRO E 271 20.85 18.93 10.59
N GLY E 272 22.11 18.49 10.44
CA GLY E 272 22.41 17.29 9.69
C GLY E 272 22.26 17.40 8.19
N GLN E 273 22.10 18.60 7.66
CA GLN E 273 21.93 18.83 6.23
C GLN E 273 23.16 19.54 5.68
N ALA E 274 23.66 19.08 4.55
CA ALA E 274 24.83 19.65 3.89
C ALA E 274 24.43 20.12 2.49
N PHE E 275 25.07 21.19 2.04
CA PHE E 275 24.85 21.73 0.70
C PHE E 275 26.19 21.92 0.01
N TYR E 276 26.43 21.18 -1.06
CA TYR E 276 27.73 21.12 -1.71
C TYR E 276 27.80 22.17 -2.80
N ALA E 277 28.30 23.35 -2.47
CA ALA E 277 28.49 24.40 -3.46
C ALA E 277 29.82 24.21 -4.18
N THR E 278 30.16 25.16 -5.04
CA THR E 278 31.42 25.17 -5.77
C THR E 278 32.27 26.33 -5.27
N GLY E 279 33.46 26.02 -4.76
CA GLY E 279 34.36 27.06 -4.29
C GLY E 279 35.21 27.61 -5.41
N GLN E 280 36.52 27.68 -5.18
CA GLN E 280 37.43 28.17 -6.21
C GLN E 280 37.58 27.15 -7.32
N VAL E 281 37.68 27.63 -8.56
CA VAL E 281 37.90 26.77 -9.70
C VAL E 281 39.39 26.61 -9.94
N ILE E 282 39.83 25.37 -10.07
CA ILE E 282 41.25 25.04 -10.22
C ILE E 282 41.53 24.73 -11.69
N GLY E 283 42.75 24.99 -12.11
CA GLY E 283 43.13 24.80 -13.49
C GLY E 283 42.88 26.04 -14.33
N ASP E 284 43.34 25.98 -15.57
CA ASP E 284 43.20 27.12 -16.47
C ASP E 284 41.79 27.18 -17.04
N ILE E 285 41.46 28.34 -17.61
CA ILE E 285 40.11 28.58 -18.11
C ILE E 285 39.90 27.83 -19.41
N ARG E 286 38.81 27.05 -19.47
CA ARG E 286 38.45 26.31 -20.68
C ARG E 286 36.93 26.20 -20.75
N GLU E 287 36.46 25.78 -21.93
CA GLU E 287 35.07 25.40 -22.10
C GLU E 287 34.97 23.93 -22.48
N ALA E 288 34.09 23.22 -21.79
CA ALA E 288 33.90 21.80 -22.09
C ALA E 288 33.55 21.62 -23.55
N TYR E 289 34.13 20.58 -24.16
CA TYR E 289 34.02 20.38 -25.60
C TYR E 289 33.78 18.92 -25.90
N CYS E 290 33.26 18.66 -27.10
CA CYS E 290 33.01 17.31 -27.58
C CYS E 290 33.69 17.11 -28.94
N ASN E 291 34.06 15.87 -29.21
CA ASN E 291 34.82 15.50 -30.40
C ASN E 291 34.09 14.41 -31.18
N ILE E 292 34.20 14.47 -32.51
CA ILE E 292 33.61 13.48 -33.39
C ILE E 292 34.57 13.24 -34.54
N ASN E 293 34.69 11.98 -34.95
CA ASN E 293 35.53 11.63 -36.10
C ASN E 293 34.87 12.15 -37.37
N GLU E 294 35.43 13.22 -37.94
CA GLU E 294 34.77 13.89 -39.06
C GLU E 294 34.53 12.94 -40.23
N SER E 295 35.44 12.00 -40.48
CA SER E 295 35.24 11.05 -41.56
C SER E 295 33.97 10.23 -41.31
N LYS E 296 33.82 9.72 -40.09
CA LYS E 296 32.65 8.91 -39.78
C LYS E 296 31.35 9.72 -39.86
N TRP E 297 31.37 10.97 -39.41
CA TRP E 297 30.16 11.78 -39.50
C TRP E 297 29.82 12.11 -40.95
N ASN E 298 30.83 12.45 -41.75
CA ASN E 298 30.58 12.68 -43.17
C ASN E 298 29.94 11.45 -43.79
N GLU E 299 30.49 10.27 -43.51
CA GLU E 299 29.94 9.05 -44.10
C GLU E 299 28.52 8.79 -43.59
N THR E 300 28.28 8.98 -42.30
CA THR E 300 26.97 8.68 -41.74
C THR E 300 25.90 9.63 -42.28
N LEU E 301 26.23 10.92 -42.42
CA LEU E 301 25.27 11.83 -43.00
C LEU E 301 25.05 11.57 -44.48
N GLN E 302 26.11 11.18 -45.20
CA GLN E 302 25.92 10.73 -46.58
C GLN E 302 24.92 9.58 -46.63
N ARG E 303 25.09 8.60 -45.73
CA ARG E 303 24.21 7.44 -45.74
C ARG E 303 22.77 7.82 -45.39
N VAL E 304 22.59 8.69 -44.40
CA VAL E 304 21.24 9.07 -43.99
C VAL E 304 20.57 9.88 -45.09
N SER E 305 21.33 10.71 -45.79
CA SER E 305 20.76 11.42 -46.93
C SER E 305 20.40 10.47 -48.05
N LYS E 306 21.23 9.45 -48.27
CA LYS E 306 20.96 8.44 -49.29
C LYS E 306 19.66 7.71 -48.97
N LYS E 307 19.49 7.30 -47.72
CA LYS E 307 18.30 6.54 -47.34
C LYS E 307 17.06 7.44 -47.30
N LEU E 308 17.24 8.70 -46.93
CA LEU E 308 16.10 9.59 -46.75
C LEU E 308 15.54 10.06 -48.08
N LYS E 309 16.41 10.22 -49.09
CA LYS E 309 15.94 10.71 -50.38
C LYS E 309 15.30 9.61 -51.22
N GLU E 310 15.31 8.35 -50.75
CA GLU E 310 14.51 7.33 -51.39
C GLU E 310 13.02 7.63 -51.24
N TYR E 311 12.64 8.40 -50.22
CA TYR E 311 11.28 8.89 -50.08
C TYR E 311 11.06 10.23 -50.75
N PHE E 312 12.13 10.89 -51.20
CA PHE E 312 12.05 12.14 -51.93
C PHE E 312 13.11 12.16 -53.01
N PRO E 313 13.09 11.21 -53.95
CA PRO E 313 14.19 11.09 -54.91
C PRO E 313 14.36 12.31 -55.81
N HIS E 314 13.33 13.11 -55.99
CA HIS E 314 13.38 14.25 -56.90
C HIS E 314 13.80 15.55 -56.23
N LYS E 315 14.20 15.50 -54.95
CA LYS E 315 14.51 16.69 -54.19
C LYS E 315 15.92 16.61 -53.62
N ASN E 316 16.57 17.78 -53.53
CA ASN E 316 17.73 17.92 -52.68
C ASN E 316 17.31 17.89 -51.22
N ILE E 317 18.24 17.52 -50.35
CA ILE E 317 17.98 17.46 -48.91
C ILE E 317 18.98 18.35 -48.21
N THR E 318 18.46 19.24 -47.35
CA THR E 318 19.26 20.22 -46.62
C THR E 318 19.04 20.01 -45.14
N PHE E 319 20.11 19.69 -44.41
CA PHE E 319 20.08 19.71 -42.96
C PHE E 319 20.29 21.13 -42.46
N GLN E 320 19.65 21.46 -41.35
CA GLN E 320 19.76 22.79 -40.78
C GLN E 320 20.05 22.70 -39.29
N PRO E 321 20.74 23.69 -38.73
CA PRO E 321 21.00 23.70 -37.29
C PRO E 321 19.76 24.07 -36.51
N SER E 322 19.83 23.85 -35.20
CA SER E 322 18.70 24.14 -34.32
C SER E 322 18.32 25.61 -34.44
N SER E 323 17.01 25.87 -34.44
CA SER E 323 16.50 27.21 -34.69
C SER E 323 16.97 28.20 -33.63
N GLY E 324 16.59 27.98 -32.39
CA GLY E 324 16.94 28.90 -31.32
C GLY E 324 15.93 28.86 -30.20
N GLY E 325 16.30 29.49 -29.10
CA GLY E 325 15.45 29.53 -27.92
C GLY E 325 16.14 29.00 -26.68
N ASP E 326 15.35 28.42 -25.79
CA ASP E 326 15.89 27.89 -24.54
C ASP E 326 16.93 26.82 -24.83
N LEU E 327 18.00 26.81 -24.03
CA LEU E 327 19.00 25.76 -24.16
C LEU E 327 18.40 24.38 -23.92
N GLU E 328 17.26 24.33 -23.22
CA GLU E 328 16.65 23.05 -22.90
C GLU E 328 16.20 22.28 -24.13
N ILE E 329 16.04 22.95 -25.27
CA ILE E 329 15.41 22.34 -26.43
C ILE E 329 16.27 22.47 -27.69
N THR E 330 17.22 23.40 -27.68
CA THR E 330 18.02 23.68 -28.88
C THR E 330 19.41 23.09 -28.82
N THR E 331 19.71 22.21 -27.87
CA THR E 331 21.07 21.73 -27.68
C THR E 331 21.06 20.26 -27.26
N HIS E 332 21.92 19.49 -27.91
CA HIS E 332 22.14 18.10 -27.53
C HIS E 332 22.57 18.02 -26.07
N SER E 333 21.79 17.30 -25.26
CA SER E 333 21.98 17.28 -23.83
C SER E 333 22.30 15.86 -23.36
N PHE E 334 22.98 15.76 -22.23
CA PHE E 334 23.21 14.48 -21.57
C PHE E 334 23.80 14.75 -20.20
N ASN E 335 24.16 13.67 -19.49
CA ASN E 335 24.52 13.75 -18.09
C ASN E 335 25.80 12.97 -17.79
N CYS E 336 26.83 13.18 -18.59
CA CYS E 336 28.09 12.46 -18.41
C CYS E 336 28.74 12.81 -17.08
N GLY E 337 29.16 11.79 -16.35
CA GLY E 337 29.96 11.98 -15.14
C GLY E 337 29.24 12.67 -14.01
N GLY E 338 27.93 12.80 -14.09
CA GLY E 338 27.15 13.42 -13.03
C GLY E 338 26.96 14.91 -13.16
N GLU E 339 27.43 15.53 -14.24
CA GLU E 339 27.21 16.95 -14.49
C GLU E 339 26.62 17.09 -15.89
N PHE E 340 25.54 17.86 -15.99
CA PHE E 340 24.78 17.93 -17.23
C PHE E 340 25.46 18.85 -18.24
N PHE E 341 25.61 18.37 -19.46
CA PHE E 341 26.13 19.19 -20.55
C PHE E 341 24.98 19.82 -21.32
N TYR E 342 25.31 20.78 -22.17
CA TYR E 342 24.35 21.36 -23.12
C TYR E 342 25.16 21.84 -24.32
N CYS E 343 25.20 21.02 -25.37
CA CYS E 343 26.13 21.19 -26.47
C CYS E 343 25.43 21.90 -27.63
N ASN E 344 26.16 22.79 -28.30
CA ASN E 344 25.67 23.40 -29.53
C ASN E 344 26.01 22.51 -30.70
N THR E 345 25.00 22.10 -31.47
CA THR E 345 25.18 21.20 -32.60
C THR E 345 24.91 21.88 -33.93
N SER E 346 25.21 23.17 -34.06
CA SER E 346 25.01 23.84 -35.35
C SER E 346 26.05 23.41 -36.37
N SER E 347 27.28 23.11 -35.92
CA SER E 347 28.34 22.77 -36.85
C SER E 347 28.19 21.37 -37.43
N LEU E 348 27.29 20.55 -36.88
CA LEU E 348 27.12 19.17 -37.34
C LEU E 348 25.98 18.99 -38.32
N PHE E 349 25.09 19.98 -38.45
CA PHE E 349 23.88 19.84 -39.26
C PHE E 349 23.73 21.02 -40.20
N ASN E 350 24.81 21.35 -40.92
CA ASN E 350 24.77 22.35 -41.97
C ASN E 350 25.14 21.78 -43.33
N ARG E 351 25.52 20.51 -43.41
CA ARG E 351 25.82 19.90 -44.69
C ARG E 351 24.56 19.78 -45.54
N THR E 352 24.75 19.83 -46.85
CA THR E 352 23.64 19.74 -47.79
C THR E 352 24.02 18.78 -48.91
N TYR E 353 23.01 18.18 -49.53
CA TYR E 353 23.21 17.16 -50.55
C TYR E 353 22.35 17.47 -51.76
N MET E 354 22.88 17.17 -52.95
CA MET E 354 22.20 17.47 -54.20
C MET E 354 21.55 16.21 -54.77
N ALA E 355 20.73 16.42 -55.79
CA ALA E 355 20.13 15.30 -56.52
C ALA E 355 21.17 14.64 -57.41
N ASN E 356 20.96 13.37 -57.71
CA ASN E 356 21.89 12.61 -58.54
C ASN E 356 23.27 12.58 -57.90
N ASN E 361 40.54 7.00 -39.40
CA ASN E 361 39.42 7.81 -38.94
C ASN E 361 39.87 8.85 -37.90
N SER E 362 41.12 8.75 -37.46
CA SER E 362 41.69 9.70 -36.50
C SER E 362 42.29 10.89 -37.23
N THR E 363 41.41 11.72 -37.79
CA THR E 363 41.84 12.88 -38.54
C THR E 363 40.68 13.86 -38.65
N ARG E 364 41.02 15.15 -38.67
CA ARG E 364 40.05 16.24 -38.87
C ARG E 364 38.91 16.21 -37.86
N THR E 365 39.22 15.96 -36.60
CA THR E 365 38.18 15.88 -35.57
C THR E 365 37.40 17.18 -35.49
N ILE E 366 36.07 17.05 -35.38
CA ILE E 366 35.21 18.22 -35.19
C ILE E 366 35.13 18.55 -33.70
N THR E 367 34.93 19.83 -33.40
CA THR E 367 34.77 20.29 -32.03
C THR E 367 33.51 21.14 -31.91
N ILE E 368 32.78 20.95 -30.82
CA ILE E 368 31.61 21.75 -30.49
C ILE E 368 31.68 22.13 -29.02
N HIS E 369 31.43 23.40 -28.72
CA HIS E 369 31.58 23.94 -27.38
C HIS E 369 30.27 23.81 -26.63
N CYS E 370 30.32 23.15 -25.47
CA CYS E 370 29.14 22.80 -24.70
C CYS E 370 29.09 23.62 -23.41
N ARG E 371 27.96 24.26 -23.17
CA ARG E 371 27.70 24.86 -21.87
C ARG E 371 27.58 23.77 -20.82
N ILE E 372 27.53 24.19 -19.56
CA ILE E 372 27.25 23.31 -18.44
C ILE E 372 26.25 24.01 -17.53
N LYS E 373 25.46 23.23 -16.81
CA LYS E 373 24.36 23.78 -16.02
C LYS E 373 24.16 22.90 -14.80
N GLN E 374 23.77 23.52 -13.68
CA GLN E 374 23.57 22.81 -12.42
C GLN E 374 22.11 22.66 -12.05
N ILE E 375 21.35 23.75 -12.00
CA ILE E 375 19.95 23.71 -11.60
C ILE E 375 19.14 23.26 -12.81
N ILE E 376 18.74 22.00 -12.83
CA ILE E 376 18.07 21.38 -13.97
C ILE E 376 16.57 21.43 -13.74
N ASN E 377 15.84 22.01 -14.69
CA ASN E 377 14.39 21.88 -14.74
C ASN E 377 14.04 20.58 -15.45
N MET E 378 14.33 19.47 -14.76
CA MET E 378 14.36 18.15 -15.38
C MET E 378 13.23 17.97 -16.38
N TRP E 379 13.58 17.48 -17.57
CA TRP E 379 12.59 17.21 -18.60
C TRP E 379 11.41 16.42 -18.06
N GLN E 380 11.63 15.60 -17.02
CA GLN E 380 10.58 14.71 -16.53
C GLN E 380 9.42 15.46 -15.90
N GLU E 381 9.60 16.73 -15.54
CA GLU E 381 8.57 17.45 -14.80
C GLU E 381 8.65 18.94 -15.11
N VAL E 382 7.54 19.63 -14.90
CA VAL E 382 7.47 21.08 -15.00
C VAL E 382 6.82 21.61 -13.72
N GLY E 383 7.39 22.67 -13.17
CA GLY E 383 6.99 23.18 -11.88
C GLY E 383 7.84 22.69 -10.73
N ARG E 384 8.93 21.97 -11.01
CA ARG E 384 9.88 21.55 -9.99
C ARG E 384 11.24 21.45 -10.65
N ALA E 385 12.29 21.47 -9.83
CA ALA E 385 13.65 21.48 -10.35
C ALA E 385 14.53 20.60 -9.49
N MET E 386 15.82 20.64 -9.78
CA MET E 386 16.82 19.84 -9.09
C MET E 386 18.15 20.57 -9.14
N TYR E 387 19.04 20.25 -8.22
CA TYR E 387 20.38 20.83 -8.17
C TYR E 387 21.39 19.70 -8.22
N ALA E 388 22.32 19.77 -9.17
CA ALA E 388 23.33 18.73 -9.32
C ALA E 388 24.62 19.17 -8.64
N PRO E 389 25.04 18.53 -7.55
CA PRO E 389 26.22 19.03 -6.84
C PRO E 389 27.46 18.96 -7.71
N PRO E 390 28.41 19.87 -7.53
CA PRO E 390 29.60 19.86 -8.38
C PRO E 390 30.44 18.60 -8.18
N ILE E 391 31.10 18.18 -9.24
CA ILE E 391 31.92 16.96 -9.25
C ILE E 391 33.38 17.38 -9.33
N ALA E 392 34.18 16.90 -8.38
CA ALA E 392 35.60 17.22 -8.36
C ALA E 392 36.33 16.50 -9.49
N GLY E 393 37.48 17.06 -9.86
CA GLY E 393 38.30 16.49 -10.91
C GLY E 393 37.66 16.64 -12.28
N ASN E 394 38.51 16.60 -13.30
CA ASN E 394 38.06 16.69 -14.68
C ASN E 394 37.36 15.39 -15.08
N ILE E 395 36.35 15.52 -15.93
CA ILE E 395 35.46 14.41 -16.29
C ILE E 395 35.61 14.16 -17.78
N THR E 396 35.85 12.90 -18.15
CA THR E 396 35.90 12.48 -19.54
C THR E 396 34.82 11.44 -19.79
N CYS E 397 34.25 11.48 -20.99
CA CYS E 397 33.09 10.65 -21.31
C CYS E 397 33.23 10.15 -22.74
N ILE E 398 32.86 8.88 -22.95
CA ILE E 398 32.87 8.26 -24.27
C ILE E 398 31.55 7.52 -24.43
N SER E 399 30.91 7.70 -25.59
CA SER E 399 29.62 7.09 -25.84
C SER E 399 29.45 6.93 -27.35
N ASN E 400 28.49 6.09 -27.72
CA ASN E 400 28.27 5.71 -29.12
C ASN E 400 26.93 6.27 -29.60
N ILE E 401 26.98 7.24 -30.51
CA ILE E 401 25.76 7.71 -31.15
C ILE E 401 25.17 6.57 -31.95
N THR E 402 23.85 6.35 -31.80
CA THR E 402 23.15 5.35 -32.58
C THR E 402 21.78 5.81 -33.07
N GLY E 403 21.57 7.09 -33.31
CA GLY E 403 20.29 7.55 -33.82
C GLY E 403 20.24 9.05 -33.88
N LEU E 404 19.26 9.55 -34.63
CA LEU E 404 18.99 10.98 -34.73
C LEU E 404 17.50 11.23 -34.60
N LEU E 405 17.14 12.20 -33.77
CA LEU E 405 15.74 12.60 -33.59
C LEU E 405 15.45 13.82 -34.46
N LEU E 406 15.52 13.61 -35.77
CA LEU E 406 15.31 14.71 -36.70
C LEU E 406 13.86 15.20 -36.64
N THR E 407 13.60 16.27 -37.39
CA THR E 407 12.25 16.78 -37.61
C THR E 407 12.31 17.79 -38.75
N ARG E 408 11.32 17.75 -39.62
CA ARG E 408 11.36 18.51 -40.87
C ARG E 408 10.71 19.88 -40.69
N CYS E 409 11.37 20.90 -41.23
CA CYS E 409 10.90 22.28 -41.15
C CYS E 409 10.30 22.69 -42.48
N TYR E 410 9.66 23.86 -42.49
CA TYR E 410 9.02 24.39 -43.69
C TYR E 410 9.91 25.48 -44.30
N GLY E 411 10.88 25.04 -45.10
CA GLY E 411 11.73 25.98 -45.80
C GLY E 411 11.01 26.60 -46.99
N LYS E 412 11.40 27.82 -47.33
CA LYS E 412 10.78 28.51 -48.45
C LYS E 412 11.06 27.79 -49.77
N ASN E 413 12.27 27.28 -49.95
CA ASN E 413 12.63 26.59 -51.19
C ASN E 413 11.83 25.30 -51.34
N ASN E 414 11.88 24.73 -52.54
CA ASN E 414 11.11 23.54 -52.87
C ASN E 414 11.77 22.25 -52.39
N THR E 415 13.00 22.32 -51.89
CA THR E 415 13.72 21.12 -51.43
C THR E 415 13.47 20.89 -49.95
N GLU E 416 13.90 19.71 -49.49
CA GLU E 416 13.52 19.22 -48.17
C GLU E 416 14.32 19.86 -47.05
N CYS E 417 13.80 19.76 -45.84
CA CYS E 417 14.42 20.31 -44.64
C CYS E 417 14.36 19.31 -43.50
N PHE E 418 15.45 19.21 -42.74
CA PHE E 418 15.51 18.37 -41.55
C PHE E 418 16.53 18.96 -40.58
N ARG E 419 16.05 19.25 -39.37
CA ARG E 419 16.88 19.83 -38.32
C ARG E 419 16.77 18.97 -37.08
N PRO E 420 17.83 18.87 -36.28
CA PRO E 420 17.73 18.11 -35.02
C PRO E 420 16.69 18.71 -34.09
N GLY E 421 16.38 17.95 -33.04
CA GLY E 421 15.45 18.40 -32.03
C GLY E 421 14.12 17.68 -32.06
N GLY E 422 13.92 16.76 -31.12
CA GLY E 422 12.65 16.06 -31.03
C GLY E 422 11.59 16.91 -30.36
N GLY E 423 10.33 16.51 -30.58
CA GLY E 423 9.21 17.22 -29.99
C GLY E 423 8.79 16.71 -28.63
N ASN E 424 9.22 15.51 -28.25
CA ASN E 424 8.86 14.94 -26.96
C ASN E 424 9.96 13.98 -26.52
N MET E 425 9.97 13.66 -25.24
CA MET E 425 11.04 12.82 -24.70
C MET E 425 10.71 11.34 -24.81
N LYS E 426 9.48 10.99 -25.17
CA LYS E 426 9.12 9.58 -25.28
C LYS E 426 9.87 8.89 -26.41
N ASP E 427 10.29 9.65 -27.43
CA ASP E 427 10.99 9.05 -28.56
C ASP E 427 12.32 8.44 -28.15
N ASN E 428 12.87 8.82 -26.99
CA ASN E 428 14.12 8.22 -26.54
C ASN E 428 13.94 6.73 -26.27
N TRP E 429 12.81 6.35 -25.67
CA TRP E 429 12.55 4.96 -25.33
C TRP E 429 11.73 4.24 -26.39
N ARG E 430 11.14 4.97 -27.34
CA ARG E 430 10.44 4.34 -28.44
C ARG E 430 11.39 3.85 -29.53
N SER E 431 12.69 4.07 -29.35
CA SER E 431 13.69 3.48 -30.24
C SER E 431 14.21 2.14 -29.74
N GLU E 432 13.72 1.66 -28.59
CA GLU E 432 14.07 0.37 -28.05
C GLU E 432 12.87 -0.57 -27.96
N LEU E 433 11.68 -0.03 -27.71
CA LEU E 433 10.48 -0.84 -27.58
C LEU E 433 9.61 -0.74 -28.82
N TYR E 434 10.25 -0.64 -29.99
CA TYR E 434 9.52 -0.70 -31.26
C TYR E 434 9.35 -2.13 -31.74
N LYS E 435 10.09 -3.08 -31.15
CA LYS E 435 9.91 -4.49 -31.49
C LYS E 435 8.71 -5.09 -30.77
N TYR E 436 8.62 -4.88 -29.46
CA TYR E 436 7.82 -5.71 -28.58
C TYR E 436 6.33 -5.40 -28.68
N LYS E 437 5.54 -6.35 -28.20
CA LYS E 437 4.10 -6.19 -28.01
C LYS E 437 3.69 -7.08 -26.85
N VAL E 438 2.58 -6.71 -26.19
CA VAL E 438 2.08 -7.43 -25.04
C VAL E 438 0.66 -7.89 -25.33
N VAL E 439 0.39 -9.17 -25.08
CA VAL E 439 -0.90 -9.77 -25.38
C VAL E 439 -1.35 -10.60 -24.18
N LYS E 440 -2.66 -10.83 -24.10
CA LYS E 440 -3.25 -11.66 -23.06
C LYS E 440 -3.71 -12.97 -23.68
N ILE E 441 -3.28 -14.08 -23.09
CA ILE E 441 -3.66 -15.40 -23.59
C ILE E 441 -5.08 -15.72 -23.14
N GLU E 442 -5.85 -16.36 -24.03
CA GLU E 442 -7.22 -16.77 -23.76
C GLU E 442 -7.29 -18.28 -24.02
N PRO E 443 -6.88 -19.10 -23.05
CA PRO E 443 -6.64 -20.51 -23.32
C PRO E 443 -7.89 -21.38 -23.31
N LEU E 444 -9.09 -20.81 -23.39
CA LEU E 444 -10.32 -21.58 -23.40
C LEU E 444 -10.95 -21.46 -24.78
N GLY E 445 -11.23 -22.60 -25.41
CA GLY E 445 -11.81 -22.62 -26.73
C GLY E 445 -12.87 -23.69 -26.85
N VAL E 446 -13.65 -23.60 -27.92
CA VAL E 446 -14.70 -24.56 -28.22
C VAL E 446 -14.65 -24.89 -29.70
N ALA E 447 -14.81 -26.17 -30.03
CA ALA E 447 -14.78 -26.64 -31.41
C ALA E 447 -15.66 -27.88 -31.50
N PRO E 448 -16.15 -28.21 -32.70
CA PRO E 448 -16.95 -29.42 -32.86
C PRO E 448 -16.08 -30.63 -33.14
N THR E 449 -16.61 -31.80 -32.77
CA THR E 449 -15.93 -33.06 -33.02
C THR E 449 -16.97 -34.18 -33.07
N ARG E 450 -16.50 -35.40 -33.32
CA ARG E 450 -17.39 -36.53 -33.57
C ARG E 450 -17.73 -37.29 -32.30
N CYS E 451 -17.72 -36.59 -31.16
CA CYS E 451 -17.87 -37.22 -29.85
C CYS E 451 -19.05 -36.63 -29.08
N LYS E 452 -19.68 -37.48 -28.26
CA LYS E 452 -20.61 -37.05 -27.23
C LYS E 452 -20.23 -37.76 -25.93
N ARG E 453 -20.52 -37.11 -24.81
CA ARG E 453 -20.08 -37.61 -23.52
C ARG E 453 -20.82 -38.89 -23.14
N ARG E 454 -20.20 -39.67 -22.25
CA ARG E 454 -20.81 -40.90 -21.78
C ARG E 454 -22.00 -40.59 -20.86
N VAL E 455 -22.89 -41.57 -20.73
CA VAL E 455 -24.12 -41.37 -19.96
C VAL E 455 -23.98 -41.83 -18.51
N VAL E 456 -23.12 -42.82 -18.26
CA VAL E 456 -22.98 -43.36 -16.91
C VAL E 456 -22.57 -42.26 -15.93
N VAL F 1 11.15 -31.44 -18.14
CA VAL F 1 11.92 -30.40 -18.89
C VAL F 1 10.96 -29.37 -19.47
N PHE F 2 11.29 -28.09 -19.30
CA PHE F 2 10.44 -27.03 -19.83
C PHE F 2 10.44 -27.09 -21.35
N LEU F 3 9.25 -27.18 -21.94
CA LEU F 3 9.11 -27.31 -23.39
C LEU F 3 8.88 -25.95 -24.03
N GLY F 4 9.44 -24.90 -23.45
CA GLY F 4 9.18 -23.58 -23.97
C GLY F 4 7.78 -23.13 -23.61
N PHE F 5 7.14 -22.41 -24.53
CA PHE F 5 5.83 -21.84 -24.26
C PHE F 5 5.24 -21.32 -25.55
N LEU F 6 3.94 -21.53 -25.73
CA LEU F 6 3.17 -20.95 -26.82
C LEU F 6 3.73 -21.29 -28.20
N GLY F 7 4.61 -22.29 -28.29
CA GLY F 7 5.26 -22.62 -29.55
C GLY F 7 4.35 -23.28 -30.56
N ALA F 8 3.22 -23.84 -30.11
CA ALA F 8 2.30 -24.51 -31.01
C ALA F 8 1.39 -23.54 -31.75
N ALA F 9 1.43 -22.25 -31.41
CA ALA F 9 0.60 -21.28 -32.12
C ALA F 9 1.01 -21.21 -33.59
N GLY F 10 0.02 -21.05 -34.45
CA GLY F 10 0.26 -21.04 -35.88
C GLY F 10 0.27 -22.40 -36.54
N SER F 11 0.33 -23.48 -35.77
CA SER F 11 0.25 -24.82 -36.32
C SER F 11 -1.21 -25.28 -36.38
N THR F 12 -1.44 -26.35 -37.15
CA THR F 12 -2.79 -26.86 -37.31
C THR F 12 -3.35 -27.30 -35.96
N MET F 13 -4.66 -27.11 -35.79
CA MET F 13 -5.30 -27.41 -34.52
C MET F 13 -5.05 -28.86 -34.10
N GLY F 14 -4.94 -29.76 -35.08
CA GLY F 14 -4.70 -31.16 -34.74
C GLY F 14 -3.41 -31.36 -33.99
N ALA F 15 -2.33 -30.71 -34.45
CA ALA F 15 -1.03 -30.88 -33.80
C ALA F 15 -0.95 -30.10 -32.50
N ALA F 16 -1.59 -28.94 -32.44
CA ALA F 16 -1.47 -28.09 -31.26
C ALA F 16 -2.19 -28.69 -30.05
N SER F 17 -3.12 -29.62 -30.27
CA SER F 17 -3.89 -30.19 -29.18
C SER F 17 -3.07 -31.16 -28.33
N MET F 18 -1.86 -31.52 -28.75
CA MET F 18 -1.01 -32.43 -28.00
C MET F 18 -0.01 -31.71 -27.11
N THR F 19 0.02 -30.38 -27.14
CA THR F 19 0.87 -29.59 -26.26
C THR F 19 0.08 -28.68 -25.32
N LEU F 20 -1.16 -29.05 -24.99
CA LEU F 20 -1.99 -28.17 -24.18
C LEU F 20 -1.38 -27.91 -22.82
N THR F 21 -0.63 -28.86 -22.27
CA THR F 21 -0.11 -28.71 -20.92
C THR F 21 1.01 -27.69 -20.83
N VAL F 22 1.59 -27.30 -21.97
CA VAL F 22 2.59 -26.23 -21.96
C VAL F 22 1.94 -24.88 -21.68
N GLN F 23 0.80 -24.60 -22.34
CA GLN F 23 0.08 -23.36 -22.09
C GLN F 23 -0.68 -23.38 -20.78
N ALA F 24 -1.09 -24.57 -20.32
CA ALA F 24 -1.82 -24.65 -19.06
C ALA F 24 -0.92 -24.39 -17.86
N ARG F 25 0.34 -24.79 -17.93
CA ARG F 25 1.27 -24.61 -16.83
C ARG F 25 1.43 -23.14 -16.48
N VAL F 53 9.69 -6.97 -7.16
CA VAL F 53 8.59 -6.62 -6.27
C VAL F 53 8.54 -5.11 -6.05
N TRP F 54 8.00 -4.39 -7.03
CA TRP F 54 7.84 -2.94 -6.92
C TRP F 54 6.51 -2.66 -6.21
N GLY F 55 6.36 -3.28 -5.04
CA GLY F 55 5.24 -3.00 -4.15
C GLY F 55 3.86 -3.32 -4.72
N ILE F 56 3.00 -2.30 -4.64
CA ILE F 56 1.57 -2.50 -4.89
C ILE F 56 1.31 -2.86 -6.35
N LYS F 57 2.09 -2.28 -7.28
CA LYS F 57 1.90 -2.61 -8.69
C LYS F 57 2.15 -4.10 -8.94
N GLN F 58 3.25 -4.62 -8.41
CA GLN F 58 3.57 -6.03 -8.57
C GLN F 58 2.53 -6.91 -7.87
N LEU F 59 2.08 -6.50 -6.69
CA LEU F 59 1.05 -7.29 -6.00
C LEU F 59 -0.24 -7.31 -6.80
N GLN F 60 -0.60 -6.19 -7.43
CA GLN F 60 -1.79 -6.16 -8.28
C GLN F 60 -1.62 -7.09 -9.47
N ALA F 61 -0.41 -7.13 -10.05
CA ALA F 61 -0.17 -8.09 -11.13
C ALA F 61 -0.36 -9.53 -10.65
N ARG F 62 0.14 -9.84 -9.46
CA ARG F 62 0.00 -11.20 -8.92
C ARG F 62 -1.47 -11.56 -8.74
N VAL F 63 -2.24 -10.65 -8.13
CA VAL F 63 -3.65 -10.93 -7.92
C VAL F 63 -4.38 -11.05 -9.25
N LEU F 64 -3.99 -10.25 -10.25
CA LEU F 64 -4.57 -10.39 -11.58
C LEU F 64 -4.35 -11.80 -12.12
N ALA F 65 -3.12 -12.29 -12.02
CA ALA F 65 -2.84 -13.64 -12.51
C ALA F 65 -3.69 -14.67 -11.78
N VAL F 66 -3.75 -14.58 -10.45
CA VAL F 66 -4.48 -15.58 -9.67
C VAL F 66 -5.95 -15.59 -10.07
N GLU F 67 -6.57 -14.40 -10.14
CA GLU F 67 -8.01 -14.35 -10.39
C GLU F 67 -8.33 -14.71 -11.84
N ARG F 68 -7.46 -14.35 -12.79
CA ARG F 68 -7.71 -14.71 -14.18
C ARG F 68 -7.57 -16.21 -14.38
N TYR F 69 -6.71 -16.88 -13.61
CA TYR F 69 -6.67 -18.34 -13.68
C TYR F 69 -7.90 -18.95 -13.03
N LEU F 70 -8.30 -18.44 -11.86
CA LEU F 70 -9.42 -19.03 -11.13
C LEU F 70 -10.72 -18.88 -11.91
N ARG F 71 -10.89 -17.78 -12.64
CA ARG F 71 -12.10 -17.61 -13.42
C ARG F 71 -12.24 -18.71 -14.47
N ASP F 72 -11.18 -18.91 -15.27
CA ASP F 72 -11.23 -19.93 -16.31
C ASP F 72 -11.27 -21.33 -15.72
N GLN F 73 -10.78 -21.51 -14.50
CA GLN F 73 -10.81 -22.85 -13.90
C GLN F 73 -12.16 -23.15 -13.27
N GLN F 74 -12.88 -22.13 -12.81
CA GLN F 74 -14.24 -22.34 -12.33
C GLN F 74 -15.20 -22.50 -13.50
N LEU F 75 -14.97 -21.77 -14.59
CA LEU F 75 -15.87 -21.86 -15.73
C LEU F 75 -15.86 -23.25 -16.36
N LEU F 76 -14.87 -24.09 -16.03
CA LEU F 76 -14.86 -25.46 -16.54
C LEU F 76 -15.62 -26.40 -15.62
N GLY F 77 -15.64 -26.13 -14.31
CA GLY F 77 -16.37 -26.99 -13.40
C GLY F 77 -17.87 -26.96 -13.64
N ILE F 78 -18.39 -25.79 -14.02
CA ILE F 78 -19.82 -25.66 -14.28
C ILE F 78 -20.27 -26.53 -15.44
N TRP F 79 -19.35 -26.89 -16.35
CA TRP F 79 -19.67 -27.68 -17.52
C TRP F 79 -19.41 -29.16 -17.32
N GLY F 80 -18.95 -29.57 -16.14
CA GLY F 80 -18.63 -30.96 -15.89
C GLY F 80 -17.19 -31.35 -16.22
N CYS F 81 -16.47 -30.52 -16.97
CA CYS F 81 -15.07 -30.79 -17.27
C CYS F 81 -14.19 -30.26 -16.14
N SER F 82 -14.30 -30.86 -14.96
CA SER F 82 -13.66 -30.30 -13.78
C SER F 82 -12.15 -30.22 -13.90
N GLY F 83 -11.50 -31.26 -14.41
CA GLY F 83 -10.06 -31.31 -14.43
C GLY F 83 -9.47 -31.83 -15.72
N LYS F 84 -10.17 -31.63 -16.83
CA LYS F 84 -9.78 -32.15 -18.13
C LYS F 84 -9.35 -31.02 -19.06
N LEU F 85 -8.18 -31.17 -19.68
CA LEU F 85 -7.78 -30.23 -20.71
C LEU F 85 -8.64 -30.38 -21.95
N ILE F 86 -8.87 -31.61 -22.40
CA ILE F 86 -9.75 -31.91 -23.52
C ILE F 86 -10.99 -32.59 -22.97
N CYS F 87 -12.17 -32.03 -23.28
CA CYS F 87 -13.41 -32.50 -22.67
C CYS F 87 -14.47 -32.57 -23.77
N CYS F 88 -15.19 -33.69 -23.79
CA CYS F 88 -16.29 -33.90 -24.73
C CYS F 88 -17.61 -33.86 -23.97
N THR F 89 -18.58 -33.13 -24.51
CA THR F 89 -19.77 -32.76 -23.75
C THR F 89 -21.01 -32.88 -24.61
N ASN F 90 -22.18 -32.77 -23.96
CA ASN F 90 -23.48 -33.02 -24.58
C ASN F 90 -24.16 -31.70 -24.97
N VAL F 91 -23.80 -31.20 -26.15
CA VAL F 91 -24.47 -30.06 -26.74
C VAL F 91 -24.33 -30.14 -28.26
N PRO F 92 -25.37 -30.57 -28.99
CA PRO F 92 -25.20 -30.77 -30.43
C PRO F 92 -24.89 -29.47 -31.16
N TRP F 93 -24.14 -29.61 -32.25
CA TRP F 93 -23.75 -28.48 -33.07
C TRP F 93 -24.81 -28.20 -34.13
N ASN F 94 -24.82 -26.96 -34.61
CA ASN F 94 -25.69 -26.58 -35.72
C ASN F 94 -24.99 -25.50 -36.53
N SER F 95 -25.39 -25.39 -37.80
CA SER F 95 -24.72 -24.49 -38.75
C SER F 95 -24.98 -23.02 -38.46
N SER F 96 -25.91 -22.65 -37.59
CA SER F 96 -26.04 -21.23 -37.23
C SER F 96 -24.72 -20.66 -36.73
N TRP F 97 -23.95 -21.47 -36.01
CA TRP F 97 -22.60 -21.10 -35.60
C TRP F 97 -21.64 -21.36 -36.76
N SER F 98 -20.34 -21.31 -36.49
CA SER F 98 -19.36 -21.56 -37.54
C SER F 98 -19.59 -22.94 -38.16
N ASN F 99 -19.47 -23.00 -39.48
CA ASN F 99 -19.76 -24.22 -40.22
C ASN F 99 -18.65 -24.48 -41.24
N ARG F 100 -17.98 -25.62 -41.09
CA ARG F 100 -16.99 -26.07 -42.06
C ARG F 100 -17.05 -27.58 -42.11
N ASN F 101 -16.45 -28.14 -43.16
CA ASN F 101 -16.22 -29.58 -43.20
C ASN F 101 -15.04 -29.91 -42.29
N LEU F 102 -15.27 -29.94 -40.98
CA LEU F 102 -14.18 -30.02 -40.03
C LEU F 102 -13.70 -31.46 -39.84
N SER F 103 -13.45 -32.15 -40.95
CA SER F 103 -12.61 -33.33 -40.97
C SER F 103 -11.46 -33.04 -41.92
N GLU F 104 -11.74 -32.24 -42.95
CA GLU F 104 -10.69 -31.73 -43.83
C GLU F 104 -10.21 -30.36 -43.37
N ILE F 105 -11.04 -29.65 -42.61
CA ILE F 105 -10.73 -28.29 -42.17
C ILE F 105 -10.48 -28.28 -40.67
N TRP F 106 -10.48 -29.45 -40.04
CA TRP F 106 -10.00 -29.54 -38.66
C TRP F 106 -8.54 -29.14 -38.60
N ASP F 107 -7.71 -29.78 -39.41
CA ASP F 107 -6.41 -29.23 -39.78
C ASP F 107 -6.63 -28.33 -41.01
N ASN F 108 -5.58 -27.65 -41.45
CA ASN F 108 -5.69 -26.61 -42.48
C ASN F 108 -6.29 -25.35 -41.88
N MET F 109 -6.71 -25.42 -40.61
CA MET F 109 -7.13 -24.24 -39.88
C MET F 109 -6.24 -24.08 -38.65
N THR F 110 -6.01 -22.82 -38.26
CA THR F 110 -5.11 -22.52 -37.17
C THR F 110 -5.87 -21.78 -36.07
N TRP F 111 -5.46 -22.03 -34.82
CA TRP F 111 -6.29 -21.65 -33.68
C TRP F 111 -6.73 -20.19 -33.75
N LEU F 112 -5.80 -19.28 -34.09
CA LEU F 112 -6.14 -17.86 -34.12
C LEU F 112 -7.24 -17.58 -35.13
N GLN F 113 -7.11 -18.15 -36.34
CA GLN F 113 -8.15 -17.99 -37.33
C GLN F 113 -9.46 -18.60 -36.86
N TRP F 114 -9.39 -19.73 -36.16
CA TRP F 114 -10.59 -20.37 -35.67
C TRP F 114 -11.32 -19.47 -34.67
N ASP F 115 -10.57 -18.85 -33.75
CA ASP F 115 -11.20 -17.94 -32.80
C ASP F 115 -11.76 -16.72 -33.52
N LYS F 116 -11.05 -16.22 -34.52
CA LYS F 116 -11.60 -15.13 -35.33
C LYS F 116 -12.85 -15.56 -36.08
N GLU F 117 -13.06 -16.88 -36.22
CA GLU F 117 -14.23 -17.38 -36.92
C GLU F 117 -15.41 -17.59 -35.97
N ILE F 118 -15.17 -18.26 -34.83
CA ILE F 118 -16.27 -18.71 -33.98
C ILE F 118 -16.51 -17.80 -32.78
N SER F 119 -15.75 -16.71 -32.63
CA SER F 119 -15.92 -15.85 -31.48
C SER F 119 -17.30 -15.21 -31.41
N ASN F 120 -18.11 -15.33 -32.47
CA ASN F 120 -19.42 -14.68 -32.49
C ASN F 120 -20.43 -15.39 -31.60
N TYR F 121 -20.19 -16.65 -31.22
CA TYR F 121 -21.24 -17.47 -30.63
C TYR F 121 -20.88 -18.16 -29.31
N THR F 122 -19.73 -17.86 -28.71
CA THR F 122 -19.36 -18.53 -27.46
C THR F 122 -20.34 -18.20 -26.33
N GLN F 123 -20.76 -16.93 -26.25
CA GLN F 123 -21.69 -16.54 -25.21
C GLN F 123 -22.98 -17.34 -25.26
N ILE F 124 -23.31 -17.90 -26.42
CA ILE F 124 -24.47 -18.76 -26.54
C ILE F 124 -24.14 -20.18 -26.07
N ILE F 125 -22.96 -20.68 -26.46
CA ILE F 125 -22.58 -22.05 -26.16
C ILE F 125 -22.48 -22.27 -24.66
N TYR F 126 -22.03 -21.25 -23.92
CA TYR F 126 -21.83 -21.42 -22.50
C TYR F 126 -23.12 -21.76 -21.77
N GLY F 127 -24.22 -21.10 -22.11
CA GLY F 127 -25.49 -21.40 -21.46
C GLY F 127 -25.95 -22.82 -21.73
N LEU F 128 -25.81 -23.27 -22.99
CA LEU F 128 -26.16 -24.64 -23.33
C LEU F 128 -25.36 -25.63 -22.49
N LEU F 129 -24.06 -25.40 -22.37
CA LEU F 129 -23.23 -26.30 -21.59
C LEU F 129 -23.65 -26.31 -20.12
N GLU F 130 -23.96 -25.13 -19.57
CA GLU F 130 -24.39 -25.05 -18.19
C GLU F 130 -25.67 -25.86 -17.96
N GLU F 131 -26.66 -25.67 -18.82
CA GLU F 131 -27.91 -26.41 -18.67
C GLU F 131 -27.68 -27.91 -18.80
N SER F 132 -26.83 -28.31 -19.75
CA SER F 132 -26.54 -29.73 -19.91
C SER F 132 -25.91 -30.32 -18.65
N GLN F 133 -24.98 -29.59 -18.02
CA GLN F 133 -24.36 -30.11 -16.80
C GLN F 133 -25.37 -30.21 -15.67
N ASN F 134 -26.26 -29.20 -15.55
CA ASN F 134 -27.30 -29.28 -14.53
C ASN F 134 -28.17 -30.51 -14.73
N GLN F 135 -28.51 -30.81 -15.99
CA GLN F 135 -29.31 -31.99 -16.26
C GLN F 135 -28.62 -33.25 -15.75
N GLN F 136 -27.33 -33.40 -16.03
CA GLN F 136 -26.61 -34.60 -15.62
C GLN F 136 -26.57 -34.72 -14.10
N GLU F 137 -26.28 -33.62 -13.41
CA GLU F 137 -26.19 -33.69 -11.96
C GLU F 137 -27.54 -34.04 -11.35
N LYS F 138 -28.62 -33.44 -11.84
CA LYS F 138 -29.95 -33.77 -11.32
C LYS F 138 -30.29 -35.22 -11.60
N ASN F 139 -29.95 -35.72 -12.79
CA ASN F 139 -30.23 -37.11 -13.12
C ASN F 139 -29.49 -38.06 -12.21
N GLU F 140 -28.20 -37.78 -11.93
CA GLU F 140 -27.45 -38.62 -11.03
C GLU F 140 -28.04 -38.60 -9.63
N GLN F 141 -28.46 -37.41 -9.16
CA GLN F 141 -29.05 -37.32 -7.84
C GLN F 141 -30.32 -38.16 -7.76
N ASP F 142 -31.16 -38.09 -8.79
CA ASP F 142 -32.42 -38.83 -8.77
C ASP F 142 -32.23 -40.33 -8.92
N LEU F 143 -31.35 -40.77 -9.82
CA LEU F 143 -31.19 -42.20 -10.08
C LEU F 143 -30.66 -42.94 -8.85
N LEU F 144 -29.67 -42.36 -8.16
CA LEU F 144 -29.09 -43.04 -7.01
C LEU F 144 -30.00 -43.02 -5.80
N ALA F 145 -31.14 -42.35 -5.86
CA ALA F 145 -32.14 -42.48 -4.81
C ALA F 145 -32.66 -43.91 -4.70
N LEU F 146 -32.53 -44.70 -5.76
CA LEU F 146 -32.93 -46.10 -5.75
C LEU F 146 -31.83 -47.03 -5.26
N ASP F 147 -30.65 -46.49 -4.95
CA ASP F 147 -29.53 -47.29 -4.48
C ASP F 147 -29.13 -46.87 -3.07
#